data_1YIR
#
_entry.id   1YIR
#
_cell.length_a   222.599
_cell.length_b   113.355
_cell.length_c   93.231
_cell.angle_alpha   90.00
_cell.angle_beta   104.07
_cell.angle_gamma   90.00
#
_symmetry.space_group_name_H-M   'C 1 2 1'
#
loop_
_entity.id
_entity.type
_entity.pdbx_description
1 polymer 'Nicotinate phosphoribosyltransferase 2'
2 non-polymer 'SULFATE ION'
3 water water
#
_entity_poly.entity_id   1
_entity_poly.type   'polypeptide(L)'
_entity_poly.pdbx_seq_one_letter_code
;MSLAESAFSERIVQNLLDTDFYKLTMMQAVLHNYPNAEVEWEFRCRNQEDLRLYLPAIREQLEYLAGLAISDEQLAFLER
IPFLAPDFIRFLGLFRFNPRYVQTGIENDEFFLRLKGPWLHVILFEVPLLAMISEVRNRARYPAATVEQARERLQEKFDW
LRREASAEELAGFKMADFGTRRRFSYRVHEAVVSGLKEDFPGCFVGTSNVHLARKLDLKPLGTMAHEWLMAHQQLGPRLI
DSQSAALDCWVREYRGLLGIALTDCITTDAFLRDFDLYFAKLFDGLRHDSGDPLLWAEKTIAHYLKLGIDPLTKTLVFSD
GLDLPRALKIYRALQGRINVSFGIGTHFTCDLPGVEPMNIVVKMSACNGHPVAKISDTPGKAQCRDPDFIHYLKHVFQVA
EGHHHHHH
;
_entity_poly.pdbx_strand_id   A,B,C,D
#
# COMPACT_ATOMS: atom_id res chain seq x y z
N LEU A 3 15.64 -6.14 -59.68
CA LEU A 3 14.66 -7.11 -60.26
C LEU A 3 13.99 -7.92 -59.16
N ALA A 4 14.60 -7.93 -57.98
CA ALA A 4 14.09 -8.67 -56.84
C ALA A 4 12.82 -8.03 -56.26
N GLU A 5 11.99 -8.83 -55.60
CA GLU A 5 10.76 -8.36 -55.00
C GLU A 5 11.08 -7.44 -53.81
N SER A 6 10.62 -6.19 -53.89
CA SER A 6 10.87 -5.24 -52.81
C SER A 6 10.29 -5.77 -51.50
N ALA A 7 10.97 -5.46 -50.41
CA ALA A 7 10.55 -5.91 -49.09
C ALA A 7 9.32 -5.16 -48.55
N PHE A 8 9.01 -4.03 -49.16
CA PHE A 8 7.87 -3.24 -48.70
C PHE A 8 6.65 -3.25 -49.63
N SER A 9 5.47 -3.39 -49.04
CA SER A 9 4.22 -3.39 -49.78
C SER A 9 3.65 -1.98 -49.81
N GLU A 10 2.45 -1.83 -50.34
CA GLU A 10 1.82 -0.51 -50.43
C GLU A 10 1.45 0.05 -49.05
N ARG A 11 0.83 -0.77 -48.22
CA ARG A 11 0.43 -0.35 -46.88
C ARG A 11 1.25 -1.03 -45.80
N ILE A 12 1.50 -0.31 -44.70
CA ILE A 12 2.27 -0.85 -43.59
C ILE A 12 1.35 -1.72 -42.72
N VAL A 13 0.37 -1.10 -42.07
CA VAL A 13 -0.59 -1.85 -41.27
C VAL A 13 -1.67 -2.20 -42.29
N GLN A 14 -1.87 -3.48 -42.55
CA GLN A 14 -2.85 -3.89 -43.55
C GLN A 14 -4.29 -3.50 -43.27
N ASN A 15 -4.80 -3.94 -42.13
CA ASN A 15 -6.18 -3.68 -41.76
C ASN A 15 -6.34 -3.81 -40.25
N LEU A 16 -7.58 -3.92 -39.78
CA LEU A 16 -7.84 -4.04 -38.35
C LEU A 16 -7.46 -5.41 -37.80
N LEU A 17 -7.26 -6.37 -38.70
CA LEU A 17 -6.88 -7.72 -38.31
C LEU A 17 -5.36 -7.88 -38.21
N ASP A 18 -4.62 -6.93 -38.77
CA ASP A 18 -3.15 -6.99 -38.75
C ASP A 18 -2.66 -6.63 -37.36
N THR A 19 -2.80 -7.58 -36.44
CA THR A 19 -2.40 -7.39 -35.05
C THR A 19 -2.33 -8.77 -34.41
N ASP A 20 -1.98 -8.82 -33.13
CA ASP A 20 -1.90 -10.10 -32.43
C ASP A 20 -3.27 -10.46 -31.86
N PHE A 21 -3.66 -11.71 -32.04
CA PHE A 21 -4.95 -12.22 -31.60
C PHE A 21 -5.30 -11.98 -30.12
N TYR A 22 -4.34 -12.16 -29.23
CA TYR A 22 -4.60 -11.99 -27.80
C TYR A 22 -4.95 -10.55 -27.43
N LYS A 23 -4.81 -9.65 -28.40
CA LYS A 23 -5.18 -8.25 -28.17
C LYS A 23 -6.70 -8.19 -28.27
N LEU A 24 -7.26 -8.99 -29.16
CA LEU A 24 -8.71 -9.05 -29.36
C LEU A 24 -9.39 -9.80 -28.20
N THR A 25 -8.88 -10.97 -27.85
CA THR A 25 -9.47 -11.74 -26.75
C THR A 25 -9.42 -10.92 -25.46
N MET A 26 -8.34 -10.18 -25.25
CA MET A 26 -8.21 -9.35 -24.07
C MET A 26 -9.18 -8.18 -24.16
N MET A 27 -9.29 -7.61 -25.35
CA MET A 27 -10.20 -6.48 -25.56
C MET A 27 -11.63 -6.88 -25.19
N GLN A 28 -12.01 -8.09 -25.57
CA GLN A 28 -13.35 -8.57 -25.23
C GLN A 28 -13.51 -8.67 -23.73
N ALA A 29 -12.47 -9.13 -23.05
CA ALA A 29 -12.51 -9.29 -21.60
C ALA A 29 -12.74 -7.93 -20.95
N VAL A 30 -12.16 -6.89 -21.55
CA VAL A 30 -12.30 -5.52 -21.04
C VAL A 30 -13.72 -5.01 -21.27
N LEU A 31 -14.27 -5.26 -22.45
CA LEU A 31 -15.63 -4.80 -22.76
C LEU A 31 -16.61 -5.37 -21.72
N HIS A 32 -16.49 -6.67 -21.48
CA HIS A 32 -17.38 -7.36 -20.55
C HIS A 32 -17.14 -7.14 -19.06
N ASN A 33 -15.90 -6.87 -18.67
CA ASN A 33 -15.58 -6.71 -17.24
C ASN A 33 -15.14 -5.32 -16.76
N TYR A 34 -14.40 -4.60 -17.58
CA TYR A 34 -13.93 -3.27 -17.16
C TYR A 34 -14.11 -2.29 -18.31
N PRO A 35 -15.33 -2.20 -18.85
CA PRO A 35 -15.66 -1.32 -19.97
C PRO A 35 -15.25 0.14 -19.84
N ASN A 36 -15.34 0.71 -18.64
CA ASN A 36 -15.00 2.11 -18.46
C ASN A 36 -13.65 2.38 -17.81
N ALA A 37 -12.77 1.39 -17.77
CA ALA A 37 -11.46 1.59 -17.17
C ALA A 37 -10.60 2.45 -18.09
N GLU A 38 -9.71 3.24 -17.49
CA GLU A 38 -8.82 4.10 -18.24
C GLU A 38 -7.39 3.65 -18.01
N VAL A 39 -6.56 3.82 -19.04
CA VAL A 39 -5.17 3.41 -18.93
C VAL A 39 -4.23 4.40 -19.63
N GLU A 40 -2.94 4.26 -19.35
CA GLU A 40 -1.93 5.10 -19.94
C GLU A 40 -0.77 4.23 -20.42
N TRP A 41 -0.25 4.58 -21.59
CA TRP A 41 0.86 3.83 -22.18
C TRP A 41 1.92 4.80 -22.66
N GLU A 42 3.15 4.30 -22.79
CA GLU A 42 4.21 5.14 -23.29
C GLU A 42 5.23 4.34 -24.08
N PHE A 43 5.50 4.83 -25.28
CA PHE A 43 6.45 4.24 -26.19
C PHE A 43 7.85 4.47 -25.63
N ARG A 44 8.76 3.55 -25.93
CA ARG A 44 10.13 3.68 -25.45
C ARG A 44 11.10 2.96 -26.38
N CYS A 45 12.18 3.65 -26.74
CA CYS A 45 13.22 3.09 -27.58
C CYS A 45 14.38 2.80 -26.64
N ARG A 46 14.68 1.53 -26.41
CA ARG A 46 15.75 1.17 -25.48
C ARG A 46 17.21 1.39 -25.89
N ASN A 47 17.47 1.68 -27.17
CA ASN A 47 18.84 1.92 -27.62
C ASN A 47 19.06 3.40 -27.80
N GLN A 48 18.02 4.19 -27.54
CA GLN A 48 18.12 5.63 -27.73
C GLN A 48 18.48 5.92 -29.19
N GLU A 49 17.91 5.14 -30.09
CA GLU A 49 18.14 5.34 -31.52
C GLU A 49 17.38 6.61 -31.88
N ASP A 50 18.00 7.50 -32.64
CA ASP A 50 17.37 8.76 -33.03
C ASP A 50 16.23 8.54 -34.00
N LEU A 51 15.00 8.61 -33.49
CA LEU A 51 13.81 8.41 -34.30
C LEU A 51 13.13 9.71 -34.70
N ARG A 52 13.74 10.84 -34.36
CA ARG A 52 13.18 12.15 -34.65
C ARG A 52 12.78 12.40 -36.10
N LEU A 53 13.51 11.85 -37.06
CA LEU A 53 13.20 12.07 -38.46
C LEU A 53 12.03 11.24 -38.97
N TYR A 54 11.51 10.35 -38.14
CA TYR A 54 10.40 9.51 -38.55
C TYR A 54 9.06 10.09 -38.12
N LEU A 55 9.11 11.11 -37.25
CA LEU A 55 7.89 11.73 -36.74
C LEU A 55 6.84 12.02 -37.82
N PRO A 56 7.24 12.69 -38.93
CA PRO A 56 6.29 13.01 -40.01
C PRO A 56 5.59 11.77 -40.56
N ALA A 57 6.37 10.77 -40.94
CA ALA A 57 5.82 9.53 -41.48
C ALA A 57 4.96 8.84 -40.44
N ILE A 58 5.41 8.83 -39.19
CA ILE A 58 4.66 8.20 -38.11
C ILE A 58 3.28 8.83 -38.02
N ARG A 59 3.23 10.16 -37.91
CA ARG A 59 1.96 10.87 -37.83
C ARG A 59 1.11 10.58 -39.05
N GLU A 60 1.77 10.42 -40.20
CA GLU A 60 1.06 10.14 -41.42
C GLU A 60 0.38 8.78 -41.27
N GLN A 61 1.09 7.81 -40.69
CA GLN A 61 0.52 6.49 -40.48
C GLN A 61 -0.60 6.53 -39.46
N LEU A 62 -0.50 7.47 -38.52
CA LEU A 62 -1.52 7.65 -37.49
C LEU A 62 -2.85 8.01 -38.15
N GLU A 63 -2.80 8.90 -39.15
CA GLU A 63 -4.01 9.30 -39.87
C GLU A 63 -4.59 8.07 -40.53
N TYR A 64 -3.72 7.28 -41.15
CA TYR A 64 -4.14 6.06 -41.82
C TYR A 64 -4.91 5.18 -40.84
N LEU A 65 -4.34 4.98 -39.65
CA LEU A 65 -4.98 4.15 -38.63
C LEU A 65 -6.39 4.64 -38.33
N ALA A 66 -6.54 5.95 -38.18
CA ALA A 66 -7.84 6.55 -37.89
C ALA A 66 -8.83 6.29 -39.03
N GLY A 67 -8.30 6.03 -40.23
CA GLY A 67 -9.17 5.79 -41.37
C GLY A 67 -9.69 4.36 -41.44
N LEU A 68 -9.02 3.44 -40.74
CA LEU A 68 -9.41 2.03 -40.76
C LEU A 68 -10.78 1.72 -40.17
N ALA A 69 -11.56 0.93 -40.90
CA ALA A 69 -12.87 0.46 -40.49
C ALA A 69 -12.85 -0.99 -40.94
N ILE A 70 -13.26 -1.89 -40.07
CA ILE A 70 -13.24 -3.31 -40.39
C ILE A 70 -14.20 -3.65 -41.53
N SER A 71 -13.74 -4.48 -42.47
CA SER A 71 -14.56 -4.87 -43.60
C SER A 71 -15.51 -5.97 -43.13
N ASP A 72 -16.58 -6.20 -43.90
CA ASP A 72 -17.53 -7.23 -43.53
C ASP A 72 -16.92 -8.63 -43.58
N GLU A 73 -16.02 -8.85 -44.53
CA GLU A 73 -15.38 -10.15 -44.67
C GLU A 73 -14.45 -10.39 -43.49
N GLN A 74 -13.77 -9.33 -43.06
CA GLN A 74 -12.85 -9.43 -41.93
C GLN A 74 -13.64 -9.76 -40.67
N LEU A 75 -14.67 -8.97 -40.40
CA LEU A 75 -15.51 -9.17 -39.21
C LEU A 75 -16.17 -10.54 -39.21
N ALA A 76 -16.58 -11.03 -40.38
CA ALA A 76 -17.21 -12.34 -40.48
C ALA A 76 -16.22 -13.44 -40.07
N PHE A 77 -14.96 -13.27 -40.45
CA PHE A 77 -13.92 -14.24 -40.11
C PHE A 77 -13.87 -14.36 -38.58
N LEU A 78 -13.87 -13.22 -37.90
CA LEU A 78 -13.84 -13.16 -36.45
C LEU A 78 -15.12 -13.73 -35.87
N GLU A 79 -16.24 -13.38 -36.48
CA GLU A 79 -17.54 -13.83 -36.02
C GLU A 79 -17.65 -15.35 -35.97
N ARG A 80 -16.94 -16.03 -36.87
CA ARG A 80 -16.97 -17.48 -36.89
C ARG A 80 -16.24 -18.12 -35.72
N ILE A 81 -15.49 -17.32 -34.96
CA ILE A 81 -14.78 -17.83 -33.79
C ILE A 81 -15.78 -17.87 -32.64
N PRO A 82 -16.17 -19.08 -32.22
CA PRO A 82 -17.14 -19.34 -31.15
C PRO A 82 -17.01 -18.61 -29.82
N PHE A 83 -15.80 -18.30 -29.37
CA PHE A 83 -15.67 -17.59 -28.10
C PHE A 83 -15.70 -16.07 -28.21
N LEU A 84 -15.97 -15.56 -29.41
CA LEU A 84 -16.08 -14.11 -29.60
C LEU A 84 -17.56 -13.81 -29.63
N ALA A 85 -18.04 -13.11 -28.60
CA ALA A 85 -19.46 -12.79 -28.46
C ALA A 85 -20.03 -11.72 -29.40
N PRO A 86 -21.33 -11.86 -29.76
CA PRO A 86 -21.99 -10.92 -30.66
C PRO A 86 -21.93 -9.45 -30.22
N ASP A 87 -21.95 -9.18 -28.92
CA ASP A 87 -21.87 -7.79 -28.49
C ASP A 87 -20.48 -7.28 -28.83
N PHE A 88 -19.47 -8.11 -28.65
CA PHE A 88 -18.09 -7.71 -28.95
C PHE A 88 -17.86 -7.56 -30.44
N ILE A 89 -18.45 -8.47 -31.22
CA ILE A 89 -18.33 -8.42 -32.68
C ILE A 89 -18.95 -7.11 -33.18
N ARG A 90 -20.11 -6.74 -32.63
CA ARG A 90 -20.75 -5.48 -33.05
C ARG A 90 -19.86 -4.30 -32.69
N PHE A 91 -19.24 -4.37 -31.50
CA PHE A 91 -18.35 -3.29 -31.07
C PHE A 91 -17.23 -3.13 -32.08
N LEU A 92 -16.64 -4.25 -32.49
CA LEU A 92 -15.54 -4.19 -33.46
C LEU A 92 -16.07 -3.64 -34.79
N GLY A 93 -17.31 -3.98 -35.12
CA GLY A 93 -17.90 -3.50 -36.36
C GLY A 93 -17.98 -1.98 -36.39
N LEU A 94 -18.15 -1.37 -35.22
CA LEU A 94 -18.26 0.09 -35.13
C LEU A 94 -16.96 0.78 -34.71
N PHE A 95 -15.96 0.01 -34.31
CA PHE A 95 -14.70 0.59 -33.83
C PHE A 95 -13.88 1.43 -34.81
N ARG A 96 -13.32 2.52 -34.29
CA ARG A 96 -12.48 3.43 -35.03
C ARG A 96 -11.43 3.94 -34.05
N PHE A 97 -10.18 3.98 -34.51
CA PHE A 97 -9.08 4.49 -33.70
C PHE A 97 -9.32 5.97 -33.47
N ASN A 98 -9.13 6.42 -32.24
CA ASN A 98 -9.32 7.82 -31.91
C ASN A 98 -7.97 8.51 -31.75
N PRO A 99 -7.56 9.31 -32.76
CA PRO A 99 -6.27 9.99 -32.67
C PRO A 99 -6.11 10.87 -31.44
N ARG A 100 -7.21 11.19 -30.79
CA ARG A 100 -7.14 12.03 -29.59
C ARG A 100 -6.54 11.30 -28.40
N TYR A 101 -6.43 9.97 -28.47
CA TYR A 101 -5.85 9.21 -27.37
C TYR A 101 -4.35 9.03 -27.57
N VAL A 102 -3.83 9.63 -28.64
CA VAL A 102 -2.41 9.52 -28.95
C VAL A 102 -1.72 10.87 -28.97
N GLN A 103 -0.53 10.92 -28.37
CA GLN A 103 0.26 12.14 -28.35
C GLN A 103 1.67 11.77 -28.80
N THR A 104 2.12 12.41 -29.86
CA THR A 104 3.44 12.12 -30.39
C THR A 104 4.14 13.43 -30.74
N GLY A 105 5.47 13.43 -30.64
CA GLY A 105 6.24 14.62 -30.93
C GLY A 105 7.69 14.45 -30.50
N ILE A 106 8.35 15.57 -30.22
CA ILE A 106 9.74 15.54 -29.79
C ILE A 106 9.96 16.39 -28.55
N GLU A 107 10.60 15.81 -27.55
CA GLU A 107 10.93 16.47 -26.29
C GLU A 107 12.34 16.02 -25.95
N ASN A 108 13.14 16.92 -25.37
CA ASN A 108 14.51 16.54 -25.02
C ASN A 108 15.25 16.03 -26.24
N ASP A 109 14.85 16.51 -27.42
CA ASP A 109 15.50 16.08 -28.66
C ASP A 109 15.38 14.57 -28.76
N GLU A 110 14.18 14.07 -28.47
CA GLU A 110 13.90 12.65 -28.50
C GLU A 110 12.44 12.44 -28.91
N PHE A 111 12.22 11.47 -29.79
CA PHE A 111 10.88 11.17 -30.25
C PHE A 111 10.09 10.59 -29.08
N PHE A 112 8.80 10.93 -29.00
CA PHE A 112 7.97 10.41 -27.93
C PHE A 112 6.57 10.12 -28.44
N LEU A 113 5.93 9.14 -27.81
CA LEU A 113 4.57 8.76 -28.14
C LEU A 113 3.91 8.22 -26.86
N ARG A 114 2.77 8.80 -26.52
CA ARG A 114 2.05 8.39 -25.33
C ARG A 114 0.58 8.12 -25.65
N LEU A 115 -0.03 7.23 -24.89
CA LEU A 115 -1.43 6.90 -25.07
C LEU A 115 -2.14 7.10 -23.75
N LYS A 116 -3.36 7.64 -23.82
CA LYS A 116 -4.18 7.86 -22.63
C LYS A 116 -5.63 7.84 -23.09
N GLY A 117 -6.43 6.97 -22.49
CA GLY A 117 -7.84 6.89 -22.88
C GLY A 117 -8.49 5.66 -22.30
N PRO A 118 -9.77 5.40 -22.61
CA PRO A 118 -10.44 4.22 -22.08
C PRO A 118 -9.67 2.97 -22.54
N TRP A 119 -9.41 2.08 -21.61
CA TRP A 119 -8.67 0.85 -21.90
C TRP A 119 -9.26 0.14 -23.11
N LEU A 120 -10.60 0.16 -23.21
CA LEU A 120 -11.31 -0.50 -24.31
C LEU A 120 -10.90 0.04 -25.70
N HIS A 121 -10.75 1.35 -25.79
CA HIS A 121 -10.42 2.02 -27.06
C HIS A 121 -8.95 2.19 -27.39
N VAL A 122 -8.08 2.01 -26.41
CA VAL A 122 -6.65 2.18 -26.63
C VAL A 122 -5.88 0.87 -26.81
N ILE A 123 -6.44 -0.22 -26.32
CA ILE A 123 -5.79 -1.53 -26.39
C ILE A 123 -5.32 -1.92 -27.79
N LEU A 124 -6.12 -1.60 -28.81
CA LEU A 124 -5.76 -1.95 -30.18
C LEU A 124 -4.59 -1.16 -30.80
N PHE A 125 -4.17 -0.08 -30.16
CA PHE A 125 -3.05 0.72 -30.68
C PHE A 125 -1.71 0.01 -30.60
N GLU A 126 -1.46 -0.63 -29.46
CA GLU A 126 -0.21 -1.31 -29.15
C GLU A 126 0.61 -1.99 -30.25
N VAL A 127 0.11 -3.10 -30.78
CA VAL A 127 0.85 -3.83 -31.79
C VAL A 127 1.07 -3.06 -33.09
N PRO A 128 -0.03 -2.58 -33.73
CA PRO A 128 0.11 -1.83 -34.98
C PRO A 128 1.12 -0.67 -34.89
N LEU A 129 1.11 0.05 -33.78
CA LEU A 129 2.04 1.16 -33.62
C LEU A 129 3.49 0.70 -33.71
N LEU A 130 3.80 -0.41 -33.03
CA LEU A 130 5.15 -0.97 -33.03
C LEU A 130 5.53 -1.46 -34.43
N ALA A 131 4.67 -2.28 -35.02
CA ALA A 131 4.94 -2.79 -36.36
C ALA A 131 5.09 -1.63 -37.34
N MET A 132 4.32 -0.58 -37.11
CA MET A 132 4.35 0.58 -37.99
C MET A 132 5.63 1.41 -37.85
N ILE A 133 6.02 1.68 -36.60
CA ILE A 133 7.24 2.46 -36.35
C ILE A 133 8.44 1.67 -36.86
N SER A 134 8.38 0.36 -36.68
CA SER A 134 9.45 -0.52 -37.13
C SER A 134 9.63 -0.39 -38.64
N GLU A 135 8.55 -0.60 -39.39
CA GLU A 135 8.60 -0.53 -40.83
C GLU A 135 8.89 0.87 -41.41
N VAL A 136 8.47 1.94 -40.74
CA VAL A 136 8.80 3.24 -41.31
C VAL A 136 10.30 3.45 -41.14
N ARG A 137 10.87 2.94 -40.04
CA ARG A 137 12.30 3.08 -39.82
C ARG A 137 13.06 2.30 -40.88
N ASN A 138 12.62 1.07 -41.10
CA ASN A 138 13.24 0.19 -42.07
C ASN A 138 13.10 0.69 -43.51
N ARG A 139 12.01 1.39 -43.79
CA ARG A 139 11.80 1.91 -45.13
C ARG A 139 12.77 3.06 -45.36
N ALA A 140 13.19 3.69 -44.26
CA ALA A 140 14.12 4.80 -44.34
C ALA A 140 15.57 4.31 -44.25
N ARG A 141 15.81 3.36 -43.35
CA ARG A 141 17.16 2.82 -43.14
C ARG A 141 17.60 1.83 -44.21
N TYR A 142 16.68 0.99 -44.69
CA TYR A 142 17.01 -0.02 -45.69
C TYR A 142 16.02 -0.08 -46.85
N PRO A 143 15.91 1.02 -47.62
CA PRO A 143 14.99 1.10 -48.77
C PRO A 143 15.19 0.06 -49.87
N ALA A 144 16.40 -0.48 -49.98
CA ALA A 144 16.69 -1.47 -51.02
C ALA A 144 16.41 -2.89 -50.55
N ALA A 145 16.09 -3.05 -49.27
CA ALA A 145 15.78 -4.36 -48.70
C ALA A 145 14.81 -5.13 -49.60
N THR A 146 14.99 -6.44 -49.68
CA THR A 146 14.13 -7.25 -50.53
C THR A 146 13.60 -8.49 -49.81
N VAL A 147 12.46 -8.98 -50.27
CA VAL A 147 11.86 -10.18 -49.68
C VAL A 147 12.87 -11.30 -49.86
N GLU A 148 13.48 -11.32 -51.04
CA GLU A 148 14.48 -12.33 -51.38
C GLU A 148 15.45 -12.56 -50.23
N GLN A 149 16.04 -11.49 -49.72
CA GLN A 149 17.01 -11.59 -48.64
C GLN A 149 16.40 -12.27 -47.41
N ALA A 150 15.11 -12.01 -47.18
CA ALA A 150 14.42 -12.62 -46.05
C ALA A 150 14.28 -14.12 -46.24
N ARG A 151 13.72 -14.53 -47.38
CA ARG A 151 13.55 -15.96 -47.65
C ARG A 151 14.89 -16.69 -47.54
N GLU A 152 15.96 -16.01 -47.93
CA GLU A 152 17.30 -16.59 -47.89
C GLU A 152 17.66 -17.07 -46.48
N ARG A 153 17.72 -16.12 -45.54
CA ARG A 153 18.07 -16.45 -44.17
C ARG A 153 17.09 -17.42 -43.55
N LEU A 154 15.86 -17.43 -44.05
CA LEU A 154 14.85 -18.34 -43.53
C LEU A 154 15.22 -19.76 -43.95
N GLN A 155 15.64 -19.89 -45.20
CA GLN A 155 16.03 -21.20 -45.74
C GLN A 155 17.26 -21.72 -45.00
N GLU A 156 18.20 -20.84 -44.70
CA GLU A 156 19.42 -21.24 -44.00
C GLU A 156 19.04 -21.87 -42.64
N LYS A 157 18.19 -21.18 -41.89
CA LYS A 157 17.76 -21.67 -40.59
C LYS A 157 16.94 -22.95 -40.69
N PHE A 158 16.14 -23.06 -41.74
CA PHE A 158 15.35 -24.27 -41.93
C PHE A 158 16.28 -25.44 -42.23
N ASP A 159 17.33 -25.20 -43.02
CA ASP A 159 18.28 -26.24 -43.35
C ASP A 159 19.00 -26.69 -42.07
N TRP A 160 19.42 -25.70 -41.27
CA TRP A 160 20.10 -25.99 -40.02
C TRP A 160 19.25 -26.94 -39.17
N LEU A 161 17.97 -26.61 -39.04
CA LEU A 161 17.06 -27.43 -38.25
C LEU A 161 16.98 -28.86 -38.78
N ARG A 162 16.81 -28.98 -40.09
CA ARG A 162 16.72 -30.30 -40.74
C ARG A 162 18.01 -31.08 -40.50
N ARG A 163 19.13 -30.38 -40.63
CA ARG A 163 20.44 -30.97 -40.46
C ARG A 163 20.88 -30.72 -39.02
N GLU A 164 20.11 -31.24 -38.07
CA GLU A 164 20.41 -31.08 -36.66
C GLU A 164 19.45 -31.89 -35.81
N ALA A 165 18.16 -31.83 -36.15
CA ALA A 165 17.14 -32.55 -35.43
C ALA A 165 16.64 -33.73 -36.25
N SER A 166 16.35 -34.84 -35.58
CA SER A 166 15.85 -36.01 -36.25
C SER A 166 14.41 -35.76 -36.65
N ALA A 167 13.89 -36.55 -37.57
CA ALA A 167 12.52 -36.40 -38.02
C ALA A 167 11.60 -36.70 -36.85
N GLU A 168 12.07 -37.55 -35.94
CA GLU A 168 11.30 -37.94 -34.76
C GLU A 168 11.14 -36.75 -33.81
N GLU A 169 12.20 -35.96 -33.67
CA GLU A 169 12.12 -34.79 -32.80
C GLU A 169 11.26 -33.73 -33.47
N LEU A 170 11.48 -33.54 -34.77
CA LEU A 170 10.75 -32.54 -35.53
C LEU A 170 9.25 -32.80 -35.55
N ALA A 171 8.84 -34.06 -35.39
CA ALA A 171 7.42 -34.39 -35.37
C ALA A 171 6.76 -33.87 -34.10
N GLY A 172 7.57 -33.49 -33.13
CA GLY A 172 7.04 -33.00 -31.87
C GLY A 172 7.45 -31.57 -31.56
N PHE A 173 8.25 -30.98 -32.43
CA PHE A 173 8.72 -29.61 -32.24
C PHE A 173 7.64 -28.63 -32.68
N LYS A 174 6.80 -28.20 -31.74
CA LYS A 174 5.71 -27.26 -32.03
C LYS A 174 6.15 -25.80 -32.05
N MET A 175 5.98 -25.15 -33.20
CA MET A 175 6.40 -23.76 -33.35
C MET A 175 5.31 -22.82 -33.85
N ALA A 176 5.31 -21.61 -33.31
CA ALA A 176 4.34 -20.61 -33.69
C ALA A 176 5.03 -19.28 -34.00
N ASP A 177 4.36 -18.44 -34.77
CA ASP A 177 4.87 -17.11 -35.10
C ASP A 177 4.21 -16.09 -34.18
N PHE A 178 5.02 -15.27 -33.51
CA PHE A 178 4.55 -14.23 -32.61
C PHE A 178 5.23 -12.92 -33.03
N GLY A 179 5.81 -12.90 -34.22
CA GLY A 179 6.56 -11.72 -34.66
C GLY A 179 5.95 -10.51 -35.33
N THR A 180 4.74 -10.12 -34.97
CA THR A 180 4.10 -8.96 -35.59
C THR A 180 4.74 -7.62 -35.22
N ARG A 181 4.84 -7.37 -33.92
CA ARG A 181 5.35 -6.10 -33.40
C ARG A 181 6.67 -5.54 -33.88
N ARG A 182 7.68 -6.37 -34.11
CA ARG A 182 8.96 -5.83 -34.55
C ARG A 182 9.40 -6.36 -35.90
N ARG A 183 8.44 -6.80 -36.69
CA ARG A 183 8.71 -7.33 -38.01
C ARG A 183 9.47 -6.29 -38.82
N PHE A 184 10.22 -6.75 -39.81
CA PHE A 184 10.97 -5.85 -40.67
C PHE A 184 9.95 -5.02 -41.45
N SER A 185 8.95 -5.71 -42.00
CA SER A 185 7.89 -5.06 -42.77
C SER A 185 6.74 -6.05 -42.86
N TYR A 186 5.57 -5.58 -43.28
CA TYR A 186 4.44 -6.49 -43.41
C TYR A 186 4.74 -7.56 -44.44
N ARG A 187 5.23 -7.16 -45.60
CA ARG A 187 5.53 -8.12 -46.67
C ARG A 187 6.48 -9.23 -46.21
N VAL A 188 7.55 -8.84 -45.52
CA VAL A 188 8.51 -9.84 -45.02
C VAL A 188 7.77 -10.80 -44.08
N HIS A 189 7.00 -10.23 -43.15
CA HIS A 189 6.25 -11.03 -42.19
C HIS A 189 5.37 -12.05 -42.92
N GLU A 190 4.63 -11.58 -43.92
CA GLU A 190 3.76 -12.47 -44.69
C GLU A 190 4.57 -13.59 -45.36
N ALA A 191 5.73 -13.23 -45.92
CA ALA A 191 6.59 -14.20 -46.60
C ALA A 191 7.12 -15.23 -45.60
N VAL A 192 7.61 -14.75 -44.46
CA VAL A 192 8.13 -15.64 -43.43
C VAL A 192 7.08 -16.65 -43.00
N VAL A 193 5.89 -16.15 -42.67
CA VAL A 193 4.82 -17.03 -42.22
C VAL A 193 4.38 -18.01 -43.30
N SER A 194 4.39 -17.58 -44.56
CA SER A 194 4.01 -18.50 -45.64
C SER A 194 5.11 -19.55 -45.71
N GLY A 195 6.36 -19.10 -45.57
CA GLY A 195 7.48 -20.03 -45.60
C GLY A 195 7.36 -21.06 -44.50
N LEU A 196 6.97 -20.62 -43.31
CA LEU A 196 6.80 -21.52 -42.18
C LEU A 196 5.71 -22.54 -42.50
N LYS A 197 4.56 -22.07 -42.94
CA LYS A 197 3.44 -22.95 -43.26
C LYS A 197 3.82 -24.01 -44.28
N GLU A 198 4.62 -23.62 -45.26
CA GLU A 198 5.00 -24.53 -46.33
C GLU A 198 6.26 -25.35 -46.08
N ASP A 199 7.31 -24.73 -45.54
CA ASP A 199 8.55 -25.47 -45.37
C ASP A 199 9.20 -25.54 -43.98
N PHE A 200 8.42 -25.46 -42.91
CA PHE A 200 9.00 -25.57 -41.57
C PHE A 200 9.27 -27.05 -41.24
N PRO A 201 10.53 -27.39 -40.97
CA PRO A 201 10.95 -28.76 -40.64
C PRO A 201 10.15 -29.39 -39.49
N GLY A 202 9.78 -28.56 -38.52
CA GLY A 202 9.02 -29.06 -37.38
C GLY A 202 7.52 -28.91 -37.63
N CYS A 203 6.75 -28.74 -36.57
CA CYS A 203 5.30 -28.57 -36.65
C CYS A 203 4.89 -27.12 -36.48
N PHE A 204 4.54 -26.45 -37.57
CA PHE A 204 4.11 -25.06 -37.48
C PHE A 204 2.66 -25.11 -36.99
N VAL A 205 2.40 -24.55 -35.81
CA VAL A 205 1.06 -24.60 -35.26
C VAL A 205 0.19 -23.38 -35.54
N GLY A 206 0.78 -22.28 -35.98
CA GLY A 206 -0.03 -21.11 -36.27
C GLY A 206 0.67 -19.78 -36.12
N THR A 207 -0.13 -18.72 -36.12
CA THR A 207 0.40 -17.38 -36.00
C THR A 207 -0.49 -16.55 -35.07
N SER A 208 0.10 -15.54 -34.46
CA SER A 208 -0.64 -14.67 -33.56
C SER A 208 -1.30 -13.57 -34.39
N ASN A 209 -0.80 -13.39 -35.62
CA ASN A 209 -1.33 -12.36 -36.50
C ASN A 209 -2.64 -12.83 -37.10
N VAL A 210 -3.72 -12.15 -36.72
CA VAL A 210 -5.04 -12.53 -37.20
C VAL A 210 -5.19 -12.44 -38.71
N HIS A 211 -4.70 -11.35 -39.29
CA HIS A 211 -4.79 -11.16 -40.74
C HIS A 211 -4.13 -12.32 -41.49
N LEU A 212 -2.92 -12.69 -41.08
CA LEU A 212 -2.22 -13.79 -41.75
C LEU A 212 -2.92 -15.11 -41.47
N ALA A 213 -3.55 -15.21 -40.31
CA ALA A 213 -4.26 -16.43 -39.95
C ALA A 213 -5.43 -16.60 -40.92
N ARG A 214 -6.08 -15.49 -41.26
CA ARG A 214 -7.19 -15.56 -42.20
C ARG A 214 -6.63 -15.76 -43.60
N LYS A 215 -5.71 -14.88 -43.99
CA LYS A 215 -5.06 -14.91 -45.30
C LYS A 215 -4.46 -16.27 -45.67
N LEU A 216 -3.69 -16.85 -44.75
CA LEU A 216 -3.04 -18.13 -45.00
C LEU A 216 -3.77 -19.35 -44.44
N ASP A 217 -4.94 -19.11 -43.85
CA ASP A 217 -5.73 -20.20 -43.29
C ASP A 217 -4.97 -20.94 -42.19
N LEU A 218 -4.52 -20.19 -41.19
CA LEU A 218 -3.79 -20.74 -40.06
C LEU A 218 -4.57 -20.45 -38.77
N LYS A 219 -4.31 -21.23 -37.74
CA LYS A 219 -4.99 -21.04 -36.46
C LYS A 219 -4.46 -19.78 -35.76
N PRO A 220 -5.36 -18.85 -35.38
CA PRO A 220 -4.87 -17.65 -34.70
C PRO A 220 -4.48 -18.04 -33.28
N LEU A 221 -3.31 -17.61 -32.82
CA LEU A 221 -2.84 -17.99 -31.49
C LEU A 221 -2.67 -16.81 -30.55
N GLY A 222 -2.79 -17.08 -29.24
CA GLY A 222 -2.64 -15.99 -28.29
C GLY A 222 -3.16 -16.28 -26.89
N THR A 223 -2.26 -16.18 -25.92
CA THR A 223 -2.59 -16.42 -24.51
C THR A 223 -3.17 -15.13 -23.89
N MET A 224 -2.53 -14.66 -22.84
CA MET A 224 -2.92 -13.44 -22.17
C MET A 224 -1.66 -12.60 -22.14
N ALA A 225 -1.80 -11.28 -21.96
CA ALA A 225 -0.64 -10.40 -21.93
C ALA A 225 -0.38 -9.85 -20.54
N HIS A 226 0.83 -9.34 -20.33
CA HIS A 226 1.19 -8.78 -19.03
C HIS A 226 0.19 -7.71 -18.65
N GLU A 227 -0.19 -6.94 -19.67
CA GLU A 227 -1.15 -5.84 -19.57
C GLU A 227 -2.34 -6.21 -18.68
N TRP A 228 -2.94 -7.35 -18.96
CA TRP A 228 -4.10 -7.83 -18.21
C TRP A 228 -3.77 -7.97 -16.72
N LEU A 229 -2.64 -8.59 -16.42
CA LEU A 229 -2.20 -8.79 -15.05
C LEU A 229 -1.83 -7.46 -14.38
N MET A 230 -1.15 -6.59 -15.12
CA MET A 230 -0.73 -5.28 -14.60
C MET A 230 -1.90 -4.36 -14.23
N ALA A 231 -2.90 -4.30 -15.10
CA ALA A 231 -4.06 -3.44 -14.87
C ALA A 231 -4.77 -3.76 -13.55
N HIS A 232 -4.89 -5.03 -13.22
CA HIS A 232 -5.56 -5.44 -11.99
C HIS A 232 -4.93 -4.88 -10.72
N GLN A 233 -3.73 -4.32 -10.86
CA GLN A 233 -3.05 -3.72 -9.72
C GLN A 233 -3.74 -2.42 -9.31
N GLN A 234 -4.64 -1.92 -10.14
CA GLN A 234 -5.36 -0.69 -9.81
C GLN A 234 -6.87 -0.77 -10.02
N LEU A 235 -7.33 -1.84 -10.67
CA LEU A 235 -8.76 -2.02 -10.94
C LEU A 235 -9.67 -2.28 -9.74
N GLY A 236 -9.12 -2.66 -8.59
CA GLY A 236 -10.00 -2.90 -7.46
C GLY A 236 -9.47 -3.70 -6.27
N PRO A 237 -8.84 -4.85 -6.49
CA PRO A 237 -8.34 -5.61 -5.33
C PRO A 237 -7.02 -5.13 -4.74
N ARG A 238 -6.71 -5.62 -3.54
CA ARG A 238 -5.45 -5.29 -2.89
C ARG A 238 -4.33 -5.64 -3.86
N LEU A 239 -3.22 -4.93 -3.76
CA LEU A 239 -2.07 -5.18 -4.63
C LEU A 239 -1.67 -6.66 -4.57
N ILE A 240 -1.58 -7.19 -3.35
CA ILE A 240 -1.18 -8.57 -3.13
C ILE A 240 -2.17 -9.59 -3.76
N ASP A 241 -3.41 -9.15 -4.03
CA ASP A 241 -4.39 -10.06 -4.65
C ASP A 241 -4.59 -9.80 -6.14
N SER A 242 -3.98 -8.73 -6.64
CA SER A 242 -4.13 -8.36 -8.05
C SER A 242 -3.87 -9.47 -9.07
N GLN A 243 -2.81 -10.24 -8.85
CA GLN A 243 -2.47 -11.31 -9.79
C GLN A 243 -3.52 -12.42 -9.80
N SER A 244 -3.97 -12.85 -8.63
CA SER A 244 -4.99 -13.88 -8.55
C SER A 244 -6.34 -13.36 -9.09
N ALA A 245 -6.61 -12.08 -8.88
CA ALA A 245 -7.86 -11.48 -9.36
C ALA A 245 -7.87 -11.45 -10.88
N ALA A 246 -6.72 -11.16 -11.48
CA ALA A 246 -6.60 -11.12 -12.93
C ALA A 246 -6.88 -12.49 -13.55
N LEU A 247 -6.33 -13.55 -12.94
CA LEU A 247 -6.52 -14.91 -13.43
C LEU A 247 -7.96 -15.32 -13.24
N ASP A 248 -8.53 -14.94 -12.11
CA ASP A 248 -9.91 -15.27 -11.78
C ASP A 248 -10.87 -14.67 -12.80
N CYS A 249 -10.63 -13.41 -13.17
CA CYS A 249 -11.50 -12.75 -14.14
C CYS A 249 -11.35 -13.42 -15.51
N TRP A 250 -10.12 -13.81 -15.86
CA TRP A 250 -9.89 -14.43 -17.15
C TRP A 250 -10.65 -15.75 -17.29
N VAL A 251 -10.54 -16.58 -16.27
CA VAL A 251 -11.18 -17.89 -16.27
C VAL A 251 -12.71 -17.73 -16.21
N ARG A 252 -13.18 -16.71 -15.51
CA ARG A 252 -14.61 -16.44 -15.42
C ARG A 252 -15.12 -15.93 -16.78
N GLU A 253 -14.26 -15.25 -17.52
CA GLU A 253 -14.65 -14.75 -18.84
C GLU A 253 -14.68 -15.87 -19.88
N TYR A 254 -13.60 -16.65 -19.93
CA TYR A 254 -13.48 -17.70 -20.92
C TYR A 254 -13.76 -19.14 -20.49
N ARG A 255 -14.23 -19.30 -19.26
CA ARG A 255 -14.60 -20.61 -18.73
C ARG A 255 -13.70 -21.79 -19.11
N GLY A 256 -12.38 -21.62 -19.05
CA GLY A 256 -11.51 -22.74 -19.38
C GLY A 256 -10.79 -22.66 -20.71
N LEU A 257 -11.26 -21.80 -21.61
CA LEU A 257 -10.62 -21.66 -22.92
C LEU A 257 -9.48 -20.64 -22.79
N LEU A 258 -8.58 -20.62 -23.76
CA LEU A 258 -7.44 -19.70 -23.74
C LEU A 258 -6.77 -19.79 -22.37
N GLY A 259 -6.53 -21.02 -21.92
CA GLY A 259 -5.94 -21.22 -20.61
C GLY A 259 -4.43 -21.31 -20.42
N ILE A 260 -3.68 -20.37 -20.98
CA ILE A 260 -2.23 -20.36 -20.78
C ILE A 260 -1.92 -19.06 -20.02
N ALA A 261 -1.39 -19.17 -18.81
CA ALA A 261 -1.09 -17.99 -18.00
C ALA A 261 0.39 -17.60 -17.94
N LEU A 262 0.65 -16.30 -17.89
CA LEU A 262 2.01 -15.77 -17.78
C LEU A 262 2.34 -15.82 -16.30
N THR A 263 3.59 -16.14 -15.97
CA THR A 263 3.98 -16.25 -14.56
C THR A 263 4.90 -15.13 -14.06
N ASP A 264 5.35 -14.26 -14.96
CA ASP A 264 6.31 -13.25 -14.52
C ASP A 264 5.90 -11.79 -14.41
N CYS A 265 4.62 -11.49 -14.32
CA CYS A 265 4.21 -10.09 -14.16
C CYS A 265 4.90 -9.55 -12.90
N ILE A 266 5.06 -10.43 -11.90
CA ILE A 266 5.73 -10.09 -10.65
C ILE A 266 7.01 -10.93 -10.72
N THR A 267 6.98 -12.14 -10.18
CA THR A 267 8.10 -13.07 -10.26
C THR A 267 7.47 -14.45 -10.30
N THR A 268 8.11 -15.39 -10.97
CA THR A 268 7.54 -16.73 -11.05
C THR A 268 7.33 -17.31 -9.64
N ASP A 269 8.26 -17.05 -8.71
CA ASP A 269 8.09 -17.56 -7.34
C ASP A 269 6.78 -17.05 -6.75
N ALA A 270 6.55 -15.75 -6.85
CA ALA A 270 5.33 -15.13 -6.31
C ALA A 270 4.07 -15.69 -7.00
N PHE A 271 4.14 -15.88 -8.30
CA PHE A 271 3.02 -16.42 -9.05
C PHE A 271 2.68 -17.83 -8.55
N LEU A 272 3.71 -18.65 -8.44
CA LEU A 272 3.56 -20.04 -8.00
C LEU A 272 2.99 -20.18 -6.60
N ARG A 273 3.33 -19.26 -5.71
CA ARG A 273 2.80 -19.35 -4.35
C ARG A 273 1.29 -19.19 -4.35
N ASP A 274 0.78 -18.45 -5.35
CA ASP A 274 -0.65 -18.22 -5.46
C ASP A 274 -1.36 -19.04 -6.53
N PHE A 275 -0.61 -19.88 -7.23
CA PHE A 275 -1.20 -20.71 -8.28
C PHE A 275 -1.69 -22.00 -7.63
N ASP A 276 -2.72 -21.87 -6.80
CA ASP A 276 -3.26 -23.03 -6.09
C ASP A 276 -3.98 -24.03 -6.98
N LEU A 277 -4.46 -25.10 -6.36
CA LEU A 277 -5.15 -26.18 -7.07
C LEU A 277 -6.26 -25.68 -8.00
N TYR A 278 -7.05 -24.73 -7.53
CA TYR A 278 -8.14 -24.16 -8.34
C TYR A 278 -7.59 -23.69 -9.69
N PHE A 279 -6.63 -22.77 -9.65
CA PHE A 279 -6.02 -22.25 -10.88
C PHE A 279 -5.26 -23.32 -11.67
N ALA A 280 -4.50 -24.15 -10.97
CA ALA A 280 -3.72 -25.20 -11.62
C ALA A 280 -4.57 -26.18 -12.43
N LYS A 281 -5.79 -26.45 -11.94
CA LYS A 281 -6.70 -27.37 -12.65
C LYS A 281 -7.33 -26.69 -13.86
N LEU A 282 -7.72 -25.43 -13.70
CA LEU A 282 -8.35 -24.68 -14.78
C LEU A 282 -7.43 -24.39 -15.96
N PHE A 283 -6.26 -23.82 -15.68
CA PHE A 283 -5.33 -23.49 -16.75
C PHE A 283 -4.64 -24.71 -17.37
N ASP A 284 -4.52 -24.72 -18.69
CA ASP A 284 -3.88 -25.83 -19.39
C ASP A 284 -2.37 -25.71 -19.33
N GLY A 285 -1.86 -24.54 -18.96
CA GLY A 285 -0.43 -24.39 -18.89
C GLY A 285 0.08 -22.99 -18.61
N LEU A 286 1.40 -22.82 -18.76
CA LEU A 286 2.03 -21.53 -18.49
C LEU A 286 2.99 -21.11 -19.59
N ARG A 287 3.28 -19.82 -19.65
CA ARG A 287 4.19 -19.28 -20.65
C ARG A 287 5.39 -18.61 -20.01
N HIS A 288 6.57 -18.95 -20.51
CA HIS A 288 7.82 -18.40 -20.02
C HIS A 288 8.17 -17.16 -20.84
N ASP A 289 8.49 -16.06 -20.16
CA ASP A 289 8.82 -14.83 -20.88
C ASP A 289 10.05 -14.09 -20.34
N SER A 290 10.70 -14.63 -19.31
CA SER A 290 11.88 -14.01 -18.74
C SER A 290 12.63 -14.95 -17.81
N GLY A 291 13.92 -14.68 -17.63
CA GLY A 291 14.74 -15.52 -16.77
C GLY A 291 15.15 -16.79 -17.50
N ASP A 292 15.91 -17.64 -16.83
CA ASP A 292 16.34 -18.88 -17.46
C ASP A 292 15.16 -19.81 -17.69
N PRO A 293 15.00 -20.30 -18.92
CA PRO A 293 13.89 -21.19 -19.28
C PRO A 293 13.87 -22.56 -18.58
N LEU A 294 15.05 -23.13 -18.34
CA LEU A 294 15.11 -24.45 -17.72
C LEU A 294 14.87 -24.42 -16.22
N LEU A 295 15.33 -23.37 -15.56
CA LEU A 295 15.12 -23.25 -14.12
C LEU A 295 13.63 -22.97 -13.95
N TRP A 296 13.08 -22.14 -14.83
CA TRP A 296 11.65 -21.80 -14.79
C TRP A 296 10.83 -23.08 -14.89
N ALA A 297 11.20 -23.96 -15.82
CA ALA A 297 10.49 -25.23 -16.00
C ALA A 297 10.55 -26.10 -14.74
N GLU A 298 11.70 -26.14 -14.08
CA GLU A 298 11.85 -26.93 -12.85
C GLU A 298 10.88 -26.45 -11.79
N LYS A 299 10.74 -25.13 -11.68
CA LYS A 299 9.85 -24.54 -10.70
C LYS A 299 8.38 -24.84 -11.04
N THR A 300 7.98 -24.65 -12.29
CA THR A 300 6.60 -24.92 -12.67
C THR A 300 6.29 -26.42 -12.53
N ILE A 301 7.18 -27.27 -13.03
CA ILE A 301 6.97 -28.71 -12.92
C ILE A 301 6.91 -29.17 -11.46
N ALA A 302 7.81 -28.64 -10.64
CA ALA A 302 7.83 -29.01 -9.22
C ALA A 302 6.53 -28.62 -8.55
N HIS A 303 6.00 -27.45 -8.89
CA HIS A 303 4.75 -26.97 -8.31
C HIS A 303 3.59 -27.89 -8.69
N TYR A 304 3.54 -28.31 -9.95
CA TYR A 304 2.47 -29.20 -10.37
C TYR A 304 2.52 -30.48 -9.54
N LEU A 305 3.73 -31.04 -9.38
CA LEU A 305 3.90 -32.26 -8.62
C LEU A 305 3.41 -32.14 -7.18
N LYS A 306 3.75 -31.06 -6.50
CA LYS A 306 3.30 -30.93 -5.13
C LYS A 306 1.78 -30.79 -5.03
N LEU A 307 1.15 -30.23 -6.05
CA LEU A 307 -0.30 -30.08 -6.05
C LEU A 307 -0.97 -31.41 -6.41
N GLY A 308 -0.16 -32.39 -6.84
CA GLY A 308 -0.70 -33.68 -7.20
C GLY A 308 -1.17 -33.73 -8.65
N ILE A 309 -0.68 -32.77 -9.44
CA ILE A 309 -1.03 -32.67 -10.84
C ILE A 309 0.03 -33.31 -11.74
N ASP A 310 -0.41 -34.16 -12.68
CA ASP A 310 0.47 -34.84 -13.61
C ASP A 310 0.97 -33.86 -14.66
N PRO A 311 2.26 -33.49 -14.60
CA PRO A 311 2.88 -32.55 -15.55
C PRO A 311 2.56 -32.85 -17.01
N LEU A 312 2.52 -34.12 -17.36
CA LEU A 312 2.26 -34.49 -18.75
C LEU A 312 0.86 -34.16 -19.23
N THR A 313 0.04 -33.57 -18.38
CA THR A 313 -1.31 -33.19 -18.80
C THR A 313 -1.34 -31.67 -18.98
N LYS A 314 -0.20 -31.03 -18.73
CA LYS A 314 -0.09 -29.58 -18.86
C LYS A 314 0.87 -29.17 -19.97
N THR A 315 0.89 -27.87 -20.28
CA THR A 315 1.75 -27.36 -21.33
C THR A 315 2.54 -26.12 -20.94
N LEU A 316 3.79 -26.08 -21.39
CA LEU A 316 4.65 -24.93 -21.13
C LEU A 316 4.98 -24.31 -22.48
N VAL A 317 4.74 -23.01 -22.59
CA VAL A 317 5.01 -22.27 -23.82
C VAL A 317 6.19 -21.32 -23.58
N PHE A 318 7.20 -21.43 -24.43
CA PHE A 318 8.40 -20.59 -24.31
C PHE A 318 8.40 -19.55 -25.44
N SER A 319 8.62 -18.29 -25.09
CA SER A 319 8.62 -17.24 -26.11
C SER A 319 9.48 -16.05 -25.72
N ASP A 320 10.57 -16.30 -25.02
CA ASP A 320 11.46 -15.21 -24.61
C ASP A 320 12.64 -15.01 -25.57
N GLY A 321 12.42 -14.22 -26.62
CA GLY A 321 13.46 -13.95 -27.58
C GLY A 321 14.16 -15.20 -28.09
N LEU A 322 13.37 -16.19 -28.46
CA LEU A 322 13.90 -17.45 -28.94
C LEU A 322 14.30 -17.43 -30.41
N ASP A 323 15.17 -18.37 -30.75
CA ASP A 323 15.63 -18.58 -32.11
C ASP A 323 15.51 -20.10 -32.21
N LEU A 324 15.72 -20.68 -33.39
CA LEU A 324 15.59 -22.12 -33.51
C LEU A 324 16.50 -22.93 -32.59
N PRO A 325 17.80 -22.55 -32.51
CA PRO A 325 18.71 -23.29 -31.64
C PRO A 325 18.27 -23.29 -30.18
N ARG A 326 18.09 -22.10 -29.61
CA ARG A 326 17.68 -22.00 -28.21
C ARG A 326 16.37 -22.73 -27.96
N ALA A 327 15.46 -22.67 -28.93
CA ALA A 327 14.16 -23.32 -28.78
C ALA A 327 14.32 -24.84 -28.82
N LEU A 328 15.20 -25.32 -29.68
CA LEU A 328 15.42 -26.76 -29.82
C LEU A 328 16.05 -27.32 -28.55
N LYS A 329 16.98 -26.57 -27.96
CA LYS A 329 17.64 -27.01 -26.74
C LYS A 329 16.62 -27.22 -25.62
N ILE A 330 15.68 -26.28 -25.50
CA ILE A 330 14.65 -26.39 -24.47
C ILE A 330 13.79 -27.63 -24.70
N TYR A 331 13.42 -27.84 -25.95
CA TYR A 331 12.60 -28.99 -26.31
C TYR A 331 13.28 -30.30 -25.96
N ARG A 332 14.55 -30.42 -26.33
CA ARG A 332 15.30 -31.63 -26.05
C ARG A 332 15.41 -31.85 -24.56
N ALA A 333 15.59 -30.76 -23.82
CA ALA A 333 15.71 -30.87 -22.38
C ALA A 333 14.43 -31.29 -21.67
N LEU A 334 13.30 -30.70 -22.06
CA LEU A 334 12.04 -30.98 -21.41
C LEU A 334 11.11 -32.00 -22.05
N GLN A 335 11.33 -32.33 -23.31
CA GLN A 335 10.46 -33.30 -23.98
C GLN A 335 10.38 -34.56 -23.11
N GLY A 336 9.18 -35.10 -22.93
CA GLY A 336 9.04 -36.28 -22.11
C GLY A 336 8.62 -36.02 -20.67
N ARG A 337 8.89 -34.82 -20.16
CA ARG A 337 8.53 -34.48 -18.78
C ARG A 337 7.24 -33.67 -18.73
N ILE A 338 7.02 -32.87 -19.76
CA ILE A 338 5.84 -32.01 -19.83
C ILE A 338 5.65 -31.52 -21.28
N ASN A 339 4.41 -31.27 -21.67
CA ASN A 339 4.16 -30.80 -23.03
C ASN A 339 4.76 -29.42 -23.19
N VAL A 340 5.40 -29.19 -24.33
CA VAL A 340 6.01 -27.89 -24.60
C VAL A 340 5.74 -27.46 -26.03
N SER A 341 5.67 -26.15 -26.24
CA SER A 341 5.45 -25.57 -27.56
C SER A 341 6.27 -24.30 -27.52
N PHE A 342 6.53 -23.72 -28.69
CA PHE A 342 7.36 -22.52 -28.73
C PHE A 342 6.83 -21.40 -29.61
N GLY A 343 7.29 -20.20 -29.32
CA GLY A 343 6.87 -19.04 -30.09
C GLY A 343 8.06 -18.17 -30.41
N ILE A 344 8.29 -17.92 -31.69
CA ILE A 344 9.42 -17.07 -32.09
C ILE A 344 8.89 -15.79 -32.71
N GLY A 345 9.48 -14.66 -32.30
CA GLY A 345 9.05 -13.39 -32.83
C GLY A 345 9.98 -12.75 -33.84
N THR A 346 10.71 -11.73 -33.44
CA THR A 346 11.58 -10.93 -34.29
C THR A 346 12.64 -11.80 -34.93
N HIS A 347 13.16 -12.85 -34.33
CA HIS A 347 14.20 -13.66 -34.95
C HIS A 347 13.68 -14.37 -36.19
N PHE A 348 12.38 -14.23 -36.44
CA PHE A 348 11.72 -14.84 -37.59
C PHE A 348 11.28 -13.77 -38.58
N THR A 349 10.59 -12.75 -38.06
CA THR A 349 10.04 -11.68 -38.86
C THR A 349 10.98 -10.50 -39.15
N CYS A 350 12.14 -10.46 -38.50
CA CYS A 350 13.08 -9.38 -38.76
C CYS A 350 14.51 -9.87 -38.73
N ASP A 351 14.83 -10.77 -39.66
CA ASP A 351 16.17 -11.32 -39.78
C ASP A 351 16.66 -11.06 -41.21
N LEU A 352 17.15 -9.85 -41.45
CA LEU A 352 17.66 -9.45 -42.76
C LEU A 352 19.16 -9.19 -42.65
N PRO A 353 19.94 -9.59 -43.68
CA PRO A 353 21.38 -9.37 -43.62
C PRO A 353 21.72 -7.90 -43.38
N GLY A 354 22.60 -7.65 -42.42
CA GLY A 354 23.01 -6.29 -42.11
C GLY A 354 21.98 -5.42 -41.40
N VAL A 355 20.82 -5.98 -41.08
CA VAL A 355 19.78 -5.20 -40.41
C VAL A 355 19.60 -5.60 -38.95
N GLU A 356 19.48 -4.60 -38.08
CA GLU A 356 19.28 -4.87 -36.66
C GLU A 356 17.88 -4.45 -36.26
N PRO A 357 17.09 -5.38 -35.71
CA PRO A 357 15.71 -5.07 -35.29
C PRO A 357 15.68 -3.87 -34.35
N MET A 358 14.57 -3.13 -34.39
CA MET A 358 14.44 -1.97 -33.51
C MET A 358 14.18 -2.50 -32.11
N ASN A 359 14.66 -1.77 -31.11
CA ASN A 359 14.45 -2.16 -29.73
C ASN A 359 13.44 -1.17 -29.17
N ILE A 360 12.18 -1.42 -29.47
CA ILE A 360 11.11 -0.54 -29.03
C ILE A 360 9.98 -1.28 -28.34
N VAL A 361 9.25 -0.54 -27.52
CA VAL A 361 8.13 -1.10 -26.78
C VAL A 361 7.12 -0.01 -26.45
N VAL A 362 5.88 -0.44 -26.21
CA VAL A 362 4.80 0.45 -25.82
C VAL A 362 4.27 -0.20 -24.55
N LYS A 363 4.78 0.24 -23.41
CA LYS A 363 4.39 -0.33 -22.13
C LYS A 363 3.32 0.43 -21.37
N MET A 364 2.45 -0.32 -20.70
CA MET A 364 1.39 0.27 -19.91
C MET A 364 2.06 0.90 -18.70
N SER A 365 1.68 2.14 -18.39
CA SER A 365 2.29 2.83 -17.27
C SER A 365 1.31 3.12 -16.13
N ALA A 366 0.02 3.15 -16.43
CA ALA A 366 -0.96 3.43 -15.39
C ALA A 366 -2.33 2.91 -15.75
N CYS A 367 -3.19 2.81 -14.73
CA CYS A 367 -4.56 2.36 -14.90
C CYS A 367 -5.38 3.16 -13.91
N ASN A 368 -6.43 3.79 -14.41
CA ASN A 368 -7.30 4.63 -13.60
C ASN A 368 -6.55 5.65 -12.74
N GLY A 369 -5.60 6.34 -13.38
CA GLY A 369 -4.83 7.37 -12.71
C GLY A 369 -3.77 6.92 -11.72
N HIS A 370 -3.44 5.64 -11.73
CA HIS A 370 -2.44 5.15 -10.80
C HIS A 370 -1.48 4.17 -11.44
N PRO A 371 -0.23 4.17 -10.96
CA PRO A 371 0.79 3.28 -11.51
C PRO A 371 0.54 1.78 -11.44
N VAL A 372 1.06 1.10 -12.45
CA VAL A 372 1.03 -0.36 -12.54
C VAL A 372 2.44 -0.68 -12.99
N ALA A 373 2.90 -1.90 -12.76
CA ALA A 373 4.26 -2.24 -13.16
C ALA A 373 4.45 -3.73 -13.34
N LYS A 374 5.53 -4.07 -14.04
CA LYS A 374 5.92 -5.45 -14.28
C LYS A 374 7.33 -5.56 -13.71
N ILE A 375 7.61 -6.66 -13.02
CA ILE A 375 8.94 -6.86 -12.46
C ILE A 375 9.69 -7.90 -13.30
N SER A 376 9.08 -9.07 -13.45
CA SER A 376 9.64 -10.17 -14.23
C SER A 376 10.82 -10.80 -13.49
N ASP A 377 11.28 -11.94 -14.02
CA ASP A 377 12.40 -12.65 -13.41
C ASP A 377 13.76 -12.15 -13.92
N THR A 378 13.74 -11.12 -14.76
CA THR A 378 14.96 -10.55 -15.32
C THR A 378 15.45 -9.36 -14.51
N PRO A 379 16.77 -9.16 -14.51
CA PRO A 379 17.39 -8.04 -13.78
C PRO A 379 17.27 -6.75 -14.58
N PRO A 387 9.23 4.59 -9.00
CA PRO A 387 8.77 5.32 -7.81
C PRO A 387 8.63 4.45 -6.55
N ASP A 388 7.83 4.93 -5.61
CA ASP A 388 7.60 4.21 -4.37
C ASP A 388 6.62 3.06 -4.62
N PHE A 389 5.87 3.12 -5.72
CA PHE A 389 4.91 2.07 -6.03
C PHE A 389 5.60 0.73 -6.20
N ILE A 390 6.67 0.72 -6.97
CA ILE A 390 7.43 -0.51 -7.22
C ILE A 390 8.02 -1.09 -5.93
N HIS A 391 8.36 -0.20 -5.00
CA HIS A 391 8.92 -0.63 -3.72
C HIS A 391 7.85 -1.37 -2.91
N TYR A 392 6.67 -0.77 -2.77
CA TYR A 392 5.60 -1.40 -2.02
C TYR A 392 5.13 -2.68 -2.72
N LEU A 393 5.12 -2.66 -4.05
CA LEU A 393 4.69 -3.83 -4.83
C LEU A 393 5.64 -4.99 -4.54
N LYS A 394 6.94 -4.73 -4.60
CA LYS A 394 7.93 -5.77 -4.34
C LYS A 394 7.77 -6.22 -2.90
N HIS A 395 7.53 -5.27 -2.00
CA HIS A 395 7.38 -5.61 -0.60
C HIS A 395 6.22 -6.56 -0.30
N VAL A 396 5.01 -6.23 -0.76
CA VAL A 396 3.89 -7.11 -0.48
C VAL A 396 4.05 -8.48 -1.13
N PHE A 397 4.74 -8.54 -2.26
CA PHE A 397 4.94 -9.82 -2.91
C PHE A 397 6.24 -10.46 -2.43
N GLN A 398 6.96 -9.75 -1.58
CA GLN A 398 8.22 -10.21 -1.04
C GLN A 398 9.22 -10.25 -2.19
N VAL A 399 9.43 -9.05 -2.74
CA VAL A 399 10.29 -8.71 -3.87
C VAL A 399 10.11 -9.54 -5.12
N LEU B 3 37.40 -28.70 -27.52
CA LEU B 3 38.75 -28.96 -26.92
C LEU B 3 39.20 -27.76 -26.08
N ALA B 4 39.74 -28.05 -24.89
CA ALA B 4 40.23 -27.01 -23.98
C ALA B 4 40.89 -27.68 -22.80
N GLU B 5 42.01 -27.12 -22.34
CA GLU B 5 42.72 -27.67 -21.19
C GLU B 5 42.50 -26.88 -19.91
N SER B 6 41.24 -26.85 -19.50
CA SER B 6 40.79 -26.17 -18.29
C SER B 6 40.62 -27.27 -17.24
N ALA B 7 40.20 -26.90 -16.04
CA ALA B 7 39.99 -27.86 -14.97
C ALA B 7 38.85 -28.84 -15.27
N PHE B 8 38.08 -28.55 -16.32
CA PHE B 8 36.95 -29.40 -16.66
C PHE B 8 37.14 -30.16 -17.97
N SER B 9 36.79 -31.45 -17.94
CA SER B 9 36.92 -32.30 -19.12
C SER B 9 35.55 -32.56 -19.72
N GLU B 10 35.52 -33.42 -20.73
CA GLU B 10 34.27 -33.79 -21.40
C GLU B 10 33.26 -34.43 -20.44
N ARG B 11 33.69 -35.51 -19.79
CA ARG B 11 32.87 -36.24 -18.84
C ARG B 11 33.18 -35.83 -17.40
N ILE B 12 32.20 -35.99 -16.52
CA ILE B 12 32.37 -35.66 -15.11
C ILE B 12 32.70 -36.97 -14.42
N VAL B 13 31.74 -37.90 -14.43
CA VAL B 13 31.98 -39.22 -13.85
C VAL B 13 32.55 -40.00 -15.04
N GLN B 14 33.78 -40.44 -14.92
CA GLN B 14 34.45 -41.13 -16.02
C GLN B 14 33.89 -42.47 -16.44
N ASN B 15 33.62 -43.33 -15.47
CA ASN B 15 33.10 -44.66 -15.76
C ASN B 15 32.64 -45.28 -14.44
N LEU B 16 32.30 -46.57 -14.48
CA LEU B 16 31.85 -47.25 -13.26
C LEU B 16 32.94 -47.38 -12.20
N LEU B 17 34.18 -47.14 -12.58
CA LEU B 17 35.30 -47.24 -11.65
C LEU B 17 35.57 -45.93 -10.95
N ASP B 18 35.00 -44.85 -11.48
CA ASP B 18 35.22 -43.53 -10.90
C ASP B 18 34.40 -43.39 -9.61
N THR B 19 34.88 -44.03 -8.56
CA THR B 19 34.22 -44.03 -7.26
C THR B 19 35.16 -44.58 -6.20
N ASP B 20 34.74 -44.56 -4.94
CA ASP B 20 35.60 -45.06 -3.89
C ASP B 20 35.53 -46.58 -3.71
N PHE B 21 36.71 -47.19 -3.66
CA PHE B 21 36.84 -48.64 -3.54
C PHE B 21 36.00 -49.28 -2.43
N TYR B 22 35.92 -48.64 -1.27
CA TYR B 22 35.16 -49.23 -0.18
C TYR B 22 33.67 -49.33 -0.49
N LYS B 23 33.22 -48.65 -1.54
CA LYS B 23 31.81 -48.73 -1.92
C LYS B 23 31.56 -50.06 -2.62
N LEU B 24 32.59 -50.54 -3.32
CA LEU B 24 32.51 -51.82 -4.03
C LEU B 24 32.63 -52.98 -3.05
N THR B 25 33.54 -52.88 -2.10
CA THR B 25 33.71 -53.96 -1.13
C THR B 25 32.46 -54.09 -0.28
N MET B 26 31.84 -52.97 0.06
CA MET B 26 30.61 -53.03 0.85
C MET B 26 29.48 -53.62 0.00
N MET B 27 29.44 -53.23 -1.26
CA MET B 27 28.42 -53.72 -2.19
C MET B 27 28.45 -55.24 -2.28
N GLN B 28 29.65 -55.81 -2.39
CA GLN B 28 29.76 -57.26 -2.47
C GLN B 28 29.22 -57.89 -1.18
N ALA B 29 29.54 -57.29 -0.05
CA ALA B 29 29.06 -57.79 1.23
C ALA B 29 27.52 -57.75 1.24
N VAL B 30 26.94 -56.69 0.67
CA VAL B 30 25.49 -56.56 0.60
C VAL B 30 24.89 -57.64 -0.31
N LEU B 31 25.50 -57.85 -1.47
CA LEU B 31 25.05 -58.88 -2.41
C LEU B 31 25.02 -60.24 -1.71
N HIS B 32 26.11 -60.55 -1.01
CA HIS B 32 26.22 -61.85 -0.33
C HIS B 32 25.43 -62.02 0.97
N ASN B 33 25.22 -60.94 1.70
CA ASN B 33 24.54 -61.03 2.99
C ASN B 33 23.15 -60.43 3.09
N TYR B 34 22.88 -59.34 2.36
CA TYR B 34 21.56 -58.74 2.43
C TYR B 34 21.11 -58.32 1.03
N PRO B 35 21.04 -59.28 0.09
CA PRO B 35 20.64 -58.99 -1.29
C PRO B 35 19.31 -58.28 -1.51
N ASN B 36 18.31 -58.55 -0.69
CA ASN B 36 17.02 -57.91 -0.87
C ASN B 36 16.73 -56.77 0.09
N ALA B 37 17.76 -56.29 0.78
CA ALA B 37 17.57 -55.17 1.71
C ALA B 37 17.22 -53.89 0.96
N GLU B 38 16.48 -53.01 1.61
CA GLU B 38 16.08 -51.74 1.03
C GLU B 38 16.61 -50.60 1.87
N VAL B 39 16.94 -49.48 1.23
CA VAL B 39 17.44 -48.31 1.95
C VAL B 39 16.98 -47.01 1.30
N GLU B 40 17.09 -45.92 2.06
CA GLU B 40 16.70 -44.60 1.59
C GLU B 40 17.78 -43.60 1.96
N TRP B 41 18.06 -42.67 1.05
CA TRP B 41 19.07 -41.65 1.25
C TRP B 41 18.53 -40.25 0.97
N GLU B 42 19.17 -39.26 1.57
CA GLU B 42 18.81 -37.88 1.37
C GLU B 42 20.08 -37.07 1.17
N PHE B 43 20.06 -36.21 0.16
CA PHE B 43 21.18 -35.34 -0.14
C PHE B 43 21.01 -34.14 0.78
N ARG B 44 22.12 -33.53 1.18
CA ARG B 44 22.03 -32.38 2.04
C ARG B 44 23.19 -31.42 1.86
N CYS B 45 22.86 -30.15 1.65
CA CYS B 45 23.85 -29.11 1.50
C CYS B 45 23.83 -28.36 2.83
N ARG B 46 24.91 -28.48 3.60
CA ARG B 46 24.99 -27.83 4.90
C ARG B 46 25.30 -26.34 4.77
N ASN B 47 25.62 -25.92 3.55
CA ASN B 47 25.98 -24.55 3.25
C ASN B 47 24.81 -23.63 3.00
N GLN B 48 23.68 -24.20 2.62
CA GLN B 48 22.50 -23.40 2.30
C GLN B 48 22.80 -22.68 0.99
N GLU B 49 23.79 -23.18 0.26
CA GLU B 49 24.16 -22.62 -1.04
C GLU B 49 23.02 -22.95 -2.00
N ASP B 50 22.60 -22.00 -2.82
CA ASP B 50 21.49 -22.24 -3.75
C ASP B 50 21.94 -23.10 -4.93
N LEU B 51 21.37 -24.30 -5.04
CA LEU B 51 21.73 -25.21 -6.12
C LEU B 51 20.63 -25.42 -7.17
N ARG B 52 19.48 -24.77 -6.99
CA ARG B 52 18.37 -24.93 -7.93
C ARG B 52 18.76 -24.75 -9.39
N LEU B 53 19.57 -23.73 -9.67
CA LEU B 53 19.99 -23.46 -11.04
C LEU B 53 20.81 -24.58 -11.67
N TYR B 54 21.23 -25.54 -10.86
CA TYR B 54 22.03 -26.63 -11.41
C TYR B 54 21.21 -27.85 -11.79
N LEU B 55 19.91 -27.81 -11.50
CA LEU B 55 19.04 -28.94 -11.80
C LEU B 55 19.13 -29.44 -13.24
N PRO B 56 19.04 -28.53 -14.22
CA PRO B 56 19.12 -28.97 -15.62
C PRO B 56 20.38 -29.80 -15.90
N ALA B 57 21.53 -29.26 -15.49
CA ALA B 57 22.81 -29.94 -15.70
C ALA B 57 22.87 -31.27 -14.95
N ILE B 58 22.32 -31.29 -13.74
CA ILE B 58 22.31 -32.49 -12.92
C ILE B 58 21.49 -33.59 -13.59
N ARG B 59 20.34 -33.23 -14.15
CA ARG B 59 19.51 -34.22 -14.83
C ARG B 59 20.24 -34.80 -16.04
N GLU B 60 20.96 -33.94 -16.75
CA GLU B 60 21.72 -34.40 -17.92
C GLU B 60 22.70 -35.46 -17.45
N GLN B 61 23.37 -35.20 -16.33
CA GLN B 61 24.34 -36.14 -15.78
C GLN B 61 23.65 -37.42 -15.33
N LEU B 62 22.45 -37.29 -14.80
CA LEU B 62 21.70 -38.46 -14.35
C LEU B 62 21.46 -39.38 -15.56
N GLU B 63 21.15 -38.80 -16.72
CA GLU B 63 20.94 -39.60 -17.93
C GLU B 63 22.24 -40.28 -18.31
N TYR B 64 23.34 -39.52 -18.22
CA TYR B 64 24.65 -40.07 -18.54
C TYR B 64 24.85 -41.29 -17.64
N LEU B 65 24.59 -41.13 -16.35
CA LEU B 65 24.75 -42.26 -15.42
C LEU B 65 23.94 -43.49 -15.84
N ALA B 66 22.73 -43.27 -16.33
CA ALA B 66 21.87 -44.37 -16.76
C ALA B 66 22.40 -45.10 -17.98
N GLY B 67 23.29 -44.44 -18.72
CA GLY B 67 23.86 -45.06 -19.91
C GLY B 67 25.17 -45.76 -19.65
N LEU B 68 25.69 -45.60 -18.44
CA LEU B 68 26.96 -46.20 -18.05
C LEU B 68 26.92 -47.73 -17.95
N ALA B 69 27.91 -48.38 -18.55
CA ALA B 69 28.04 -49.83 -18.54
C ALA B 69 29.53 -50.16 -18.48
N ILE B 70 29.94 -50.93 -17.48
CA ILE B 70 31.36 -51.26 -17.31
C ILE B 70 31.98 -51.96 -18.51
N SER B 71 33.19 -51.55 -18.88
CA SER B 71 33.90 -52.13 -20.02
C SER B 71 34.59 -53.42 -19.59
N ASP B 72 34.87 -54.30 -20.55
CA ASP B 72 35.53 -55.55 -20.24
C ASP B 72 36.86 -55.34 -19.51
N GLU B 73 37.62 -54.33 -19.96
CA GLU B 73 38.92 -54.04 -19.35
C GLU B 73 38.77 -53.52 -17.93
N GLN B 74 37.75 -52.71 -17.69
CA GLN B 74 37.53 -52.17 -16.34
C GLN B 74 37.14 -53.30 -15.40
N LEU B 75 36.24 -54.17 -15.86
CA LEU B 75 35.79 -55.29 -15.06
C LEU B 75 36.92 -56.28 -14.81
N ALA B 76 37.79 -56.46 -15.80
CA ALA B 76 38.90 -57.38 -15.69
C ALA B 76 39.87 -56.86 -14.62
N PHE B 77 39.97 -55.55 -14.50
CA PHE B 77 40.83 -54.95 -13.48
C PHE B 77 40.32 -55.41 -12.11
N LEU B 78 39.01 -55.37 -11.96
CA LEU B 78 38.35 -55.77 -10.72
C LEU B 78 38.50 -57.27 -10.49
N GLU B 79 38.31 -58.03 -11.56
CA GLU B 79 38.39 -59.48 -11.49
C GLU B 79 39.74 -59.97 -10.94
N ARG B 80 40.80 -59.20 -11.18
CA ARG B 80 42.13 -59.57 -10.71
C ARG B 80 42.34 -59.35 -9.21
N ILE B 81 41.44 -58.62 -8.56
CA ILE B 81 41.54 -58.41 -7.13
C ILE B 81 40.99 -59.70 -6.53
N PRO B 82 41.88 -60.50 -5.90
CA PRO B 82 41.52 -61.79 -5.29
C PRO B 82 40.30 -61.90 -4.39
N PHE B 83 39.98 -60.86 -3.62
CA PHE B 83 38.84 -60.97 -2.74
C PHE B 83 37.50 -60.48 -3.30
N LEU B 84 37.43 -60.26 -4.61
CA LEU B 84 36.17 -59.86 -5.24
C LEU B 84 35.71 -61.15 -5.94
N ALA B 85 34.59 -61.71 -5.46
CA ALA B 85 34.07 -62.97 -5.97
C ALA B 85 33.41 -62.94 -7.36
N PRO B 86 33.48 -64.07 -8.09
CA PRO B 86 32.92 -64.19 -9.43
C PRO B 86 31.44 -63.81 -9.58
N ASP B 87 30.61 -64.18 -8.60
CA ASP B 87 29.20 -63.84 -8.70
C ASP B 87 29.07 -62.32 -8.63
N PHE B 88 29.94 -61.68 -7.85
CA PHE B 88 29.92 -60.23 -7.74
C PHE B 88 30.41 -59.58 -9.02
N ILE B 89 31.47 -60.13 -9.58
CA ILE B 89 32.05 -59.60 -10.83
C ILE B 89 30.99 -59.63 -11.94
N ARG B 90 30.26 -60.73 -12.05
CA ARG B 90 29.22 -60.84 -13.07
C ARG B 90 28.12 -59.82 -12.80
N PHE B 91 27.82 -59.61 -11.53
CA PHE B 91 26.78 -58.64 -11.18
C PHE B 91 27.17 -57.25 -11.71
N LEU B 92 28.43 -56.86 -11.49
CA LEU B 92 28.90 -55.57 -11.96
C LEU B 92 28.86 -55.52 -13.48
N GLY B 93 29.18 -56.65 -14.12
CA GLY B 93 29.15 -56.68 -15.56
C GLY B 93 27.76 -56.43 -16.13
N LEU B 94 26.73 -56.72 -15.35
CA LEU B 94 25.35 -56.53 -15.81
C LEU B 94 24.73 -55.28 -15.21
N PHE B 95 25.38 -54.71 -14.21
CA PHE B 95 24.83 -53.53 -13.55
C PHE B 95 24.60 -52.28 -14.39
N ARG B 96 23.45 -51.67 -14.16
CA ARG B 96 23.06 -50.42 -14.81
C ARG B 96 22.38 -49.57 -13.75
N PHE B 97 22.69 -48.29 -13.70
CA PHE B 97 22.05 -47.39 -12.75
C PHE B 97 20.59 -47.28 -13.13
N ASN B 98 19.70 -47.39 -12.14
CA ASN B 98 18.27 -47.30 -12.38
C ASN B 98 17.80 -45.88 -12.06
N PRO B 99 17.45 -45.10 -13.10
CA PRO B 99 17.00 -43.72 -12.85
C PRO B 99 15.77 -43.64 -11.95
N ARG B 100 15.01 -44.73 -11.87
CA ARG B 100 13.81 -44.71 -11.03
C ARG B 100 14.08 -44.67 -9.52
N TYR B 101 15.32 -44.91 -9.10
CA TYR B 101 15.61 -44.87 -7.67
C TYR B 101 16.03 -43.48 -7.21
N VAL B 102 16.14 -42.57 -8.17
CA VAL B 102 16.55 -41.21 -7.87
C VAL B 102 15.42 -40.22 -8.07
N GLN B 103 15.22 -39.37 -7.07
CA GLN B 103 14.20 -38.33 -7.13
C GLN B 103 14.91 -37.02 -6.82
N THR B 104 14.80 -36.05 -7.71
CA THR B 104 15.44 -34.77 -7.51
C THR B 104 14.55 -33.66 -8.08
N GLY B 105 14.71 -32.45 -7.55
CA GLY B 105 13.91 -31.33 -8.00
C GLY B 105 13.97 -30.19 -7.01
N ILE B 106 12.84 -29.53 -6.81
CA ILE B 106 12.76 -28.40 -5.88
C ILE B 106 11.67 -28.60 -4.84
N GLU B 107 12.03 -28.40 -3.58
CA GLU B 107 11.10 -28.51 -2.47
C GLU B 107 11.40 -27.36 -1.52
N ASN B 108 10.35 -26.69 -1.06
CA ASN B 108 10.49 -25.57 -0.14
C ASN B 108 11.59 -24.62 -0.63
N ASP B 109 11.50 -24.25 -1.91
CA ASP B 109 12.47 -23.34 -2.53
C ASP B 109 13.89 -23.83 -2.32
N GLU B 110 14.09 -25.13 -2.49
CA GLU B 110 15.40 -25.70 -2.26
C GLU B 110 15.63 -26.94 -3.13
N PHE B 111 16.83 -27.06 -3.65
CA PHE B 111 17.17 -28.24 -4.46
C PHE B 111 17.17 -29.42 -3.50
N PHE B 112 16.70 -30.57 -3.97
CA PHE B 112 16.68 -31.77 -3.14
C PHE B 112 16.98 -32.98 -4.02
N LEU B 113 17.48 -34.05 -3.40
CA LEU B 113 17.77 -35.29 -4.10
C LEU B 113 17.65 -36.41 -3.09
N ARG B 114 16.89 -37.44 -3.48
CA ARG B 114 16.68 -38.59 -2.63
C ARG B 114 16.89 -39.88 -3.42
N LEU B 115 17.33 -40.92 -2.71
CA LEU B 115 17.56 -42.22 -3.31
C LEU B 115 16.68 -43.18 -2.52
N LYS B 116 16.10 -44.15 -3.21
CA LYS B 116 15.24 -45.14 -2.58
C LYS B 116 15.23 -46.38 -3.47
N GLY B 117 15.51 -47.53 -2.88
CA GLY B 117 15.51 -48.76 -3.65
C GLY B 117 16.37 -49.83 -3.01
N PRO B 118 16.56 -50.96 -3.69
CA PRO B 118 17.38 -52.05 -3.13
C PRO B 118 18.76 -51.51 -2.78
N TRP B 119 19.18 -51.74 -1.54
CA TRP B 119 20.48 -51.30 -1.07
C TRP B 119 21.55 -51.63 -2.11
N LEU B 120 21.55 -52.87 -2.56
CA LEU B 120 22.50 -53.41 -3.55
C LEU B 120 22.59 -52.57 -4.83
N HIS B 121 21.43 -52.09 -5.29
CA HIS B 121 21.36 -51.31 -6.52
C HIS B 121 21.54 -49.81 -6.39
N VAL B 122 21.42 -49.28 -5.19
CA VAL B 122 21.55 -47.84 -4.99
C VAL B 122 22.91 -47.37 -4.45
N ILE B 123 23.65 -48.27 -3.80
CA ILE B 123 24.94 -47.93 -3.22
C ILE B 123 25.92 -47.18 -4.15
N LEU B 124 25.98 -47.57 -5.42
CA LEU B 124 26.90 -46.93 -6.35
C LEU B 124 26.56 -45.49 -6.75
N PHE B 125 25.36 -45.02 -6.38
CA PHE B 125 24.95 -43.65 -6.69
C PHE B 125 25.65 -42.63 -5.79
N GLU B 126 25.83 -42.99 -4.53
CA GLU B 126 26.41 -42.12 -3.51
C GLU B 126 27.60 -41.25 -3.87
N VAL B 127 28.73 -41.86 -4.18
CA VAL B 127 29.94 -41.11 -4.50
C VAL B 127 29.87 -40.31 -5.79
N PRO B 128 29.55 -40.96 -6.92
CA PRO B 128 29.49 -40.18 -8.15
C PRO B 128 28.46 -39.05 -8.16
N LEU B 129 27.38 -39.17 -7.37
CA LEU B 129 26.39 -38.09 -7.33
C LEU B 129 27.02 -36.85 -6.68
N LEU B 130 27.81 -37.07 -5.64
CA LEU B 130 28.47 -35.96 -4.97
C LEU B 130 29.56 -35.36 -5.85
N ALA B 131 30.36 -36.23 -6.48
CA ALA B 131 31.42 -35.75 -7.35
C ALA B 131 30.83 -34.97 -8.51
N MET B 132 29.70 -35.45 -9.03
CA MET B 132 29.03 -34.81 -10.15
C MET B 132 28.37 -33.48 -9.80
N ILE B 133 27.71 -33.41 -8.65
CA ILE B 133 27.08 -32.17 -8.23
C ILE B 133 28.16 -31.12 -7.99
N SER B 134 29.27 -31.54 -7.38
CA SER B 134 30.37 -30.62 -7.09
C SER B 134 30.93 -30.01 -8.38
N GLU B 135 31.27 -30.86 -9.35
CA GLU B 135 31.82 -30.36 -10.60
C GLU B 135 30.82 -29.52 -11.42
N VAL B 136 29.54 -29.86 -11.39
CA VAL B 136 28.57 -29.07 -12.14
C VAL B 136 28.49 -27.68 -11.52
N ARG B 137 28.61 -27.61 -10.20
CA ARG B 137 28.58 -26.32 -9.53
C ARG B 137 29.82 -25.54 -9.88
N ASN B 138 30.97 -26.20 -9.80
CA ASN B 138 32.25 -25.57 -10.10
C ASN B 138 32.36 -25.10 -11.55
N ARG B 139 31.75 -25.84 -12.47
CA ARG B 139 31.76 -25.46 -13.88
C ARG B 139 31.01 -24.12 -14.05
N ALA B 140 30.04 -23.88 -13.17
CA ALA B 140 29.26 -22.65 -13.25
C ALA B 140 29.82 -21.52 -12.40
N ARG B 141 30.34 -21.84 -11.21
CA ARG B 141 30.91 -20.82 -10.33
C ARG B 141 32.30 -20.37 -10.76
N TYR B 142 33.11 -21.31 -11.26
CA TYR B 142 34.47 -20.99 -11.65
C TYR B 142 34.81 -21.47 -13.06
N PRO B 143 34.13 -20.90 -14.07
CA PRO B 143 34.30 -21.24 -15.50
C PRO B 143 35.73 -21.23 -16.02
N ALA B 144 36.53 -20.28 -15.55
CA ALA B 144 37.91 -20.14 -16.01
C ALA B 144 38.99 -20.91 -15.23
N ALA B 145 38.58 -21.78 -14.31
CA ALA B 145 39.55 -22.55 -13.53
C ALA B 145 40.38 -23.45 -14.45
N THR B 146 41.67 -23.56 -14.16
CA THR B 146 42.55 -24.40 -14.97
C THR B 146 43.19 -25.50 -14.11
N VAL B 147 43.60 -26.58 -14.76
CA VAL B 147 44.24 -27.67 -14.04
C VAL B 147 45.58 -27.15 -13.51
N GLU B 148 46.18 -26.22 -14.26
CA GLU B 148 47.46 -25.68 -13.84
C GLU B 148 47.37 -25.03 -12.45
N GLN B 149 46.27 -24.37 -12.15
CA GLN B 149 46.11 -23.73 -10.83
C GLN B 149 46.15 -24.77 -9.71
N ALA B 150 45.49 -25.89 -9.93
CA ALA B 150 45.46 -26.97 -8.94
C ALA B 150 46.85 -27.55 -8.80
N ARG B 151 47.50 -27.77 -9.94
CA ARG B 151 48.84 -28.33 -9.99
C ARG B 151 49.82 -27.49 -9.15
N GLU B 152 49.76 -26.18 -9.30
CA GLU B 152 50.63 -25.27 -8.57
C GLU B 152 50.40 -25.30 -7.07
N ARG B 153 49.13 -25.23 -6.67
CA ARG B 153 48.77 -25.26 -5.25
C ARG B 153 49.32 -26.52 -4.60
N LEU B 154 49.15 -27.65 -5.27
CA LEU B 154 49.62 -28.92 -4.75
C LEU B 154 51.12 -28.86 -4.44
N GLN B 155 51.94 -28.50 -5.42
CA GLN B 155 53.38 -28.43 -5.20
C GLN B 155 53.72 -27.45 -4.09
N GLU B 156 52.93 -26.40 -4.00
CA GLU B 156 53.10 -25.37 -2.98
C GLU B 156 53.02 -26.04 -1.60
N LYS B 157 52.05 -26.93 -1.44
CA LYS B 157 51.89 -27.64 -0.18
C LYS B 157 52.97 -28.70 0.01
N PHE B 158 53.41 -29.31 -1.09
CA PHE B 158 54.47 -30.32 -0.99
C PHE B 158 55.75 -29.65 -0.48
N ASP B 159 56.03 -28.45 -1.01
CA ASP B 159 57.23 -27.71 -0.59
C ASP B 159 57.20 -27.51 0.93
N TRP B 160 56.05 -27.10 1.46
CA TRP B 160 55.93 -26.88 2.89
C TRP B 160 56.32 -28.14 3.66
N LEU B 161 55.70 -29.26 3.31
CA LEU B 161 55.97 -30.54 3.96
C LEU B 161 57.44 -30.96 3.87
N ARG B 162 58.04 -30.74 2.71
CA ARG B 162 59.43 -31.12 2.48
C ARG B 162 60.38 -30.31 3.37
N ARG B 163 60.06 -29.04 3.60
CA ARG B 163 60.90 -28.18 4.42
C ARG B 163 60.72 -28.46 5.92
N GLU B 164 59.46 -28.66 6.33
CA GLU B 164 59.11 -28.89 7.73
C GLU B 164 59.48 -30.24 8.34
N ALA B 165 59.20 -31.32 7.61
CA ALA B 165 59.48 -32.66 8.12
C ALA B 165 60.86 -33.19 7.74
N SER B 166 61.44 -34.01 8.62
CA SER B 166 62.74 -34.58 8.36
C SER B 166 62.57 -35.76 7.41
N ALA B 167 63.69 -36.22 6.85
CA ALA B 167 63.67 -37.35 5.94
C ALA B 167 63.15 -38.56 6.69
N GLU B 168 63.54 -38.66 7.96
CA GLU B 168 63.14 -39.77 8.82
C GLU B 168 61.62 -39.77 9.02
N GLU B 169 61.05 -38.59 9.28
CA GLU B 169 59.63 -38.49 9.47
C GLU B 169 58.86 -38.85 8.21
N LEU B 170 59.29 -38.27 7.08
CA LEU B 170 58.64 -38.53 5.79
C LEU B 170 58.64 -40.01 5.41
N ALA B 171 59.69 -40.72 5.81
CA ALA B 171 59.80 -42.15 5.50
C ALA B 171 58.66 -42.94 6.15
N GLY B 172 58.11 -42.44 7.25
CA GLY B 172 57.03 -43.16 7.92
C GLY B 172 55.68 -42.46 7.89
N PHE B 173 55.60 -41.35 7.16
CA PHE B 173 54.37 -40.56 7.05
C PHE B 173 53.57 -41.11 5.86
N LYS B 174 52.65 -42.02 6.15
CA LYS B 174 51.82 -42.67 5.13
C LYS B 174 50.57 -41.85 4.78
N MET B 175 50.43 -41.53 3.50
CA MET B 175 49.30 -40.72 3.05
C MET B 175 48.51 -41.34 1.91
N ALA B 176 47.20 -41.15 1.94
CA ALA B 176 46.33 -41.68 0.90
C ALA B 176 45.33 -40.61 0.44
N ASP B 177 44.82 -40.79 -0.77
CA ASP B 177 43.83 -39.87 -1.33
C ASP B 177 42.44 -40.49 -1.17
N PHE B 178 41.56 -39.76 -0.49
CA PHE B 178 40.17 -40.17 -0.27
C PHE B 178 39.29 -39.04 -0.79
N GLY B 179 39.81 -38.23 -1.72
CA GLY B 179 39.05 -37.09 -2.19
C GLY B 179 38.06 -37.11 -3.36
N THR B 180 37.61 -38.28 -3.78
CA THR B 180 36.66 -38.34 -4.89
C THR B 180 35.39 -37.50 -4.74
N ARG B 181 34.66 -37.73 -3.64
CA ARG B 181 33.37 -37.08 -3.41
C ARG B 181 33.27 -35.56 -3.46
N ARG B 182 34.29 -34.82 -3.02
CA ARG B 182 34.16 -33.37 -3.06
C ARG B 182 35.23 -32.74 -3.94
N ARG B 183 35.79 -33.48 -4.87
CA ARG B 183 36.81 -32.95 -5.77
C ARG B 183 36.24 -31.79 -6.56
N PHE B 184 37.11 -30.89 -6.99
CA PHE B 184 36.73 -29.72 -7.76
C PHE B 184 36.19 -30.19 -9.11
N SER B 185 36.86 -31.19 -9.67
CA SER B 185 36.51 -31.77 -10.97
C SER B 185 37.33 -33.03 -11.17
N TYR B 186 36.94 -33.88 -12.12
CA TYR B 186 37.73 -35.09 -12.34
C TYR B 186 39.17 -34.76 -12.75
N ARG B 187 39.31 -33.79 -13.64
CA ARG B 187 40.62 -33.39 -14.13
C ARG B 187 41.57 -32.99 -13.01
N VAL B 188 41.09 -32.18 -12.07
CA VAL B 188 41.90 -31.76 -10.95
C VAL B 188 42.27 -32.95 -10.06
N HIS B 189 41.31 -33.86 -9.86
CA HIS B 189 41.54 -35.04 -9.03
C HIS B 189 42.63 -35.88 -9.67
N GLU B 190 42.57 -36.02 -10.98
CA GLU B 190 43.55 -36.80 -11.71
C GLU B 190 44.94 -36.15 -11.56
N ALA B 191 44.98 -34.83 -11.70
CA ALA B 191 46.22 -34.08 -11.58
C ALA B 191 46.82 -34.18 -10.18
N VAL B 192 45.96 -34.13 -9.17
CA VAL B 192 46.40 -34.21 -7.77
C VAL B 192 46.99 -35.59 -7.46
N VAL B 193 46.32 -36.65 -7.89
CA VAL B 193 46.83 -37.98 -7.63
C VAL B 193 48.11 -38.19 -8.42
N SER B 194 48.14 -37.65 -9.64
CA SER B 194 49.32 -37.75 -10.47
C SER B 194 50.49 -37.12 -9.70
N GLY B 195 50.26 -35.94 -9.13
CA GLY B 195 51.29 -35.25 -8.37
C GLY B 195 51.75 -36.06 -7.15
N LEU B 196 50.78 -36.58 -6.41
CA LEU B 196 51.08 -37.40 -5.24
C LEU B 196 51.97 -38.58 -5.59
N LYS B 197 51.69 -39.22 -6.72
CA LYS B 197 52.48 -40.35 -7.16
C LYS B 197 53.89 -39.94 -7.56
N GLU B 198 54.00 -38.79 -8.19
CA GLU B 198 55.28 -38.29 -8.67
C GLU B 198 56.13 -37.52 -7.67
N ASP B 199 55.48 -36.79 -6.76
CA ASP B 199 56.23 -35.92 -5.87
C ASP B 199 55.90 -35.84 -4.37
N PHE B 200 55.02 -36.69 -3.86
CA PHE B 200 54.68 -36.56 -2.44
C PHE B 200 55.93 -36.75 -1.57
N PRO B 201 56.25 -35.75 -0.72
CA PRO B 201 57.43 -35.85 0.14
C PRO B 201 57.40 -37.04 1.09
N GLY B 202 56.21 -37.45 1.51
CA GLY B 202 56.08 -38.59 2.41
C GLY B 202 55.92 -39.89 1.66
N CYS B 203 55.18 -40.83 2.24
CA CYS B 203 54.92 -42.11 1.59
C CYS B 203 53.48 -42.16 1.07
N PHE B 204 53.32 -42.02 -0.24
CA PHE B 204 51.99 -42.07 -0.84
C PHE B 204 51.60 -43.53 -0.97
N VAL B 205 50.58 -43.95 -0.23
CA VAL B 205 50.16 -45.34 -0.25
C VAL B 205 49.13 -45.74 -1.30
N GLY B 206 48.41 -44.77 -1.86
CA GLY B 206 47.41 -45.09 -2.87
C GLY B 206 46.20 -44.17 -2.86
N THR B 207 45.14 -44.58 -3.55
CA THR B 207 43.93 -43.78 -3.62
C THR B 207 42.68 -44.64 -3.48
N SER B 208 41.60 -44.03 -2.99
CA SER B 208 40.34 -44.75 -2.84
C SER B 208 39.62 -44.80 -4.19
N ASN B 209 40.01 -43.93 -5.12
CA ASN B 209 39.37 -43.90 -6.43
C ASN B 209 39.89 -45.05 -7.30
N VAL B 210 39.00 -45.97 -7.63
CA VAL B 210 39.38 -47.15 -8.40
C VAL B 210 39.85 -46.84 -9.81
N HIS B 211 39.19 -45.90 -10.47
CA HIS B 211 39.57 -45.52 -11.82
C HIS B 211 41.00 -44.99 -11.84
N LEU B 212 41.31 -44.08 -10.93
CA LEU B 212 42.66 -43.52 -10.86
C LEU B 212 43.67 -44.57 -10.42
N ALA B 213 43.25 -45.52 -9.59
CA ALA B 213 44.16 -46.57 -9.13
C ALA B 213 44.60 -47.39 -10.34
N ARG B 214 43.65 -47.72 -11.22
CA ARG B 214 43.97 -48.48 -12.41
C ARG B 214 44.77 -47.64 -13.40
N LYS B 215 44.28 -46.43 -13.66
CA LYS B 215 44.93 -45.52 -14.60
C LYS B 215 46.36 -45.13 -14.23
N LEU B 216 46.61 -44.86 -12.95
CA LEU B 216 47.96 -44.46 -12.53
C LEU B 216 48.75 -45.59 -11.84
N ASP B 217 48.26 -46.82 -12.01
CA ASP B 217 48.90 -47.98 -11.42
C ASP B 217 49.19 -47.76 -9.93
N LEU B 218 48.12 -47.56 -9.17
CA LEU B 218 48.22 -47.34 -7.73
C LEU B 218 47.32 -48.35 -7.04
N LYS B 219 47.57 -48.57 -5.76
CA LYS B 219 46.76 -49.52 -5.00
C LYS B 219 45.44 -48.89 -4.57
N PRO B 220 44.31 -49.56 -4.84
CA PRO B 220 43.00 -49.03 -4.46
C PRO B 220 42.80 -49.25 -2.97
N LEU B 221 42.40 -48.20 -2.26
CA LEU B 221 42.23 -48.30 -0.82
C LEU B 221 40.80 -48.06 -0.36
N GLY B 222 40.41 -48.77 0.70
CA GLY B 222 39.07 -48.61 1.22
C GLY B 222 38.86 -49.40 2.50
N THR B 223 38.30 -48.73 3.52
CA THR B 223 38.05 -49.35 4.80
C THR B 223 36.58 -49.75 4.96
N MET B 224 36.00 -49.37 6.10
CA MET B 224 34.61 -49.68 6.41
C MET B 224 33.78 -48.41 6.26
N ALA B 225 32.52 -48.56 5.87
CA ALA B 225 31.65 -47.39 5.71
C ALA B 225 30.64 -47.27 6.83
N HIS B 226 30.30 -46.03 7.17
CA HIS B 226 29.31 -45.75 8.20
C HIS B 226 27.97 -46.44 7.89
N GLU B 227 27.55 -46.35 6.62
CA GLU B 227 26.26 -46.92 6.21
C GLU B 227 26.13 -48.41 6.51
N TRP B 228 27.25 -49.12 6.49
CA TRP B 228 27.22 -50.55 6.79
C TRP B 228 26.83 -50.72 8.26
N LEU B 229 27.41 -49.89 9.12
CA LEU B 229 27.12 -49.95 10.55
C LEU B 229 25.70 -49.45 10.83
N MET B 230 25.29 -48.40 10.13
CA MET B 230 23.96 -47.83 10.32
C MET B 230 22.85 -48.79 9.88
N ALA B 231 23.02 -49.40 8.71
CA ALA B 231 22.02 -50.32 8.17
C ALA B 231 21.69 -51.47 9.12
N HIS B 232 22.68 -51.95 9.86
CA HIS B 232 22.44 -53.05 10.78
C HIS B 232 21.52 -52.68 11.94
N GLN B 233 21.16 -51.40 12.03
CA GLN B 233 20.26 -50.93 13.07
C GLN B 233 18.83 -51.37 12.79
N GLN B 234 18.59 -51.87 11.58
CA GLN B 234 17.25 -52.33 11.20
C GLN B 234 17.25 -53.69 10.49
N LEU B 235 18.43 -54.16 10.10
CA LEU B 235 18.55 -55.42 9.38
C LEU B 235 18.18 -56.69 10.11
N GLY B 236 18.10 -56.64 11.44
CA GLY B 236 17.73 -57.85 12.16
C GLY B 236 18.09 -57.91 13.63
N PRO B 237 19.31 -57.52 13.99
CA PRO B 237 19.65 -57.60 15.41
C PRO B 237 19.04 -56.50 16.28
N ARG B 238 19.02 -56.80 17.58
CA ARG B 238 18.54 -55.88 18.61
C ARG B 238 19.38 -54.62 18.44
N LEU B 239 18.79 -53.46 18.66
CA LEU B 239 19.53 -52.20 18.48
C LEU B 239 20.88 -52.16 19.20
N ILE B 240 20.88 -52.58 20.45
CA ILE B 240 22.11 -52.58 21.24
C ILE B 240 23.20 -53.50 20.68
N ASP B 241 22.80 -54.50 19.89
CA ASP B 241 23.76 -55.43 19.28
C ASP B 241 24.06 -55.11 17.81
N SER B 242 23.41 -54.08 17.28
CA SER B 242 23.56 -53.73 15.87
C SER B 242 24.98 -53.46 15.40
N GLN B 243 25.75 -52.68 16.18
CA GLN B 243 27.11 -52.36 15.79
C GLN B 243 28.02 -53.60 15.82
N SER B 244 27.86 -54.45 16.83
CA SER B 244 28.67 -55.67 16.91
C SER B 244 28.28 -56.62 15.77
N ALA B 245 26.98 -56.65 15.45
CA ALA B 245 26.51 -57.52 14.38
C ALA B 245 27.12 -57.04 13.07
N ALA B 246 27.25 -55.73 12.93
CA ALA B 246 27.83 -55.16 11.72
C ALA B 246 29.29 -55.61 11.57
N LEU B 247 30.09 -55.41 12.62
CA LEU B 247 31.49 -55.83 12.56
C LEU B 247 31.58 -57.34 12.30
N ASP B 248 30.71 -58.10 12.96
CA ASP B 248 30.74 -59.55 12.81
C ASP B 248 30.49 -60.02 11.38
N CYS B 249 29.49 -59.44 10.73
CA CYS B 249 29.14 -59.83 9.38
C CYS B 249 30.28 -59.43 8.42
N TRP B 250 30.95 -58.32 8.71
CA TRP B 250 32.04 -57.85 7.88
C TRP B 250 33.22 -58.83 7.93
N VAL B 251 33.62 -59.22 9.13
CA VAL B 251 34.72 -60.15 9.30
C VAL B 251 34.38 -61.52 8.73
N ARG B 252 33.12 -61.90 8.76
CA ARG B 252 32.72 -63.20 8.24
C ARG B 252 32.70 -63.18 6.71
N GLU B 253 32.47 -62.00 6.14
CA GLU B 253 32.44 -61.85 4.69
C GLU B 253 33.87 -61.86 4.14
N TYR B 254 34.76 -61.10 4.77
CA TYR B 254 36.13 -60.99 4.31
C TYR B 254 37.19 -61.79 5.07
N ARG B 255 36.75 -62.52 6.09
CA ARG B 255 37.62 -63.39 6.88
C ARG B 255 38.96 -62.80 7.30
N GLY B 256 38.95 -61.61 7.92
CA GLY B 256 40.22 -61.03 8.35
C GLY B 256 40.78 -59.93 7.47
N LEU B 257 40.42 -59.93 6.18
CA LEU B 257 40.90 -58.90 5.25
C LEU B 257 40.06 -57.63 5.41
N LEU B 258 40.57 -56.51 4.89
CA LEU B 258 39.86 -55.24 4.97
C LEU B 258 39.47 -54.98 6.43
N GLY B 259 40.41 -55.23 7.33
CA GLY B 259 40.16 -55.07 8.75
C GLY B 259 40.37 -53.74 9.44
N ILE B 260 39.77 -52.67 8.93
CA ILE B 260 39.88 -51.37 9.57
C ILE B 260 38.45 -50.94 9.90
N ALA B 261 38.16 -50.74 11.19
CA ALA B 261 36.80 -50.38 11.60
C ALA B 261 36.59 -48.93 12.04
N LEU B 262 35.42 -48.39 11.72
CA LEU B 262 35.06 -47.03 12.13
C LEU B 262 34.58 -47.20 13.57
N THR B 263 34.79 -46.19 14.41
CA THR B 263 34.41 -46.29 15.80
C THR B 263 33.36 -45.30 16.25
N ASP B 264 32.92 -44.42 15.34
CA ASP B 264 31.96 -43.40 15.72
C ASP B 264 30.56 -43.47 15.12
N CYS B 265 30.08 -44.66 14.78
CA CYS B 265 28.72 -44.72 14.25
C CYS B 265 27.83 -44.25 15.40
N ILE B 266 28.17 -44.69 16.61
CA ILE B 266 27.45 -44.28 17.81
C ILE B 266 28.40 -43.25 18.45
N THR B 267 29.34 -43.74 19.24
CA THR B 267 30.36 -42.88 19.87
C THR B 267 31.51 -43.83 20.11
N THR B 268 32.73 -43.31 20.11
CA THR B 268 33.87 -44.18 20.35
C THR B 268 33.79 -44.88 21.71
N ASP B 269 33.36 -44.15 22.75
CA ASP B 269 33.26 -44.78 24.06
C ASP B 269 32.35 -46.00 24.01
N ALA B 270 31.22 -45.89 23.32
CA ALA B 270 30.30 -47.00 23.21
C ALA B 270 30.98 -48.12 22.41
N PHE B 271 31.62 -47.74 21.30
CA PHE B 271 32.30 -48.71 20.46
C PHE B 271 33.33 -49.53 21.24
N LEU B 272 34.19 -48.84 22.00
CA LEU B 272 35.22 -49.51 22.78
C LEU B 272 34.67 -50.44 23.86
N ARG B 273 33.56 -50.06 24.48
CA ARG B 273 32.98 -50.90 25.51
C ARG B 273 32.66 -52.28 24.93
N ASP B 274 32.35 -52.35 23.63
CA ASP B 274 32.04 -53.63 23.00
C ASP B 274 33.15 -54.18 22.10
N PHE B 275 34.28 -53.48 22.03
CA PHE B 275 35.39 -53.93 21.19
C PHE B 275 36.18 -54.93 22.03
N ASP B 276 35.63 -56.12 22.20
CA ASP B 276 36.27 -57.17 22.99
C ASP B 276 37.48 -57.76 22.30
N LEU B 277 38.14 -58.69 22.98
CA LEU B 277 39.33 -59.36 22.46
C LEU B 277 39.07 -59.98 21.10
N TYR B 278 37.91 -60.60 20.95
CA TYR B 278 37.53 -61.22 19.68
C TYR B 278 37.67 -60.22 18.53
N PHE B 279 37.01 -59.07 18.66
CA PHE B 279 37.08 -58.05 17.63
C PHE B 279 38.45 -57.36 17.53
N ALA B 280 39.08 -57.14 18.68
CA ALA B 280 40.39 -56.47 18.70
C ALA B 280 41.45 -57.31 18.01
N LYS B 281 41.30 -58.64 18.09
CA LYS B 281 42.24 -59.54 17.45
C LYS B 281 42.04 -59.59 15.94
N LEU B 282 40.79 -59.72 15.52
CA LEU B 282 40.48 -59.79 14.11
C LEU B 282 40.82 -58.55 13.30
N PHE B 283 40.43 -57.38 13.80
CA PHE B 283 40.68 -56.14 13.11
C PHE B 283 42.13 -55.66 13.24
N ASP B 284 42.67 -55.15 12.15
CA ASP B 284 44.05 -54.66 12.13
C ASP B 284 44.16 -53.25 12.67
N GLY B 285 43.03 -52.55 12.75
CA GLY B 285 43.05 -51.19 13.24
C GLY B 285 41.72 -50.49 13.19
N LEU B 286 41.75 -49.18 13.49
CA LEU B 286 40.54 -48.37 13.55
C LEU B 286 40.69 -47.06 12.79
N ARG B 287 39.57 -46.49 12.36
CA ARG B 287 39.57 -45.23 11.64
C ARG B 287 38.90 -44.11 12.44
N HIS B 288 39.56 -42.97 12.47
CA HIS B 288 39.05 -41.79 13.17
C HIS B 288 38.30 -40.90 12.19
N ASP B 289 37.06 -40.55 12.51
CA ASP B 289 36.30 -39.70 11.60
C ASP B 289 35.59 -38.53 12.26
N SER B 290 35.73 -38.39 13.58
CA SER B 290 35.10 -37.27 14.29
C SER B 290 35.72 -37.06 15.66
N GLY B 291 35.60 -35.84 16.17
CA GLY B 291 36.15 -35.52 17.48
C GLY B 291 37.65 -35.28 17.42
N ASP B 292 38.23 -34.89 18.54
CA ASP B 292 39.67 -34.64 18.61
C ASP B 292 40.42 -35.91 18.26
N PRO B 293 41.33 -35.85 17.27
CA PRO B 293 42.08 -37.06 16.90
C PRO B 293 43.01 -37.60 17.98
N LEU B 294 43.61 -36.73 18.78
CA LEU B 294 44.53 -37.21 19.82
C LEU B 294 43.80 -37.76 21.03
N LEU B 295 42.66 -37.18 21.39
CA LEU B 295 41.89 -37.68 22.51
C LEU B 295 41.34 -39.05 22.10
N TRP B 296 40.96 -39.17 20.83
CA TRP B 296 40.44 -40.42 20.28
C TRP B 296 41.54 -41.48 20.31
N ALA B 297 42.71 -41.13 19.82
CA ALA B 297 43.82 -42.07 19.76
C ALA B 297 44.13 -42.64 21.14
N GLU B 298 44.17 -41.77 22.14
CA GLU B 298 44.46 -42.20 23.51
C GLU B 298 43.46 -43.25 23.98
N LYS B 299 42.18 -43.04 23.68
CA LYS B 299 41.16 -44.00 24.06
C LYS B 299 41.47 -45.37 23.47
N THR B 300 41.78 -45.40 22.17
CA THR B 300 42.07 -46.66 21.49
C THR B 300 43.34 -47.34 22.00
N ILE B 301 44.38 -46.56 22.29
CA ILE B 301 45.64 -47.13 22.79
C ILE B 301 45.46 -47.71 24.20
N ALA B 302 44.75 -46.99 25.06
CA ALA B 302 44.51 -47.45 26.42
C ALA B 302 43.65 -48.71 26.40
N HIS B 303 42.75 -48.81 25.43
CA HIS B 303 41.89 -49.98 25.33
C HIS B 303 42.68 -51.21 24.89
N TYR B 304 43.57 -51.05 23.92
CA TYR B 304 44.38 -52.19 23.47
C TYR B 304 45.23 -52.71 24.63
N LEU B 305 45.74 -51.79 25.44
CA LEU B 305 46.57 -52.16 26.57
C LEU B 305 45.78 -52.97 27.60
N LYS B 306 44.60 -52.50 27.96
CA LYS B 306 43.79 -53.22 28.94
C LYS B 306 43.41 -54.61 28.43
N LEU B 307 43.40 -54.78 27.11
CA LEU B 307 43.07 -56.08 26.53
C LEU B 307 44.33 -56.92 26.37
N GLY B 308 45.47 -56.34 26.74
CA GLY B 308 46.73 -57.07 26.63
C GLY B 308 47.26 -57.14 25.20
N ILE B 309 46.81 -56.20 24.37
CA ILE B 309 47.27 -56.18 22.99
C ILE B 309 48.33 -55.11 22.78
N ASP B 310 49.41 -55.48 22.09
CA ASP B 310 50.49 -54.54 21.82
C ASP B 310 50.02 -53.56 20.74
N PRO B 311 49.84 -52.27 21.11
CA PRO B 311 49.39 -51.24 20.16
C PRO B 311 50.23 -51.16 18.89
N LEU B 312 51.51 -51.50 19.03
CA LEU B 312 52.41 -51.46 17.89
C LEU B 312 52.11 -52.49 16.83
N THR B 313 51.15 -53.38 17.11
CA THR B 313 50.75 -54.39 16.13
C THR B 313 49.45 -53.96 15.45
N LYS B 314 48.94 -52.79 15.85
CA LYS B 314 47.70 -52.25 15.29
C LYS B 314 47.94 -50.91 14.58
N THR B 315 46.97 -50.52 13.76
CA THR B 315 47.07 -49.28 13.01
C THR B 315 45.89 -48.34 13.22
N LEU B 316 46.18 -47.04 13.25
CA LEU B 316 45.12 -46.04 13.40
C LEU B 316 45.09 -45.23 12.09
N VAL B 317 43.91 -45.09 11.50
CA VAL B 317 43.73 -44.35 10.25
C VAL B 317 42.97 -43.07 10.51
N PHE B 318 43.61 -41.94 10.21
CA PHE B 318 43.01 -40.63 10.43
C PHE B 318 42.55 -40.04 9.11
N SER B 319 41.29 -39.61 9.03
CA SER B 319 40.78 -39.06 7.78
C SER B 319 39.65 -38.06 7.93
N ASP B 320 39.66 -37.29 9.01
CA ASP B 320 38.61 -36.31 9.25
C ASP B 320 38.99 -34.88 8.88
N GLY B 321 38.75 -34.52 7.63
CA GLY B 321 39.06 -33.17 7.14
C GLY B 321 40.48 -32.68 7.38
N LEU B 322 41.45 -33.55 7.15
CA LEU B 322 42.84 -33.19 7.38
C LEU B 322 43.51 -32.49 6.22
N ASP B 323 44.60 -31.78 6.54
CA ASP B 323 45.44 -31.11 5.56
C ASP B 323 46.83 -31.54 6.04
N LEU B 324 47.88 -31.26 5.29
CA LEU B 324 49.21 -31.70 5.69
C LEU B 324 49.67 -31.27 7.09
N PRO B 325 49.48 -30.00 7.45
CA PRO B 325 49.91 -29.57 8.78
C PRO B 325 49.25 -30.37 9.93
N ARG B 326 47.95 -30.59 9.83
CA ARG B 326 47.24 -31.33 10.88
C ARG B 326 47.61 -32.81 10.87
N ALA B 327 47.78 -33.38 9.69
CA ALA B 327 48.14 -34.79 9.61
C ALA B 327 49.51 -34.99 10.24
N LEU B 328 50.44 -34.07 9.94
CA LEU B 328 51.79 -34.16 10.47
C LEU B 328 51.83 -34.04 11.98
N LYS B 329 50.97 -33.19 12.56
CA LYS B 329 50.92 -33.04 14.02
C LYS B 329 50.57 -34.38 14.65
N ILE B 330 49.52 -35.02 14.14
CA ILE B 330 49.09 -36.30 14.66
C ILE B 330 50.20 -37.33 14.57
N TYR B 331 50.86 -37.38 13.42
CA TYR B 331 51.95 -38.33 13.21
C TYR B 331 53.05 -38.16 14.27
N ARG B 332 53.46 -36.92 14.49
CA ARG B 332 54.50 -36.60 15.45
C ARG B 332 54.11 -36.97 16.88
N ALA B 333 52.85 -36.77 17.24
CA ALA B 333 52.42 -37.10 18.59
C ALA B 333 52.32 -38.59 18.84
N LEU B 334 51.96 -39.35 17.81
CA LEU B 334 51.77 -40.79 17.97
C LEU B 334 52.81 -41.76 17.42
N GLN B 335 53.68 -41.31 16.53
CA GLN B 335 54.67 -42.24 15.99
C GLN B 335 55.47 -42.89 17.11
N GLY B 336 55.63 -44.21 17.03
CA GLY B 336 56.37 -44.92 18.05
C GLY B 336 55.49 -45.62 19.07
N ARG B 337 54.27 -45.13 19.24
CA ARG B 337 53.33 -45.71 20.19
C ARG B 337 52.39 -46.67 19.50
N ILE B 338 52.02 -46.33 18.27
CA ILE B 338 51.11 -47.15 17.48
C ILE B 338 51.32 -46.81 16.01
N ASN B 339 51.03 -47.75 15.11
CA ASN B 339 51.20 -47.45 13.69
C ASN B 339 50.08 -46.50 13.27
N VAL B 340 50.39 -45.55 12.40
CA VAL B 340 49.39 -44.59 11.93
C VAL B 340 49.54 -44.30 10.44
N SER B 341 48.43 -43.96 9.80
CA SER B 341 48.41 -43.60 8.39
C SER B 341 47.33 -42.55 8.24
N PHE B 342 47.37 -41.82 7.15
CA PHE B 342 46.40 -40.76 6.97
C PHE B 342 45.74 -40.75 5.60
N GLY B 343 44.60 -40.08 5.53
CA GLY B 343 43.87 -39.96 4.29
C GLY B 343 43.36 -38.53 4.21
N ILE B 344 43.63 -37.86 3.09
CA ILE B 344 43.16 -36.50 2.90
C ILE B 344 42.21 -36.45 1.72
N GLY B 345 41.09 -35.77 1.91
CA GLY B 345 40.11 -35.68 0.84
C GLY B 345 40.07 -34.32 0.16
N THR B 346 39.07 -33.53 0.53
CA THR B 346 38.88 -32.22 -0.06
C THR B 346 40.09 -31.28 -0.05
N HIS B 347 40.93 -31.35 0.99
CA HIS B 347 42.09 -30.47 1.03
C HIS B 347 43.11 -30.79 -0.06
N PHE B 348 42.94 -31.95 -0.70
CA PHE B 348 43.79 -32.36 -1.81
C PHE B 348 43.09 -32.09 -3.14
N THR B 349 41.92 -32.70 -3.31
CA THR B 349 41.13 -32.61 -4.54
C THR B 349 40.28 -31.38 -4.83
N CYS B 350 40.24 -30.42 -3.92
CA CYS B 350 39.50 -29.19 -4.17
C CYS B 350 40.18 -28.05 -3.43
N ASP B 351 41.39 -27.74 -3.88
CA ASP B 351 42.17 -26.66 -3.28
C ASP B 351 42.68 -25.77 -4.43
N LEU B 352 41.81 -24.86 -4.85
CA LEU B 352 42.10 -23.91 -5.92
C LEU B 352 42.01 -22.53 -5.29
N PRO B 353 42.95 -21.62 -5.65
CA PRO B 353 42.90 -20.28 -5.07
C PRO B 353 41.57 -19.60 -5.35
N GLY B 354 40.97 -19.04 -4.32
CA GLY B 354 39.69 -18.35 -4.49
C GLY B 354 38.48 -19.25 -4.64
N VAL B 355 38.68 -20.56 -4.48
CA VAL B 355 37.58 -21.51 -4.59
C VAL B 355 37.21 -22.08 -3.23
N GLU B 356 35.93 -22.03 -2.91
CA GLU B 356 35.41 -22.53 -1.64
C GLU B 356 34.72 -23.86 -1.92
N PRO B 357 35.25 -24.97 -1.37
CA PRO B 357 34.68 -26.30 -1.56
C PRO B 357 33.20 -26.37 -1.17
N MET B 358 32.45 -27.21 -1.88
CA MET B 358 31.03 -27.37 -1.56
C MET B 358 30.91 -28.12 -0.24
N ASN B 359 29.81 -27.88 0.46
CA ASN B 359 29.57 -28.58 1.72
C ASN B 359 28.28 -29.39 1.51
N ILE B 360 28.43 -30.54 0.90
CA ILE B 360 27.31 -31.42 0.59
C ILE B 360 27.60 -32.84 1.04
N VAL B 361 26.53 -33.61 1.20
CA VAL B 361 26.65 -34.99 1.61
C VAL B 361 25.39 -35.75 1.21
N VAL B 362 25.48 -37.08 1.30
CA VAL B 362 24.37 -37.98 0.99
C VAL B 362 24.32 -38.96 2.14
N LYS B 363 23.44 -38.70 3.11
CA LYS B 363 23.32 -39.55 4.30
C LYS B 363 22.18 -40.57 4.24
N MET B 364 22.46 -41.78 4.73
CA MET B 364 21.47 -42.84 4.78
C MET B 364 20.47 -42.46 5.84
N SER B 365 19.18 -42.45 5.49
CA SER B 365 18.16 -42.07 6.44
C SER B 365 17.31 -43.25 6.95
N ALA B 366 17.22 -44.32 6.16
CA ALA B 366 16.44 -45.48 6.58
C ALA B 366 16.90 -46.79 5.96
N CYS B 367 16.44 -47.89 6.56
CA CYS B 367 16.73 -49.24 6.09
C CYS B 367 15.49 -50.09 6.30
N ASN B 368 15.02 -50.72 5.24
CA ASN B 368 13.81 -51.54 5.28
C ASN B 368 12.61 -50.82 5.88
N GLY B 369 12.44 -49.55 5.49
CA GLY B 369 11.32 -48.76 5.94
C GLY B 369 11.41 -48.18 7.34
N HIS B 370 12.58 -48.29 7.95
CA HIS B 370 12.76 -47.79 9.30
C HIS B 370 14.04 -46.97 9.46
N PRO B 371 14.05 -46.06 10.42
CA PRO B 371 15.20 -45.19 10.68
C PRO B 371 16.51 -45.81 11.17
N VAL B 372 17.60 -45.16 10.76
CA VAL B 372 18.95 -45.54 11.15
C VAL B 372 19.59 -44.18 11.37
N ALA B 373 20.69 -44.12 12.14
CA ALA B 373 21.32 -42.83 12.37
C ALA B 373 22.77 -42.96 12.82
N LYS B 374 23.48 -41.86 12.69
CA LYS B 374 24.87 -41.77 13.12
C LYS B 374 24.88 -40.70 14.19
N ILE B 375 25.57 -40.97 15.29
CA ILE B 375 25.67 -40.00 16.37
C ILE B 375 27.05 -39.34 16.23
N SER B 376 28.10 -40.16 16.28
CA SER B 376 29.49 -39.71 16.15
C SER B 376 30.01 -38.98 17.38
N ASP B 377 31.31 -38.67 17.39
CA ASP B 377 31.90 -37.99 18.53
C ASP B 377 31.80 -36.46 18.48
N THR B 378 31.08 -35.95 17.49
CA THR B 378 30.86 -34.51 17.34
C THR B 378 29.48 -34.17 17.89
N PRO B 379 29.43 -33.25 18.85
CA PRO B 379 28.17 -32.86 19.48
C PRO B 379 27.00 -32.80 18.51
N PRO B 387 13.80 -38.38 16.24
CA PRO B 387 12.53 -38.74 16.88
C PRO B 387 12.72 -39.67 18.08
N ASP B 388 11.78 -40.59 18.27
CA ASP B 388 11.84 -41.55 19.36
C ASP B 388 13.00 -42.52 19.14
N PHE B 389 13.42 -42.67 17.89
CA PHE B 389 14.50 -43.58 17.55
C PHE B 389 15.83 -43.14 18.16
N ILE B 390 16.29 -41.96 17.76
CA ILE B 390 17.55 -41.43 18.25
C ILE B 390 17.59 -41.41 19.76
N HIS B 391 16.42 -41.24 20.38
CA HIS B 391 16.35 -41.22 21.82
C HIS B 391 16.56 -42.62 22.40
N TYR B 392 15.89 -43.61 21.81
CA TYR B 392 16.06 -44.98 22.29
C TYR B 392 17.48 -45.46 21.95
N LEU B 393 17.98 -45.06 20.79
CA LEU B 393 19.33 -45.44 20.35
C LEU B 393 20.37 -44.95 21.36
N LYS B 394 20.30 -43.68 21.71
CA LYS B 394 21.23 -43.10 22.67
C LYS B 394 21.07 -43.79 24.01
N HIS B 395 19.84 -44.11 24.38
CA HIS B 395 19.59 -44.75 25.66
C HIS B 395 20.27 -46.10 25.81
N VAL B 396 20.03 -47.02 24.87
CA VAL B 396 20.62 -48.35 24.97
C VAL B 396 22.15 -48.34 24.91
N PHE B 397 22.73 -47.37 24.21
CA PHE B 397 24.17 -47.27 24.14
C PHE B 397 24.69 -46.30 25.20
N GLN B 398 23.79 -45.88 26.09
CA GLN B 398 24.13 -44.92 27.14
C GLN B 398 24.80 -43.69 26.54
N VAL B 399 24.00 -42.93 25.79
CA VAL B 399 24.41 -41.72 25.07
C VAL B 399 25.63 -41.92 24.21
N LEU C 3 -17.09 3.99 57.20
CA LEU C 3 -18.56 4.12 57.04
C LEU C 3 -18.93 4.49 55.60
N ALA C 4 -17.95 5.02 54.86
CA ALA C 4 -18.17 5.41 53.48
C ALA C 4 -17.90 4.25 52.52
N GLU C 5 -18.90 3.92 51.70
CA GLU C 5 -18.79 2.83 50.75
C GLU C 5 -17.53 2.93 49.88
N SER C 6 -16.83 1.82 49.73
CA SER C 6 -15.61 1.76 48.94
C SER C 6 -15.95 2.04 47.47
N ALA C 7 -15.00 2.58 46.73
CA ALA C 7 -15.21 2.88 45.32
C ALA C 7 -15.16 1.60 44.50
N PHE C 8 -14.61 0.54 45.09
CA PHE C 8 -14.48 -0.73 44.40
C PHE C 8 -15.51 -1.76 44.86
N SER C 9 -16.22 -2.34 43.89
CA SER C 9 -17.24 -3.35 44.18
C SER C 9 -16.58 -4.72 44.28
N GLU C 10 -17.40 -5.77 44.31
CA GLU C 10 -16.89 -7.14 44.40
C GLU C 10 -16.19 -7.56 43.11
N ARG C 11 -16.88 -7.40 41.98
CA ARG C 11 -16.34 -7.78 40.67
C ARG C 11 -15.85 -6.55 39.90
N ILE C 12 -14.98 -6.78 38.91
CA ILE C 12 -14.46 -5.68 38.08
C ILE C 12 -15.31 -5.62 36.81
N VAL C 13 -15.20 -6.63 35.95
CA VAL C 13 -16.04 -6.67 34.74
C VAL C 13 -17.26 -7.42 35.22
N GLN C 14 -18.40 -6.74 35.27
CA GLN C 14 -19.62 -7.34 35.77
C GLN C 14 -20.13 -8.56 35.03
N ASN C 15 -20.09 -8.50 33.70
CA ASN C 15 -20.59 -9.60 32.90
C ASN C 15 -20.29 -9.35 31.43
N LEU C 16 -20.91 -10.13 30.55
CA LEU C 16 -20.68 -9.98 29.12
C LEU C 16 -21.26 -8.69 28.52
N LEU C 17 -22.10 -8.01 29.29
CA LEU C 17 -22.73 -6.75 28.86
C LEU C 17 -21.94 -5.55 29.35
N ASP C 18 -20.98 -5.78 30.24
CA ASP C 18 -20.16 -4.70 30.76
C ASP C 18 -19.14 -4.36 29.69
N THR C 19 -19.60 -3.65 28.66
CA THR C 19 -18.75 -3.27 27.55
C THR C 19 -19.47 -2.23 26.67
N ASP C 20 -18.79 -1.71 25.66
CA ASP C 20 -19.41 -0.72 24.78
C ASP C 20 -20.24 -1.35 23.66
N PHE C 21 -21.44 -0.81 23.49
CA PHE C 21 -22.40 -1.31 22.51
C PHE C 21 -21.87 -1.47 21.09
N TYR C 22 -21.05 -0.52 20.64
CA TYR C 22 -20.55 -0.59 19.27
C TYR C 22 -19.61 -1.77 19.01
N LYS C 23 -19.15 -2.42 20.07
CA LYS C 23 -18.29 -3.59 19.90
C LYS C 23 -19.22 -4.72 19.48
N LEU C 24 -20.45 -4.65 19.98
CA LEU C 24 -21.46 -5.64 19.66
C LEU C 24 -21.95 -5.45 18.24
N THR C 25 -22.38 -4.23 17.90
CA THR C 25 -22.88 -3.98 16.56
C THR C 25 -21.81 -4.30 15.51
N MET C 26 -20.55 -4.01 15.83
CA MET C 26 -19.46 -4.30 14.90
C MET C 26 -19.23 -5.81 14.81
N MET C 27 -19.30 -6.50 15.94
CA MET C 27 -19.09 -7.94 15.97
C MET C 27 -20.10 -8.65 15.08
N GLN C 28 -21.34 -8.19 15.08
CA GLN C 28 -22.37 -8.82 14.24
C GLN C 28 -22.00 -8.61 12.77
N ALA C 29 -21.54 -7.40 12.45
CA ALA C 29 -21.14 -7.09 11.09
C ALA C 29 -19.99 -8.01 10.68
N VAL C 30 -19.11 -8.33 11.63
CA VAL C 30 -17.98 -9.21 11.35
C VAL C 30 -18.47 -10.64 11.10
N LEU C 31 -19.40 -11.09 11.93
CA LEU C 31 -19.96 -12.42 11.80
C LEU C 31 -20.63 -12.59 10.44
N HIS C 32 -21.37 -11.57 10.02
CA HIS C 32 -22.10 -11.62 8.76
C HIS C 32 -21.26 -11.38 7.51
N ASN C 33 -20.19 -10.60 7.63
CA ASN C 33 -19.38 -10.26 6.47
C ASN C 33 -17.95 -10.79 6.39
N TYR C 34 -17.29 -10.94 7.53
CA TYR C 34 -15.91 -11.43 7.52
C TYR C 34 -15.73 -12.40 8.68
N PRO C 35 -16.55 -13.46 8.71
CA PRO C 35 -16.46 -14.44 9.80
C PRO C 35 -15.10 -15.11 10.04
N ASN C 36 -14.28 -15.23 9.01
CA ASN C 36 -12.99 -15.90 9.18
C ASN C 36 -11.76 -15.01 9.17
N ALA C 37 -11.96 -13.70 9.26
CA ALA C 37 -10.84 -12.78 9.28
C ALA C 37 -10.06 -12.95 10.58
N GLU C 38 -8.78 -12.64 10.54
CA GLU C 38 -7.94 -12.76 11.72
C GLU C 38 -7.32 -11.40 11.97
N VAL C 39 -7.18 -11.03 13.24
CA VAL C 39 -6.58 -9.74 13.56
C VAL C 39 -5.57 -9.89 14.71
N GLU C 40 -4.84 -8.81 14.95
CA GLU C 40 -3.85 -8.78 16.02
C GLU C 40 -3.91 -7.41 16.69
N TRP C 41 -3.83 -7.41 18.01
CA TRP C 41 -3.86 -6.18 18.79
C TRP C 41 -2.68 -6.14 19.75
N GLU C 42 -2.30 -4.94 20.17
CA GLU C 42 -1.20 -4.75 21.10
C GLU C 42 -1.64 -3.79 22.20
N PHE C 43 -1.42 -4.18 23.45
CA PHE C 43 -1.77 -3.32 24.57
C PHE C 43 -0.71 -2.21 24.56
N ARG C 44 -1.01 -1.08 25.18
CA ARG C 44 -0.05 0.00 25.21
C ARG C 44 -0.38 1.05 26.25
N CYS C 45 0.61 1.34 27.09
CA CYS C 45 0.49 2.35 28.13
C CYS C 45 1.40 3.49 27.71
N ARG C 46 0.82 4.54 27.15
CA ARG C 46 1.62 5.67 26.69
C ARG C 46 2.17 6.49 27.85
N ASN C 47 1.68 6.21 29.06
CA ASN C 47 2.15 6.90 30.25
C ASN C 47 3.51 6.35 30.62
N GLN C 48 3.72 5.08 30.28
CA GLN C 48 4.98 4.40 30.56
C GLN C 48 5.09 4.06 32.05
N GLU C 49 4.01 4.25 32.80
CA GLU C 49 4.04 3.92 34.21
C GLU C 49 4.15 2.41 34.41
N ASP C 50 4.93 2.01 35.41
CA ASP C 50 5.19 0.61 35.70
C ASP C 50 3.93 -0.17 36.10
N LEU C 51 3.60 -1.18 35.31
CA LEU C 51 2.43 -2.02 35.56
C LEU C 51 2.82 -3.44 35.97
N ARG C 52 4.11 -3.72 35.95
CA ARG C 52 4.63 -5.06 36.28
C ARG C 52 4.03 -5.74 37.51
N LEU C 53 3.75 -4.98 38.55
CA LEU C 53 3.18 -5.55 39.77
C LEU C 53 1.72 -5.96 39.64
N TYR C 54 1.10 -5.59 38.52
CA TYR C 54 -0.30 -5.92 38.29
C TYR C 54 -0.50 -7.19 37.48
N LEU C 55 0.59 -7.74 36.95
CA LEU C 55 0.52 -8.94 36.14
C LEU C 55 -0.30 -10.05 36.79
N PRO C 56 0.03 -10.42 38.05
CA PRO C 56 -0.71 -11.47 38.76
C PRO C 56 -2.21 -11.22 38.79
N ALA C 57 -2.59 -10.04 39.26
CA ALA C 57 -4.00 -9.67 39.35
C ALA C 57 -4.63 -9.64 37.97
N ILE C 58 -3.86 -9.19 36.98
CA ILE C 58 -4.35 -9.11 35.62
C ILE C 58 -4.65 -10.52 35.11
N ARG C 59 -3.75 -11.46 35.39
CA ARG C 59 -3.95 -12.84 34.96
C ARG C 59 -5.13 -13.51 35.62
N GLU C 60 -5.40 -13.18 36.88
CA GLU C 60 -6.53 -13.77 37.56
C GLU C 60 -7.82 -13.29 36.90
N GLN C 61 -7.89 -11.99 36.63
CA GLN C 61 -9.07 -11.42 35.99
C GLN C 61 -9.25 -12.10 34.64
N LEU C 62 -8.13 -12.37 33.98
CA LEU C 62 -8.13 -13.04 32.68
C LEU C 62 -8.88 -14.36 32.81
N GLU C 63 -8.61 -15.10 33.88
CA GLU C 63 -9.28 -16.38 34.10
C GLU C 63 -10.76 -16.15 34.37
N TYR C 64 -11.08 -15.07 35.05
CA TYR C 64 -12.46 -14.71 35.35
C TYR C 64 -13.22 -14.50 34.04
N LEU C 65 -12.62 -13.78 33.09
CA LEU C 65 -13.27 -13.54 31.81
C LEU C 65 -13.53 -14.87 31.11
N ALA C 66 -12.58 -15.79 31.22
CA ALA C 66 -12.68 -17.11 30.61
C ALA C 66 -13.90 -17.88 31.13
N GLY C 67 -14.32 -17.55 32.35
CA GLY C 67 -15.47 -18.22 32.93
C GLY C 67 -16.80 -17.58 32.55
N LEU C 68 -16.73 -16.35 32.04
CA LEU C 68 -17.93 -15.62 31.66
C LEU C 68 -18.78 -16.30 30.58
N ALA C 69 -20.07 -16.40 30.84
CA ALA C 69 -21.03 -16.99 29.93
C ALA C 69 -22.30 -16.15 30.09
N ILE C 70 -22.83 -15.63 28.99
CA ILE C 70 -24.00 -14.77 29.04
C ILE C 70 -25.23 -15.43 29.68
N SER C 71 -25.95 -14.66 30.50
CA SER C 71 -27.14 -15.18 31.16
C SER C 71 -28.34 -15.07 30.23
N ASP C 72 -29.41 -15.78 30.56
CA ASP C 72 -30.60 -15.75 29.73
C ASP C 72 -31.22 -14.35 29.75
N GLU C 73 -31.24 -13.73 30.92
CA GLU C 73 -31.79 -12.39 31.08
C GLU C 73 -31.00 -11.39 30.24
N GLN C 74 -29.68 -11.49 30.32
CA GLN C 74 -28.78 -10.61 29.58
C GLN C 74 -29.00 -10.77 28.08
N LEU C 75 -28.98 -12.02 27.62
CA LEU C 75 -29.16 -12.32 26.21
C LEU C 75 -30.52 -11.85 25.73
N ALA C 76 -31.54 -12.04 26.57
CA ALA C 76 -32.89 -11.63 26.23
C ALA C 76 -32.94 -10.12 26.02
N PHE C 77 -32.19 -9.38 26.85
CA PHE C 77 -32.16 -7.92 26.72
C PHE C 77 -31.66 -7.55 25.32
N LEU C 78 -30.61 -8.23 24.89
CA LEU C 78 -30.01 -7.99 23.57
C LEU C 78 -30.98 -8.39 22.46
N GLU C 79 -31.64 -9.53 22.66
CA GLU C 79 -32.58 -10.06 21.68
C GLU C 79 -33.74 -9.12 21.39
N ARG C 80 -34.10 -8.28 22.36
CA ARG C 80 -35.19 -7.34 22.16
C ARG C 80 -34.79 -6.16 21.26
N ILE C 81 -33.49 -6.05 20.95
CA ILE C 81 -33.04 -4.98 20.07
C ILE C 81 -33.28 -5.47 18.64
N PRO C 82 -34.18 -4.80 17.91
CA PRO C 82 -34.57 -5.13 16.54
C PRO C 82 -33.44 -5.42 15.56
N PHE C 83 -32.37 -4.63 15.58
CA PHE C 83 -31.31 -4.85 14.62
C PHE C 83 -30.25 -5.89 14.94
N LEU C 84 -30.45 -6.66 16.01
CA LEU C 84 -29.49 -7.72 16.33
C LEU C 84 -30.18 -8.98 15.83
N ALA C 85 -29.59 -9.60 14.81
CA ALA C 85 -30.14 -10.81 14.19
C ALA C 85 -30.05 -12.07 15.04
N PRO C 86 -30.99 -13.01 14.86
CA PRO C 86 -31.02 -14.27 15.62
C PRO C 86 -29.74 -15.11 15.54
N ASP C 87 -29.05 -15.13 14.39
CA ASP C 87 -27.83 -15.92 14.31
C ASP C 87 -26.76 -15.31 15.20
N PHE C 88 -26.80 -13.99 15.33
CA PHE C 88 -25.83 -13.29 16.15
C PHE C 88 -26.16 -13.55 17.62
N ILE C 89 -27.45 -13.45 17.95
CA ILE C 89 -27.91 -13.69 19.32
C ILE C 89 -27.47 -15.09 19.79
N ARG C 90 -27.65 -16.09 18.94
CA ARG C 90 -27.27 -17.45 19.32
C ARG C 90 -25.75 -17.54 19.53
N PHE C 91 -24.99 -16.90 18.64
CA PHE C 91 -23.54 -16.92 18.76
C PHE C 91 -23.13 -16.36 20.13
N LEU C 92 -23.74 -15.24 20.51
CA LEU C 92 -23.44 -14.63 21.80
C LEU C 92 -23.81 -15.62 22.89
N GLY C 93 -24.93 -16.30 22.71
CA GLY C 93 -25.36 -17.28 23.70
C GLY C 93 -24.33 -18.36 23.90
N LEU C 94 -23.55 -18.67 22.86
CA LEU C 94 -22.52 -19.70 22.93
C LEU C 94 -21.10 -19.16 23.14
N PHE C 95 -20.92 -17.85 23.00
CA PHE C 95 -19.59 -17.28 23.13
C PHE C 95 -18.89 -17.46 24.48
N ARG C 96 -17.59 -17.68 24.40
CA ARG C 96 -16.73 -17.83 25.57
C ARG C 96 -15.38 -17.22 25.19
N PHE C 97 -14.78 -16.45 26.10
CA PHE C 97 -13.48 -15.86 25.83
C PHE C 97 -12.44 -16.97 25.79
N ASN C 98 -11.62 -16.96 24.74
CA ASN C 98 -10.59 -17.97 24.54
C ASN C 98 -9.22 -17.48 25.03
N PRO C 99 -8.75 -18.03 26.18
CA PRO C 99 -7.46 -17.66 26.77
C PRO C 99 -6.28 -17.73 25.79
N ARG C 100 -6.35 -18.65 24.85
CA ARG C 100 -5.28 -18.83 23.87
C ARG C 100 -5.07 -17.66 22.91
N TYR C 101 -6.02 -16.72 22.88
CA TYR C 101 -5.87 -15.58 21.97
C TYR C 101 -5.21 -14.40 22.69
N VAL C 102 -4.90 -14.59 23.97
CA VAL C 102 -4.28 -13.53 24.75
C VAL C 102 -2.91 -13.93 25.27
N GLN C 103 -1.94 -13.04 25.13
CA GLN C 103 -0.60 -13.30 25.64
C GLN C 103 -0.20 -12.10 26.48
N THR C 104 0.17 -12.37 27.71
CA THR C 104 0.55 -11.32 28.64
C THR C 104 1.81 -11.72 29.42
N GLY C 105 2.54 -10.71 29.89
CA GLY C 105 3.76 -10.98 30.65
C GLY C 105 4.59 -9.73 30.85
N ILE C 106 5.91 -9.90 30.83
CA ILE C 106 6.82 -8.78 31.01
C ILE C 106 8.03 -8.90 30.09
N GLU C 107 8.19 -7.91 29.21
CA GLU C 107 9.30 -7.86 28.27
C GLU C 107 10.05 -6.56 28.49
N ASN C 108 11.38 -6.63 28.45
CA ASN C 108 12.20 -5.44 28.64
C ASN C 108 11.72 -4.65 29.84
N ASP C 109 11.56 -5.32 30.97
CA ASP C 109 11.10 -4.71 32.21
C ASP C 109 9.84 -3.88 32.01
N GLU C 110 8.88 -4.43 31.27
CA GLU C 110 7.64 -3.73 30.99
C GLU C 110 6.50 -4.71 30.74
N PHE C 111 5.33 -4.44 31.33
CA PHE C 111 4.17 -5.28 31.14
C PHE C 111 3.76 -5.23 29.68
N PHE C 112 3.22 -6.34 29.16
CA PHE C 112 2.77 -6.38 27.79
C PHE C 112 1.56 -7.29 27.70
N LEU C 113 0.81 -7.14 26.61
CA LEU C 113 -0.37 -7.95 26.37
C LEU C 113 -0.70 -7.82 24.90
N ARG C 114 -0.91 -8.96 24.26
CA ARG C 114 -1.22 -9.00 22.85
C ARG C 114 -2.38 -9.95 22.58
N LEU C 115 -3.19 -9.61 21.58
CA LEU C 115 -4.33 -10.42 21.18
C LEU C 115 -4.11 -10.89 19.77
N LYS C 116 -4.46 -12.15 19.50
CA LYS C 116 -4.30 -12.69 18.16
C LYS C 116 -5.27 -13.84 17.95
N GLY C 117 -6.08 -13.73 16.91
CA GLY C 117 -7.04 -14.78 16.62
C GLY C 117 -8.17 -14.30 15.73
N PRO C 118 -9.18 -15.15 15.48
CA PRO C 118 -10.29 -14.72 14.63
C PRO C 118 -10.87 -13.40 15.13
N TRP C 119 -10.97 -12.44 14.22
CA TRP C 119 -11.51 -11.13 14.55
C TRP C 119 -12.82 -11.26 15.34
N LEU C 120 -13.69 -12.14 14.89
CA LEU C 120 -14.99 -12.36 15.52
C LEU C 120 -14.87 -12.75 17.00
N HIS C 121 -13.86 -13.55 17.32
CA HIS C 121 -13.66 -14.04 18.68
C HIS C 121 -12.82 -13.15 19.59
N VAL C 122 -12.13 -12.17 19.03
CA VAL C 122 -11.29 -11.29 19.84
C VAL C 122 -11.87 -9.90 20.11
N ILE C 123 -12.86 -9.49 19.31
CA ILE C 123 -13.47 -8.17 19.48
C ILE C 123 -13.87 -7.82 20.90
N LEU C 124 -14.58 -8.73 21.56
CA LEU C 124 -15.05 -8.46 22.92
C LEU C 124 -13.95 -8.25 23.97
N PHE C 125 -12.72 -8.64 23.67
CA PHE C 125 -11.61 -8.47 24.62
C PHE C 125 -11.22 -7.00 24.87
N GLU C 126 -11.22 -6.22 23.79
CA GLU C 126 -10.82 -4.81 23.83
C GLU C 126 -11.22 -3.96 25.04
N VAL C 127 -12.52 -3.63 25.15
CA VAL C 127 -13.01 -2.79 26.23
C VAL C 127 -12.83 -3.38 27.62
N PRO C 128 -13.31 -4.61 27.85
CA PRO C 128 -13.17 -5.23 29.17
C PRO C 128 -11.74 -5.23 29.69
N LEU C 129 -10.79 -5.55 28.83
CA LEU C 129 -9.38 -5.58 29.25
C LEU C 129 -8.90 -4.23 29.76
N LEU C 130 -9.27 -3.15 29.07
CA LEU C 130 -8.86 -1.82 29.50
C LEU C 130 -9.54 -1.43 30.80
N ALA C 131 -10.84 -1.71 30.92
CA ALA C 131 -11.59 -1.37 32.11
C ALA C 131 -11.05 -2.19 33.29
N MET C 132 -10.69 -3.43 33.01
CA MET C 132 -10.17 -4.32 34.06
C MET C 132 -8.78 -3.88 34.51
N ILE C 133 -7.90 -3.57 33.57
CA ILE C 133 -6.55 -3.15 33.92
C ILE C 133 -6.59 -1.82 34.68
N SER C 134 -7.53 -0.97 34.31
CA SER C 134 -7.67 0.32 34.96
C SER C 134 -8.10 0.12 36.41
N GLU C 135 -9.09 -0.73 36.64
CA GLU C 135 -9.56 -0.97 37.99
C GLU C 135 -8.59 -1.73 38.89
N VAL C 136 -7.76 -2.61 38.33
CA VAL C 136 -6.82 -3.32 39.19
C VAL C 136 -5.78 -2.33 39.67
N ARG C 137 -5.32 -1.44 38.77
CA ARG C 137 -4.33 -0.43 39.11
C ARG C 137 -4.86 0.53 40.17
N ASN C 138 -6.13 0.89 40.04
CA ASN C 138 -6.73 1.83 40.98
C ASN C 138 -6.99 1.18 42.33
N ARG C 139 -7.25 -0.13 42.33
CA ARG C 139 -7.47 -0.84 43.59
C ARG C 139 -6.17 -0.86 44.39
N ALA C 140 -5.05 -0.94 43.69
CA ALA C 140 -3.74 -0.99 44.33
C ALA C 140 -3.20 0.41 44.61
N ARG C 141 -3.44 1.35 43.70
CA ARG C 141 -2.97 2.73 43.85
C ARG C 141 -3.80 3.58 44.80
N TYR C 142 -5.11 3.39 44.79
CA TYR C 142 -6.00 4.16 45.63
C TYR C 142 -7.02 3.24 46.29
N PRO C 143 -6.52 2.24 47.04
CA PRO C 143 -7.37 1.27 47.75
C PRO C 143 -8.42 1.86 48.69
N ALA C 144 -8.22 3.10 49.11
CA ALA C 144 -9.16 3.75 50.02
C ALA C 144 -10.09 4.76 49.37
N ALA C 145 -10.24 4.69 48.05
CA ALA C 145 -11.12 5.61 47.35
C ALA C 145 -12.58 5.24 47.64
N THR C 146 -13.43 6.25 47.79
CA THR C 146 -14.83 6.01 48.09
C THR C 146 -15.71 6.50 46.95
N VAL C 147 -16.94 6.00 46.90
CA VAL C 147 -17.88 6.39 45.87
C VAL C 147 -18.26 7.86 46.06
N GLU C 148 -18.37 8.29 47.32
CA GLU C 148 -18.74 9.66 47.66
C GLU C 148 -17.83 10.69 47.04
N GLN C 149 -16.55 10.33 46.88
CA GLN C 149 -15.60 11.25 46.29
C GLN C 149 -15.97 11.50 44.83
N ALA C 150 -16.29 10.43 44.12
CA ALA C 150 -16.66 10.54 42.72
C ALA C 150 -17.95 11.35 42.58
N ARG C 151 -18.92 11.05 43.43
CA ARG C 151 -20.21 11.72 43.42
C ARG C 151 -20.18 13.23 43.64
N GLU C 152 -19.40 13.68 44.61
CA GLU C 152 -19.36 15.11 44.87
C GLU C 152 -18.65 15.87 43.76
N ARG C 153 -17.74 15.21 43.06
CA ARG C 153 -17.05 15.87 41.95
C ARG C 153 -18.01 15.98 40.78
N LEU C 154 -18.82 14.94 40.59
CA LEU C 154 -19.80 14.92 39.50
C LEU C 154 -20.78 16.08 39.72
N GLN C 155 -21.35 16.13 40.91
CA GLN C 155 -22.31 17.16 41.26
C GLN C 155 -21.67 18.54 41.15
N GLU C 156 -20.38 18.59 41.48
CA GLU C 156 -19.62 19.83 41.40
C GLU C 156 -19.65 20.34 39.97
N LYS C 157 -19.39 19.46 39.01
CA LYS C 157 -19.38 19.83 37.60
C LYS C 157 -20.78 20.14 37.11
N PHE C 158 -21.78 19.46 37.66
CA PHE C 158 -23.16 19.70 37.28
C PHE C 158 -23.56 21.13 37.64
N ASP C 159 -23.13 21.57 38.84
CA ASP C 159 -23.45 22.91 39.31
C ASP C 159 -22.84 23.95 38.38
N TRP C 160 -21.57 23.73 38.00
CA TRP C 160 -20.89 24.66 37.11
C TRP C 160 -21.71 24.85 35.83
N LEU C 161 -22.18 23.73 35.26
CA LEU C 161 -22.98 23.77 34.04
C LEU C 161 -24.31 24.50 34.19
N ARG C 162 -25.02 24.22 35.28
CA ARG C 162 -26.31 24.83 35.53
C ARG C 162 -26.19 26.34 35.71
N ARG C 163 -25.08 26.77 36.30
CA ARG C 163 -24.87 28.19 36.55
C ARG C 163 -24.30 28.93 35.33
N GLU C 164 -23.67 28.20 34.42
CA GLU C 164 -23.07 28.82 33.25
C GLU C 164 -23.97 28.85 32.02
N ALA C 165 -24.77 27.80 31.86
CA ALA C 165 -25.66 27.70 30.70
C ALA C 165 -27.10 28.05 31.05
N SER C 166 -27.85 28.51 30.06
CA SER C 166 -29.24 28.87 30.27
C SER C 166 -30.13 27.64 30.10
N ALA C 167 -31.39 27.79 30.47
CA ALA C 167 -32.36 26.71 30.34
C ALA C 167 -32.50 26.30 28.88
N GLU C 168 -32.58 27.30 28.00
CA GLU C 168 -32.72 27.03 26.57
C GLU C 168 -31.52 26.25 26.05
N GLU C 169 -30.33 26.63 26.48
CA GLU C 169 -29.12 25.92 26.06
C GLU C 169 -29.13 24.50 26.56
N LEU C 170 -29.39 24.33 27.86
CA LEU C 170 -29.41 23.01 28.49
C LEU C 170 -30.38 22.04 27.84
N ALA C 171 -31.48 22.55 27.33
CA ALA C 171 -32.47 21.71 26.67
C ALA C 171 -31.95 21.22 25.31
N GLY C 172 -30.88 21.85 24.82
CA GLY C 172 -30.33 21.44 23.54
C GLY C 172 -28.97 20.79 23.67
N PHE C 173 -28.46 20.73 24.89
CA PHE C 173 -27.14 20.15 25.17
C PHE C 173 -27.26 18.63 25.37
N LYS C 174 -26.95 17.87 24.32
CA LYS C 174 -27.01 16.40 24.33
C LYS C 174 -25.71 15.76 24.78
N MET C 175 -25.78 15.01 25.88
CA MET C 175 -24.60 14.36 26.46
C MET C 175 -24.77 12.84 26.64
N ALA C 176 -23.74 12.11 26.26
CA ALA C 176 -23.76 10.65 26.39
C ALA C 176 -22.53 10.20 27.17
N ASP C 177 -22.64 9.07 27.85
CA ASP C 177 -21.51 8.52 28.60
C ASP C 177 -20.81 7.48 27.74
N PHE C 178 -19.53 7.68 27.49
CA PHE C 178 -18.71 6.75 26.70
C PHE C 178 -17.51 6.31 27.56
N GLY C 179 -17.62 6.42 28.88
CA GLY C 179 -16.48 6.10 29.74
C GLY C 179 -16.18 4.73 30.31
N THR C 180 -16.60 3.66 29.66
CA THR C 180 -16.31 2.32 30.17
C THR C 180 -14.82 1.96 30.32
N ARG C 181 -14.08 2.07 29.22
CA ARG C 181 -12.68 1.68 29.14
C ARG C 181 -11.65 2.20 30.13
N ARG C 182 -11.76 3.46 30.52
CA ARG C 182 -10.79 4.01 31.46
C ARG C 182 -11.45 4.45 32.76
N ARG C 183 -12.56 3.82 33.10
CA ARG C 183 -13.27 4.16 34.32
C ARG C 183 -12.38 3.87 35.53
N PHE C 184 -12.60 4.61 36.61
CA PHE C 184 -11.82 4.40 37.83
C PHE C 184 -12.08 2.98 38.30
N SER C 185 -13.35 2.62 38.32
CA SER C 185 -13.79 1.28 38.73
C SER C 185 -15.23 1.14 38.24
N TYR C 186 -15.78 -0.07 38.30
CA TYR C 186 -17.16 -0.25 37.87
C TYR C 186 -18.16 0.50 38.75
N ARG C 187 -17.98 0.42 40.07
CA ARG C 187 -18.91 1.06 40.99
C ARG C 187 -19.03 2.56 40.77
N VAL C 188 -17.89 3.21 40.57
CA VAL C 188 -17.88 4.64 40.32
C VAL C 188 -18.61 4.92 38.99
N HIS C 189 -18.40 4.04 38.01
CA HIS C 189 -19.03 4.18 36.70
C HIS C 189 -20.55 4.11 36.85
N GLU C 190 -21.03 3.14 37.63
CA GLU C 190 -22.47 3.00 37.83
C GLU C 190 -23.02 4.23 38.53
N ALA C 191 -22.30 4.72 39.53
CA ALA C 191 -22.74 5.90 40.27
C ALA C 191 -22.82 7.13 39.34
N VAL C 192 -21.76 7.32 38.54
CA VAL C 192 -21.72 8.42 37.60
C VAL C 192 -22.89 8.38 36.61
N VAL C 193 -23.15 7.21 36.04
CA VAL C 193 -24.25 7.12 35.10
C VAL C 193 -25.59 7.34 35.79
N SER C 194 -25.73 6.79 37.00
CA SER C 194 -26.98 6.96 37.73
C SER C 194 -27.16 8.45 38.04
N GLY C 195 -26.05 9.12 38.35
CA GLY C 195 -26.11 10.54 38.65
C GLY C 195 -26.53 11.34 37.43
N LEU C 196 -25.89 11.06 36.30
CA LEU C 196 -26.21 11.73 35.04
C LEU C 196 -27.70 11.56 34.73
N LYS C 197 -28.19 10.34 34.88
CA LYS C 197 -29.58 10.06 34.59
C LYS C 197 -30.54 10.86 35.47
N GLU C 198 -30.20 10.98 36.74
CA GLU C 198 -31.04 11.69 37.69
C GLU C 198 -30.81 13.20 37.76
N ASP C 199 -29.56 13.63 37.64
CA ASP C 199 -29.27 15.06 37.80
C ASP C 199 -28.57 15.85 36.70
N PHE C 200 -28.26 15.23 35.57
CA PHE C 200 -27.58 16.01 34.52
C PHE C 200 -28.44 17.22 34.14
N PRO C 201 -27.86 18.43 34.22
CA PRO C 201 -28.57 19.67 33.88
C PRO C 201 -29.05 19.70 32.42
N GLY C 202 -28.28 19.05 31.52
CA GLY C 202 -28.67 19.03 30.13
C GLY C 202 -29.53 17.83 29.81
N CYS C 203 -29.43 17.32 28.58
CA CYS C 203 -30.19 16.16 28.14
C CYS C 203 -29.25 14.97 28.08
N PHE C 204 -29.31 14.11 29.09
CA PHE C 204 -28.45 12.93 29.09
C PHE C 204 -29.12 11.95 28.14
N VAL C 205 -28.49 11.65 27.01
CA VAL C 205 -29.10 10.77 26.03
C VAL C 205 -28.93 9.28 26.23
N GLY C 206 -27.94 8.86 26.99
CA GLY C 206 -27.75 7.43 27.21
C GLY C 206 -26.31 7.07 27.49
N THR C 207 -26.02 5.77 27.45
CA THR C 207 -24.66 5.32 27.72
C THR C 207 -24.23 4.23 26.73
N SER C 208 -22.92 4.15 26.48
CA SER C 208 -22.40 3.14 25.57
C SER C 208 -22.30 1.77 26.26
N ASN C 209 -22.27 1.77 27.58
CA ASN C 209 -22.17 0.54 28.36
C ASN C 209 -23.51 -0.18 28.37
N VAL C 210 -23.54 -1.35 27.76
CA VAL C 210 -24.77 -2.13 27.65
C VAL C 210 -25.34 -2.59 29.00
N HIS C 211 -24.46 -3.03 29.90
CA HIS C 211 -24.89 -3.48 31.22
C HIS C 211 -25.59 -2.34 31.94
N LEU C 212 -24.98 -1.16 31.97
CA LEU C 212 -25.58 -0.02 32.63
C LEU C 212 -26.84 0.40 31.88
N ALA C 213 -26.85 0.19 30.57
CA ALA C 213 -28.01 0.54 29.78
C ALA C 213 -29.22 -0.29 30.25
N ARG C 214 -29.00 -1.58 30.48
CA ARG C 214 -30.08 -2.43 30.94
C ARG C 214 -30.40 -2.12 32.40
N LYS C 215 -29.36 -2.13 33.22
CA LYS C 215 -29.49 -1.87 34.65
C LYS C 215 -30.29 -0.58 34.90
N LEU C 216 -29.79 0.53 34.37
CA LEU C 216 -30.44 1.83 34.57
C LEU C 216 -31.51 2.17 33.55
N ASP C 217 -31.85 1.22 32.68
CA ASP C 217 -32.86 1.43 31.66
C ASP C 217 -32.61 2.69 30.82
N LEU C 218 -31.46 2.72 30.18
CA LEU C 218 -31.08 3.84 29.33
C LEU C 218 -30.90 3.30 27.92
N LYS C 219 -30.80 4.20 26.95
CA LYS C 219 -30.61 3.79 25.57
C LYS C 219 -29.16 3.41 25.36
N PRO C 220 -28.90 2.22 24.80
CA PRO C 220 -27.52 1.81 24.57
C PRO C 220 -27.03 2.60 23.35
N LEU C 221 -25.87 3.25 23.46
CA LEU C 221 -25.36 4.06 22.36
C LEU C 221 -24.06 3.55 21.74
N GLY C 222 -23.92 3.73 20.43
CA GLY C 222 -22.71 3.27 19.77
C GLY C 222 -22.66 3.46 18.26
N THR C 223 -21.67 4.22 17.79
CA THR C 223 -21.48 4.49 16.37
C THR C 223 -20.66 3.34 15.75
N MET C 224 -19.57 3.67 15.07
CA MET C 224 -18.70 2.65 14.50
C MET C 224 -17.32 2.92 15.07
N ALA C 225 -16.46 1.91 15.06
CA ALA C 225 -15.12 2.07 15.59
C ALA C 225 -14.04 2.15 14.54
N HIS C 226 -12.87 2.60 14.95
CA HIS C 226 -11.74 2.73 14.05
C HIS C 226 -11.31 1.38 13.49
N GLU C 227 -11.35 0.33 14.30
CA GLU C 227 -10.92 -0.98 13.84
C GLU C 227 -11.67 -1.48 12.61
N TRP C 228 -12.94 -1.10 12.50
CA TRP C 228 -13.75 -1.50 11.35
C TRP C 228 -13.13 -0.90 10.09
N LEU C 229 -12.81 0.39 10.13
CA LEU C 229 -12.21 1.07 9.00
C LEU C 229 -10.79 0.56 8.74
N MET C 230 -10.03 0.34 9.82
CA MET C 230 -8.67 -0.15 9.71
C MET C 230 -8.58 -1.55 9.08
N ALA C 231 -9.42 -2.47 9.54
CA ALA C 231 -9.39 -3.83 9.03
C ALA C 231 -9.57 -3.90 7.52
N HIS C 232 -10.39 -3.02 6.98
CA HIS C 232 -10.63 -3.01 5.54
C HIS C 232 -9.40 -2.70 4.69
N GLN C 233 -8.32 -2.31 5.34
CA GLN C 233 -7.07 -2.04 4.65
C GLN C 233 -6.42 -3.34 4.21
N GLN C 234 -6.94 -4.46 4.70
CA GLN C 234 -6.37 -5.76 4.35
C GLN C 234 -7.43 -6.82 4.04
N LEU C 235 -8.70 -6.47 4.22
CA LEU C 235 -9.78 -7.42 3.96
C LEU C 235 -10.06 -7.74 2.49
N GLY C 236 -9.58 -6.91 1.57
CA GLY C 236 -9.83 -7.19 0.16
C GLY C 236 -9.69 -6.05 -0.84
N PRO C 237 -10.20 -4.85 -0.55
CA PRO C 237 -10.05 -3.78 -1.54
C PRO C 237 -8.68 -3.10 -1.56
N ARG C 238 -8.41 -2.36 -2.63
CA ARG C 238 -7.17 -1.59 -2.75
C ARG C 238 -7.13 -0.68 -1.53
N LEU C 239 -5.93 -0.36 -1.07
CA LEU C 239 -5.75 0.51 0.06
C LEU C 239 -6.53 1.82 -0.12
N ILE C 240 -6.40 2.43 -1.30
CA ILE C 240 -7.09 3.69 -1.57
C ILE C 240 -8.62 3.60 -1.51
N ASP C 241 -9.18 2.39 -1.68
CA ASP C 241 -10.64 2.21 -1.62
C ASP C 241 -11.09 1.59 -0.28
N SER C 242 -10.16 1.34 0.62
CA SER C 242 -10.47 0.70 1.90
C SER C 242 -11.49 1.41 2.78
N GLN C 243 -11.37 2.72 2.88
CA GLN C 243 -12.27 3.51 3.71
C GLN C 243 -13.69 3.49 3.14
N SER C 244 -13.80 3.65 1.82
CA SER C 244 -15.11 3.64 1.17
C SER C 244 -15.72 2.26 1.28
N ALA C 245 -14.88 1.24 1.14
CA ALA C 245 -15.37 -0.13 1.23
C ALA C 245 -15.92 -0.39 2.64
N ALA C 246 -15.25 0.15 3.66
CA ALA C 246 -15.70 -0.05 5.03
C ALA C 246 -17.05 0.58 5.28
N LEU C 247 -17.24 1.80 4.75
CA LEU C 247 -18.52 2.49 4.92
C LEU C 247 -19.62 1.76 4.16
N ASP C 248 -19.28 1.24 2.99
CA ASP C 248 -20.25 0.53 2.16
C ASP C 248 -20.71 -0.77 2.78
N CYS C 249 -19.78 -1.52 3.36
CA CYS C 249 -20.15 -2.77 3.99
C CYS C 249 -21.03 -2.47 5.21
N TRP C 250 -20.74 -1.37 5.90
CA TRP C 250 -21.53 -1.00 7.08
C TRP C 250 -22.96 -0.65 6.69
N VAL C 251 -23.12 0.15 5.65
CA VAL C 251 -24.44 0.53 5.20
C VAL C 251 -25.17 -0.69 4.63
N ARG C 252 -24.42 -1.59 4.03
CA ARG C 252 -25.00 -2.82 3.49
C ARG C 252 -25.51 -3.68 4.64
N GLU C 253 -24.78 -3.70 5.74
CA GLU C 253 -25.15 -4.48 6.91
C GLU C 253 -26.38 -3.94 7.65
N TYR C 254 -26.35 -2.65 7.97
CA TYR C 254 -27.42 -2.04 8.72
C TYR C 254 -28.50 -1.29 7.96
N ARG C 255 -28.38 -1.26 6.64
CA ARG C 255 -29.38 -0.62 5.78
C ARG C 255 -29.89 0.74 6.24
N GLY C 256 -29.00 1.64 6.65
CA GLY C 256 -29.46 2.95 7.06
C GLY C 256 -29.53 3.23 8.56
N LEU C 257 -29.37 2.19 9.39
CA LEU C 257 -29.39 2.41 10.84
C LEU C 257 -27.95 2.54 11.31
N LEU C 258 -27.77 2.96 12.57
CA LEU C 258 -26.44 3.11 13.14
C LEU C 258 -25.58 3.91 12.16
N GLY C 259 -26.15 5.00 11.65
CA GLY C 259 -25.45 5.80 10.67
C GLY C 259 -24.56 6.98 11.06
N ILE C 260 -23.61 6.75 11.98
CA ILE C 260 -22.67 7.82 12.34
C ILE C 260 -21.29 7.29 11.95
N ALA C 261 -20.61 8.00 11.06
CA ALA C 261 -19.29 7.54 10.61
C ALA C 261 -18.12 8.31 11.20
N LEU C 262 -16.98 7.64 11.33
CA LEU C 262 -15.75 8.26 11.83
C LEU C 262 -15.03 8.82 10.61
N THR C 263 -14.46 10.01 10.72
CA THR C 263 -13.79 10.65 9.59
C THR C 263 -12.27 10.69 9.68
N ASP C 264 -11.70 10.17 10.76
CA ASP C 264 -10.25 10.26 10.90
C ASP C 264 -9.42 8.98 10.90
N CYS C 265 -9.86 7.95 10.17
CA CYS C 265 -9.05 6.74 10.13
C CYS C 265 -7.76 7.10 9.40
N ILE C 266 -7.91 7.93 8.37
CA ILE C 266 -6.78 8.41 7.60
C ILE C 266 -6.69 9.87 8.02
N THR C 267 -7.41 10.75 7.32
CA THR C 267 -7.47 12.16 7.68
C THR C 267 -8.85 12.64 7.24
N THR C 268 -9.39 13.64 7.93
CA THR C 268 -10.69 14.16 7.57
C THR C 268 -10.73 14.63 6.10
N ASP C 269 -9.66 15.25 5.63
CA ASP C 269 -9.65 15.71 4.23
C ASP C 269 -9.82 14.54 3.27
N ALA C 270 -9.09 13.46 3.54
CA ALA C 270 -9.16 12.26 2.71
C ALA C 270 -10.57 11.72 2.75
N PHE C 271 -11.14 11.68 3.96
CA PHE C 271 -12.50 11.20 4.15
C PHE C 271 -13.51 12.00 3.32
N LEU C 272 -13.53 13.31 3.50
CA LEU C 272 -14.48 14.14 2.77
C LEU C 272 -14.34 13.99 1.25
N ARG C 273 -13.13 13.76 0.75
CA ARG C 273 -12.96 13.59 -0.68
C ARG C 273 -13.79 12.41 -1.19
N ASP C 274 -13.91 11.36 -0.38
CA ASP C 274 -14.67 10.19 -0.79
C ASP C 274 -16.08 10.09 -0.19
N PHE C 275 -16.46 11.08 0.61
CA PHE C 275 -17.78 11.09 1.21
C PHE C 275 -18.72 11.73 0.19
N ASP C 276 -19.00 11.01 -0.90
CA ASP C 276 -19.86 11.56 -1.94
C ASP C 276 -21.33 11.63 -1.55
N LEU C 277 -22.18 11.98 -2.51
CA LEU C 277 -23.61 12.12 -2.25
C LEU C 277 -24.24 10.83 -1.72
N TYR C 278 -23.83 9.71 -2.29
CA TYR C 278 -24.33 8.41 -1.88
C TYR C 278 -24.14 8.21 -0.37
N PHE C 279 -22.90 8.34 0.10
CA PHE C 279 -22.62 8.18 1.51
C PHE C 279 -23.21 9.30 2.37
N ALA C 280 -23.13 10.53 1.88
CA ALA C 280 -23.65 11.67 2.64
C ALA C 280 -25.16 11.57 2.90
N LYS C 281 -25.88 10.92 1.99
CA LYS C 281 -27.32 10.76 2.13
C LYS C 281 -27.67 9.64 3.11
N LEU C 282 -26.96 8.52 3.00
CA LEU C 282 -27.21 7.37 3.86
C LEU C 282 -26.90 7.63 5.33
N PHE C 283 -25.69 8.10 5.62
CA PHE C 283 -25.29 8.38 6.99
C PHE C 283 -26.02 9.56 7.61
N ASP C 284 -26.38 9.41 8.88
CA ASP C 284 -27.08 10.45 9.61
C ASP C 284 -26.13 11.52 10.16
N GLY C 285 -24.85 11.18 10.22
CA GLY C 285 -23.89 12.14 10.75
C GLY C 285 -22.47 11.63 10.85
N LEU C 286 -21.63 12.41 11.52
CA LEU C 286 -20.22 12.07 11.66
C LEU C 286 -19.73 12.27 13.09
N ARG C 287 -18.73 11.48 13.49
CA ARG C 287 -18.16 11.60 14.82
C ARG C 287 -16.76 12.18 14.77
N HIS C 288 -16.48 13.14 15.64
CA HIS C 288 -15.17 13.77 15.71
C HIS C 288 -14.36 13.12 16.82
N ASP C 289 -13.15 12.65 16.48
CA ASP C 289 -12.33 11.98 17.49
C ASP C 289 -10.87 12.47 17.58
N SER C 290 -10.47 13.37 16.69
CA SER C 290 -9.11 13.88 16.73
C SER C 290 -9.02 15.25 16.07
N GLY C 291 -8.03 16.03 16.47
CA GLY C 291 -7.86 17.35 15.89
C GLY C 291 -8.78 18.41 16.45
N ASP C 292 -8.65 19.61 15.89
CA ASP C 292 -9.44 20.76 16.29
C ASP C 292 -10.90 20.50 15.94
N PRO C 293 -11.78 20.42 16.95
CA PRO C 293 -13.21 20.17 16.74
C PRO C 293 -13.92 21.21 15.87
N LEU C 294 -13.54 22.48 16.01
CA LEU C 294 -14.19 23.53 15.25
C LEU C 294 -13.76 23.55 13.78
N LEU C 295 -12.50 23.27 13.49
CA LEU C 295 -12.06 23.25 12.09
C LEU C 295 -12.75 22.07 11.41
N TRP C 296 -12.77 20.94 12.13
CA TRP C 296 -13.42 19.71 11.63
C TRP C 296 -14.89 20.00 11.29
N ALA C 297 -15.59 20.65 12.21
CA ALA C 297 -17.01 20.97 12.00
C ALA C 297 -17.22 21.85 10.77
N GLU C 298 -16.34 22.84 10.60
CA GLU C 298 -16.46 23.73 9.45
C GLU C 298 -16.32 22.93 8.16
N LYS C 299 -15.31 22.07 8.10
CA LYS C 299 -15.10 21.25 6.93
C LYS C 299 -16.31 20.35 6.63
N THR C 300 -16.84 19.67 7.65
CA THR C 300 -17.98 18.78 7.42
C THR C 300 -19.23 19.54 7.03
N ILE C 301 -19.44 20.70 7.65
CA ILE C 301 -20.61 21.50 7.33
C ILE C 301 -20.51 22.04 5.90
N ALA C 302 -19.35 22.56 5.52
CA ALA C 302 -19.16 23.07 4.18
C ALA C 302 -19.35 21.97 3.13
N HIS C 303 -18.90 20.77 3.45
CA HIS C 303 -19.04 19.66 2.52
C HIS C 303 -20.53 19.34 2.27
N TYR C 304 -21.33 19.34 3.34
CA TYR C 304 -22.75 19.07 3.17
C TYR C 304 -23.37 20.16 2.30
N LEU C 305 -23.04 21.42 2.58
CA LEU C 305 -23.60 22.52 1.78
C LEU C 305 -23.20 22.35 0.33
N LYS C 306 -21.92 22.07 0.10
CA LYS C 306 -21.43 21.87 -1.26
C LYS C 306 -22.27 20.79 -1.96
N LEU C 307 -22.61 19.73 -1.23
CA LEU C 307 -23.40 18.64 -1.80
C LEU C 307 -24.86 19.00 -1.93
N GLY C 308 -25.27 20.13 -1.37
CA GLY C 308 -26.66 20.52 -1.44
C GLY C 308 -27.50 19.80 -0.41
N ILE C 309 -26.84 19.27 0.62
CA ILE C 309 -27.53 18.58 1.69
C ILE C 309 -27.77 19.53 2.85
N ASP C 310 -28.98 19.53 3.39
CA ASP C 310 -29.32 20.40 4.51
C ASP C 310 -28.62 19.91 5.77
N PRO C 311 -27.65 20.69 6.30
CA PRO C 311 -26.91 20.34 7.51
C PRO C 311 -27.79 20.08 8.73
N LEU C 312 -28.92 20.79 8.80
CA LEU C 312 -29.82 20.63 9.93
C LEU C 312 -30.51 19.28 9.97
N THR C 313 -30.28 18.44 8.96
CA THR C 313 -30.86 17.11 8.93
C THR C 313 -29.77 16.11 9.31
N LYS C 314 -28.57 16.63 9.58
CA LYS C 314 -27.44 15.77 9.97
C LYS C 314 -26.97 16.07 11.38
N THR C 315 -26.14 15.17 11.92
CA THR C 315 -25.63 15.33 13.27
C THR C 315 -24.13 15.10 13.38
N LEU C 316 -23.48 15.93 14.18
CA LEU C 316 -22.04 15.79 14.42
C LEU C 316 -21.91 15.38 15.88
N VAL C 317 -21.15 14.31 16.12
CA VAL C 317 -20.93 13.81 17.47
C VAL C 317 -19.48 14.10 17.88
N PHE C 318 -19.31 14.77 19.01
CA PHE C 318 -17.98 15.11 19.51
C PHE C 318 -17.66 14.24 20.74
N SER C 319 -16.50 13.57 20.70
CA SER C 319 -16.13 12.70 21.81
C SER C 319 -14.62 12.60 22.01
N ASP C 320 -13.87 13.63 21.64
CA ASP C 320 -12.42 13.57 21.80
C ASP C 320 -11.93 14.16 23.13
N GLY C 321 -11.94 13.33 24.17
CA GLY C 321 -11.49 13.76 25.49
C GLY C 321 -12.13 15.04 25.98
N LEU C 322 -13.45 15.13 25.88
CA LEU C 322 -14.17 16.32 26.32
C LEU C 322 -14.54 16.33 27.80
N ASP C 323 -14.72 17.53 28.34
CA ASP C 323 -15.17 17.73 29.71
C ASP C 323 -16.34 18.67 29.47
N LEU C 324 -17.13 19.02 30.48
CA LEU C 324 -18.27 19.89 30.23
C LEU C 324 -17.98 21.24 29.58
N PRO C 325 -16.99 21.99 30.10
CA PRO C 325 -16.68 23.29 29.49
C PRO C 325 -16.36 23.23 27.99
N ARG C 326 -15.50 22.30 27.61
CA ARG C 326 -15.13 22.15 26.21
C ARG C 326 -16.32 21.79 25.34
N ALA C 327 -17.17 20.90 25.81
CA ALA C 327 -18.33 20.49 25.04
C ALA C 327 -19.28 21.67 24.88
N LEU C 328 -19.49 22.40 25.97
CA LEU C 328 -20.37 23.56 25.93
C LEU C 328 -19.85 24.60 24.93
N LYS C 329 -18.53 24.76 24.86
CA LYS C 329 -17.94 25.72 23.91
C LYS C 329 -18.26 25.33 22.47
N ILE C 330 -18.07 24.06 22.14
CA ILE C 330 -18.34 23.57 20.80
C ILE C 330 -19.82 23.82 20.50
N TYR C 331 -20.66 23.50 21.47
CA TYR C 331 -22.10 23.68 21.34
C TYR C 331 -22.49 25.13 21.04
N ARG C 332 -21.91 26.07 21.77
CA ARG C 332 -22.24 27.48 21.57
C ARG C 332 -21.79 27.99 20.22
N ALA C 333 -20.68 27.46 19.72
CA ALA C 333 -20.15 27.89 18.43
C ALA C 333 -20.97 27.37 17.24
N LEU C 334 -21.41 26.13 17.31
CA LEU C 334 -22.13 25.51 16.20
C LEU C 334 -23.65 25.55 16.25
N GLN C 335 -24.20 25.88 17.41
CA GLN C 335 -25.65 25.92 17.57
C GLN C 335 -26.34 26.60 16.40
N GLY C 336 -27.38 25.95 15.87
CA GLY C 336 -28.13 26.49 14.75
C GLY C 336 -27.62 26.12 13.37
N ARG C 337 -26.34 25.77 13.26
CA ARG C 337 -25.76 25.43 11.96
C ARG C 337 -25.90 23.96 11.59
N ILE C 338 -26.03 23.11 12.59
CA ILE C 338 -26.16 21.67 12.37
C ILE C 338 -26.45 21.07 13.74
N ASN C 339 -26.98 19.85 13.78
CA ASN C 339 -27.26 19.24 15.09
C ASN C 339 -25.96 18.70 15.65
N VAL C 340 -25.82 18.76 16.96
CA VAL C 340 -24.62 18.27 17.63
C VAL C 340 -24.98 17.56 18.92
N SER C 341 -24.16 16.58 19.29
CA SER C 341 -24.34 15.84 20.53
C SER C 341 -22.93 15.54 20.99
N PHE C 342 -22.76 15.22 22.27
CA PHE C 342 -21.43 14.96 22.77
C PHE C 342 -21.35 13.67 23.55
N GLY C 343 -20.14 13.14 23.62
CA GLY C 343 -19.91 11.91 24.37
C GLY C 343 -18.69 12.15 25.23
N ILE C 344 -18.86 12.08 26.54
CA ILE C 344 -17.75 12.27 27.46
C ILE C 344 -17.44 10.94 28.11
N GLY C 345 -16.15 10.66 28.29
CA GLY C 345 -15.78 9.39 28.90
C GLY C 345 -15.05 9.50 30.22
N THR C 346 -13.73 9.32 30.16
CA THR C 346 -12.89 9.34 31.33
C THR C 346 -13.08 10.57 32.22
N HIS C 347 -13.41 11.71 31.63
CA HIS C 347 -13.60 12.92 32.43
C HIS C 347 -14.84 12.81 33.32
N PHE C 348 -15.66 11.79 33.06
CA PHE C 348 -16.87 11.55 33.84
C PHE C 348 -16.69 10.31 34.73
N THR C 349 -16.13 9.25 34.15
CA THR C 349 -15.94 7.98 34.84
C THR C 349 -14.64 7.81 35.60
N CYS C 350 -13.75 8.79 35.54
CA CYS C 350 -12.51 8.70 36.28
C CYS C 350 -12.05 10.08 36.70
N ASP C 351 -12.81 10.67 37.61
CA ASP C 351 -12.49 12.00 38.11
C ASP C 351 -12.53 12.00 39.64
N LEU C 352 -11.52 11.40 40.25
CA LEU C 352 -11.40 11.33 41.71
C LEU C 352 -10.25 12.24 42.13
N PRO C 353 -10.43 13.00 43.22
CA PRO C 353 -9.39 13.91 43.71
C PRO C 353 -8.01 13.25 43.81
N GLY C 354 -7.00 13.96 43.31
CA GLY C 354 -5.64 13.45 43.35
C GLY C 354 -5.42 12.16 42.59
N VAL C 355 -6.42 11.74 41.81
CA VAL C 355 -6.32 10.51 41.02
C VAL C 355 -6.17 10.82 39.53
N GLU C 356 -5.09 10.33 38.94
CA GLU C 356 -4.87 10.56 37.51
C GLU C 356 -5.24 9.29 36.73
N PRO C 357 -6.15 9.42 35.75
CA PRO C 357 -6.58 8.28 34.92
C PRO C 357 -5.40 7.63 34.22
N MET C 358 -5.52 6.35 33.90
CA MET C 358 -4.46 5.64 33.19
C MET C 358 -4.46 6.03 31.72
N ASN C 359 -3.28 6.02 31.11
CA ASN C 359 -3.15 6.34 29.71
C ASN C 359 -2.83 5.02 29.02
N ILE C 360 -3.88 4.25 28.73
CA ILE C 360 -3.74 2.95 28.11
C ILE C 360 -4.69 2.75 26.92
N VAL C 361 -4.25 1.95 25.97
CA VAL C 361 -5.04 1.66 24.78
C VAL C 361 -4.76 0.23 24.32
N VAL C 362 -5.67 -0.31 23.54
CA VAL C 362 -5.53 -1.65 22.96
C VAL C 362 -5.79 -1.41 21.49
N LYS C 363 -4.73 -1.16 20.72
CA LYS C 363 -4.88 -0.87 19.30
C LYS C 363 -4.64 -2.03 18.34
N MET C 364 -5.40 -2.03 17.26
CA MET C 364 -5.30 -3.06 16.23
C MET C 364 -4.03 -2.79 15.45
N SER C 365 -3.24 -3.84 15.25
CA SER C 365 -1.98 -3.70 14.54
C SER C 365 -1.92 -4.44 13.21
N ALA C 366 -2.80 -5.41 13.02
CA ALA C 366 -2.78 -6.16 11.77
C ALA C 366 -4.07 -6.90 11.53
N CYS C 367 -4.34 -7.19 10.26
CA CYS C 367 -5.52 -7.94 9.87
C CYS C 367 -5.05 -8.94 8.83
N ASN C 368 -5.43 -10.21 9.03
CA ASN C 368 -5.01 -11.26 8.12
C ASN C 368 -3.50 -11.30 7.84
N GLY C 369 -2.71 -11.14 8.90
CA GLY C 369 -1.26 -11.20 8.76
C GLY C 369 -0.56 -10.01 8.10
N HIS C 370 -1.30 -8.94 7.87
CA HIS C 370 -0.72 -7.76 7.25
C HIS C 370 -1.08 -6.53 8.06
N PRO C 371 -0.25 -5.48 7.97
CA PRO C 371 -0.50 -4.26 8.73
C PRO C 371 -1.71 -3.43 8.34
N VAL C 372 -2.21 -2.70 9.33
CA VAL C 372 -3.33 -1.76 9.17
C VAL C 372 -2.89 -0.62 10.04
N ALA C 373 -3.50 0.55 9.89
CA ALA C 373 -3.09 1.67 10.71
C ALA C 373 -4.07 2.82 10.72
N LYS C 374 -4.00 3.62 11.78
CA LYS C 374 -4.84 4.80 11.91
C LYS C 374 -3.87 5.99 11.84
N ILE C 375 -4.21 6.99 11.06
CA ILE C 375 -3.37 8.17 10.95
C ILE C 375 -3.96 9.27 11.82
N SER C 376 -5.24 9.59 11.58
CA SER C 376 -5.99 10.60 12.31
C SER C 376 -5.51 12.01 12.00
N ASP C 377 -6.26 13.00 12.47
CA ASP C 377 -5.91 14.39 12.25
C ASP C 377 -4.93 14.90 13.30
N THR C 378 -4.41 14.00 14.13
CA THR C 378 -3.45 14.36 15.17
C THR C 378 -2.09 13.74 14.88
N PRO C 379 -1.06 14.57 14.86
CA PRO C 379 0.31 14.12 14.60
C PRO C 379 0.78 13.13 15.68
N PRO C 387 6.23 1.34 8.93
CA PRO C 387 7.35 1.51 8.01
C PRO C 387 6.91 1.75 6.56
N ASP C 388 7.11 0.75 5.71
CA ASP C 388 6.72 0.88 4.30
C ASP C 388 5.22 1.09 4.13
N PHE C 389 4.43 0.41 4.96
CA PHE C 389 2.97 0.49 4.87
C PHE C 389 2.44 1.91 5.12
N ILE C 390 2.76 2.47 6.28
CA ILE C 390 2.32 3.82 6.62
C ILE C 390 2.73 4.84 5.56
N HIS C 391 3.91 4.65 5.00
CA HIS C 391 4.42 5.55 3.96
C HIS C 391 3.61 5.40 2.67
N TYR C 392 3.25 4.16 2.35
CA TYR C 392 2.47 3.92 1.15
C TYR C 392 1.03 4.36 1.37
N LEU C 393 0.52 4.11 2.57
CA LEU C 393 -0.84 4.51 2.94
C LEU C 393 -0.99 6.01 2.81
N LYS C 394 -0.06 6.76 3.37
CA LYS C 394 -0.09 8.22 3.31
C LYS C 394 0.00 8.70 1.87
N HIS C 395 0.75 7.97 1.04
CA HIS C 395 0.89 8.36 -0.35
C HIS C 395 -0.39 8.23 -1.17
N VAL C 396 -1.05 7.08 -1.12
CA VAL C 396 -2.27 6.90 -1.91
C VAL C 396 -3.40 7.82 -1.47
N PHE C 397 -3.42 8.18 -0.20
CA PHE C 397 -4.45 9.08 0.31
C PHE C 397 -3.94 10.53 0.31
N GLN C 398 -2.76 10.73 -0.26
CA GLN C 398 -2.16 12.05 -0.34
C GLN C 398 -2.06 12.67 1.06
N VAL C 399 -1.38 11.94 1.93
CA VAL C 399 -1.13 12.24 3.34
C VAL C 399 -2.40 12.36 4.17
N LEU D 3 -37.49 38.36 32.80
CA LEU D 3 -37.10 37.00 32.33
C LEU D 3 -36.70 37.02 30.86
N ALA D 4 -37.18 38.02 30.13
CA ALA D 4 -36.88 38.15 28.70
C ALA D 4 -35.36 38.22 28.50
N GLU D 5 -34.89 37.65 27.41
CA GLU D 5 -33.46 37.67 27.13
C GLU D 5 -32.99 39.10 26.91
N SER D 6 -31.85 39.45 27.50
CA SER D 6 -31.31 40.79 27.34
C SER D 6 -30.92 41.05 25.89
N ALA D 7 -30.99 42.30 25.46
CA ALA D 7 -30.63 42.65 24.10
C ALA D 7 -29.11 42.62 23.95
N PHE D 8 -28.40 42.50 25.07
CA PHE D 8 -26.95 42.50 25.02
C PHE D 8 -26.30 41.16 25.39
N SER D 9 -25.36 40.73 24.54
CA SER D 9 -24.62 39.48 24.75
C SER D 9 -23.33 39.89 25.48
N GLU D 10 -22.41 38.95 25.70
CA GLU D 10 -21.17 39.28 26.41
C GLU D 10 -20.20 40.09 25.55
N ARG D 11 -19.90 39.59 24.36
CA ARG D 11 -19.00 40.27 23.43
C ARG D 11 -19.80 41.27 22.61
N ILE D 12 -19.12 42.32 22.15
CA ILE D 12 -19.77 43.33 21.33
C ILE D 12 -19.43 43.01 19.87
N VAL D 13 -18.15 43.07 19.52
CA VAL D 13 -17.74 42.69 18.18
C VAL D 13 -17.44 41.20 18.42
N GLN D 14 -18.12 40.33 17.69
CA GLN D 14 -17.95 38.90 17.91
C GLN D 14 -16.60 38.33 17.54
N ASN D 15 -16.13 38.66 16.36
CA ASN D 15 -14.87 38.14 15.89
C ASN D 15 -14.47 38.92 14.64
N LEU D 16 -13.43 38.47 13.96
CA LEU D 16 -12.93 39.17 12.78
C LEU D 16 -13.91 39.17 11.60
N LEU D 17 -14.88 38.26 11.61
CA LEU D 17 -15.86 38.16 10.54
C LEU D 17 -17.04 39.08 10.78
N ASP D 18 -17.15 39.62 12.00
CA ASP D 18 -18.24 40.51 12.35
C ASP D 18 -17.97 41.88 11.76
N THR D 19 -18.21 41.97 10.45
CA THR D 19 -17.97 43.20 9.73
C THR D 19 -18.63 43.06 8.36
N ASP D 20 -18.62 44.12 7.56
CA ASP D 20 -19.24 44.07 6.24
C ASP D 20 -18.32 43.50 5.16
N PHE D 21 -18.85 42.53 4.44
CA PHE D 21 -18.13 41.82 3.39
C PHE D 21 -17.36 42.67 2.40
N TYR D 22 -17.93 43.81 1.99
CA TYR D 22 -17.23 44.64 1.02
C TYR D 22 -15.97 45.28 1.57
N LYS D 23 -15.77 45.24 2.88
CA LYS D 23 -14.55 45.79 3.46
C LYS D 23 -13.44 44.81 3.10
N LEU D 24 -13.81 43.52 3.06
CA LEU D 24 -12.87 42.45 2.73
C LEU D 24 -12.49 42.47 1.25
N THR D 25 -13.48 42.56 0.36
CA THR D 25 -13.21 42.58 -1.08
C THR D 25 -12.37 43.79 -1.44
N MET D 26 -12.67 44.94 -0.82
CA MET D 26 -11.89 46.13 -1.10
C MET D 26 -10.47 45.94 -0.57
N MET D 27 -10.35 45.36 0.63
CA MET D 27 -9.05 45.12 1.24
C MET D 27 -8.15 44.27 0.36
N GLN D 28 -8.74 43.27 -0.28
CA GLN D 28 -7.96 42.41 -1.17
C GLN D 28 -7.53 43.24 -2.37
N ALA D 29 -8.42 44.11 -2.84
CA ALA D 29 -8.09 44.97 -3.98
C ALA D 29 -6.93 45.89 -3.60
N VAL D 30 -6.89 46.32 -2.35
CA VAL D 30 -5.83 47.21 -1.88
C VAL D 30 -4.51 46.44 -1.76
N LEU D 31 -4.59 45.21 -1.28
CA LEU D 31 -3.40 44.38 -1.13
C LEU D 31 -2.79 44.12 -2.52
N HIS D 32 -3.66 43.80 -3.48
CA HIS D 32 -3.19 43.50 -4.82
C HIS D 32 -2.75 44.69 -5.65
N ASN D 33 -3.37 45.84 -5.45
CA ASN D 33 -3.06 47.03 -6.25
C ASN D 33 -2.36 48.21 -5.58
N TYR D 34 -2.60 48.43 -4.29
CA TYR D 34 -1.98 49.55 -3.58
C TYR D 34 -1.55 49.14 -2.16
N PRO D 35 -0.71 48.10 -2.05
CA PRO D 35 -0.25 47.61 -0.75
C PRO D 35 0.42 48.61 0.19
N ASN D 36 1.18 49.55 -0.36
CA ASN D 36 1.88 50.54 0.46
C ASN D 36 1.16 51.88 0.62
N ALA D 37 -0.07 51.98 0.13
CA ALA D 37 -0.81 53.22 0.23
C ALA D 37 -1.11 53.54 1.69
N GLU D 38 -1.19 54.83 2.00
CA GLU D 38 -1.50 55.27 3.35
C GLU D 38 -2.77 56.10 3.29
N VAL D 39 -3.60 56.00 4.34
CA VAL D 39 -4.84 56.76 4.41
C VAL D 39 -5.05 57.25 5.84
N GLU D 40 -5.94 58.23 5.98
CA GLU D 40 -6.28 58.82 7.26
C GLU D 40 -7.80 58.90 7.39
N TRP D 41 -8.33 58.54 8.55
CA TRP D 41 -9.76 58.59 8.79
C TRP D 41 -10.06 59.27 10.11
N GLU D 42 -11.31 59.69 10.29
CA GLU D 42 -11.70 60.29 11.54
C GLU D 42 -13.15 60.02 11.87
N PHE D 43 -13.36 59.60 13.11
CA PHE D 43 -14.69 59.31 13.60
C PHE D 43 -15.41 60.64 13.72
N ARG D 44 -16.71 60.62 13.48
CA ARG D 44 -17.49 61.83 13.61
C ARG D 44 -18.91 61.52 14.04
N CYS D 45 -19.39 62.24 15.04
CA CYS D 45 -20.75 62.09 15.53
C CYS D 45 -21.45 63.35 15.07
N ARG D 46 -22.38 63.22 14.11
CA ARG D 46 -23.10 64.39 13.60
C ARG D 46 -24.20 64.86 14.53
N ASN D 47 -24.45 64.12 15.59
CA ASN D 47 -25.47 64.46 16.59
C ASN D 47 -24.92 65.53 17.49
N GLN D 48 -23.61 65.46 17.72
CA GLN D 48 -22.92 66.34 18.64
C GLN D 48 -23.27 65.71 20.00
N GLU D 49 -23.77 64.47 19.94
CA GLU D 49 -24.14 63.70 21.12
C GLU D 49 -22.86 63.51 21.94
N ASP D 50 -22.95 63.76 23.24
CA ASP D 50 -21.79 63.64 24.12
C ASP D 50 -21.38 62.19 24.36
N LEU D 51 -20.21 61.82 23.85
CA LEU D 51 -19.70 60.44 23.98
C LEU D 51 -18.51 60.31 24.95
N ARG D 52 -18.20 61.38 25.68
CA ARG D 52 -17.07 61.36 26.60
C ARG D 52 -17.09 60.26 27.67
N LEU D 53 -18.27 59.99 28.24
CA LEU D 53 -18.35 58.98 29.27
C LEU D 53 -18.16 57.54 28.78
N TYR D 54 -18.08 57.36 27.47
CA TYR D 54 -17.90 56.02 26.91
C TYR D 54 -16.44 55.66 26.63
N LEU D 55 -15.53 56.61 26.87
CA LEU D 55 -14.11 56.39 26.62
C LEU D 55 -13.50 55.13 27.25
N PRO D 56 -13.70 54.91 28.57
CA PRO D 56 -13.12 53.72 29.19
C PRO D 56 -13.52 52.42 28.48
N ALA D 57 -14.81 52.26 28.21
CA ALA D 57 -15.29 51.05 27.53
C ALA D 57 -14.75 51.02 26.11
N ILE D 58 -14.78 52.16 25.41
CA ILE D 58 -14.27 52.22 24.05
C ILE D 58 -12.81 51.72 24.03
N ARG D 59 -11.98 52.26 24.92
CA ARG D 59 -10.58 51.81 24.96
C ARG D 59 -10.43 50.32 25.24
N GLU D 60 -11.29 49.79 26.11
CA GLU D 60 -11.25 48.38 26.45
C GLU D 60 -11.61 47.54 25.23
N GLN D 61 -12.54 48.03 24.42
CA GLN D 61 -12.95 47.32 23.23
C GLN D 61 -11.86 47.34 22.18
N LEU D 62 -11.13 48.46 22.09
CA LEU D 62 -10.04 48.58 21.13
C LEU D 62 -8.99 47.50 21.47
N GLU D 63 -8.78 47.27 22.75
CA GLU D 63 -7.82 46.28 23.19
C GLU D 63 -8.31 44.90 22.77
N TYR D 64 -9.60 44.67 23.01
CA TYR D 64 -10.23 43.41 22.64
C TYR D 64 -9.94 43.18 21.15
N LEU D 65 -10.15 44.20 20.34
CA LEU D 65 -9.89 44.09 18.90
C LEU D 65 -8.44 43.75 18.60
N ALA D 66 -7.53 44.43 19.29
CA ALA D 66 -6.11 44.19 19.09
C ALA D 66 -5.72 42.76 19.49
N GLY D 67 -6.59 42.09 20.24
CA GLY D 67 -6.32 40.72 20.64
C GLY D 67 -6.92 39.70 19.68
N LEU D 68 -7.77 40.16 18.77
CA LEU D 68 -8.42 39.28 17.80
C LEU D 68 -7.47 38.69 16.75
N ALA D 69 -7.63 37.40 16.51
CA ALA D 69 -6.84 36.69 15.51
C ALA D 69 -7.87 35.73 14.89
N ILE D 70 -8.05 35.84 13.58
CA ILE D 70 -9.02 34.99 12.90
C ILE D 70 -8.70 33.50 13.11
N SER D 71 -9.72 32.72 13.44
CA SER D 71 -9.53 31.29 13.70
C SER D 71 -9.48 30.50 12.39
N ASP D 72 -8.88 29.31 12.45
CA ASP D 72 -8.77 28.48 11.27
C ASP D 72 -10.14 28.16 10.67
N GLU D 73 -11.15 27.96 11.51
CA GLU D 73 -12.48 27.64 10.99
C GLU D 73 -13.14 28.85 10.35
N GLN D 74 -12.82 30.04 10.84
CA GLN D 74 -13.37 31.24 10.24
C GLN D 74 -12.70 31.52 8.91
N LEU D 75 -11.40 31.28 8.86
CA LEU D 75 -10.63 31.49 7.65
C LEU D 75 -11.02 30.47 6.57
N ALA D 76 -11.34 29.25 7.00
CA ALA D 76 -11.74 28.19 6.08
C ALA D 76 -13.03 28.57 5.34
N PHE D 77 -13.90 29.30 6.03
CA PHE D 77 -15.16 29.75 5.44
C PHE D 77 -14.85 30.71 4.31
N LEU D 78 -14.00 31.70 4.61
CA LEU D 78 -13.61 32.72 3.65
C LEU D 78 -12.88 32.11 2.46
N GLU D 79 -12.02 31.14 2.77
CA GLU D 79 -11.22 30.46 1.76
C GLU D 79 -12.04 29.79 0.68
N ARG D 80 -13.27 29.40 1.02
CA ARG D 80 -14.16 28.74 0.06
C ARG D 80 -14.77 29.72 -0.95
N ILE D 81 -14.64 31.01 -0.69
CA ILE D 81 -15.18 32.01 -1.61
C ILE D 81 -14.18 32.13 -2.75
N PRO D 82 -14.60 31.70 -3.96
CA PRO D 82 -13.84 31.69 -5.21
C PRO D 82 -12.97 32.90 -5.52
N PHE D 83 -13.54 34.09 -5.44
CA PHE D 83 -12.80 35.31 -5.75
C PHE D 83 -11.84 35.82 -4.67
N LEU D 84 -11.65 35.06 -3.60
CA LEU D 84 -10.71 35.47 -2.56
C LEU D 84 -9.44 34.65 -2.76
N ALA D 85 -8.39 35.32 -3.24
CA ALA D 85 -7.12 34.67 -3.55
C ALA D 85 -6.32 34.16 -2.35
N PRO D 86 -5.44 33.17 -2.58
CA PRO D 86 -4.57 32.55 -1.57
C PRO D 86 -3.69 33.54 -0.81
N ASP D 87 -3.05 34.47 -1.53
CA ASP D 87 -2.20 35.41 -0.84
C ASP D 87 -2.99 36.29 0.13
N PHE D 88 -4.24 36.60 -0.23
CA PHE D 88 -5.10 37.41 0.63
C PHE D 88 -5.57 36.61 1.85
N ILE D 89 -5.90 35.34 1.63
CA ILE D 89 -6.33 34.47 2.71
C ILE D 89 -5.22 34.32 3.74
N ARG D 90 -3.98 34.21 3.27
CA ARG D 90 -2.85 34.08 4.18
C ARG D 90 -2.62 35.39 4.93
N PHE D 91 -2.82 36.51 4.24
CA PHE D 91 -2.65 37.81 4.88
C PHE D 91 -3.62 37.92 6.05
N LEU D 92 -4.87 37.53 5.82
CA LEU D 92 -5.87 37.58 6.87
C LEU D 92 -5.49 36.68 8.02
N GLY D 93 -4.96 35.51 7.71
CA GLY D 93 -4.56 34.61 8.77
C GLY D 93 -3.54 35.23 9.71
N LEU D 94 -2.71 36.11 9.17
CA LEU D 94 -1.67 36.78 9.95
C LEU D 94 -2.05 38.15 10.48
N PHE D 95 -3.15 38.70 9.98
CA PHE D 95 -3.55 40.04 10.40
C PHE D 95 -3.88 40.19 11.88
N ARG D 96 -3.48 41.33 12.43
CA ARG D 96 -3.74 41.71 13.81
C ARG D 96 -3.95 43.22 13.76
N PHE D 97 -4.97 43.73 14.43
CA PHE D 97 -5.22 45.17 14.47
C PHE D 97 -4.02 45.82 15.18
N ASN D 98 -3.53 46.94 14.65
CA ASN D 98 -2.39 47.63 15.26
C ASN D 98 -2.84 48.87 16.03
N PRO D 99 -2.81 48.80 17.38
CA PRO D 99 -3.23 49.95 18.18
C PRO D 99 -2.47 51.24 17.89
N ARG D 100 -1.29 51.14 17.32
CA ARG D 100 -0.53 52.35 16.99
C ARG D 100 -1.22 53.17 15.91
N TYR D 101 -2.12 52.55 15.13
CA TYR D 101 -2.82 53.27 14.07
C TYR D 101 -4.08 54.00 14.52
N VAL D 102 -4.43 53.84 15.80
CA VAL D 102 -5.61 54.48 16.35
C VAL D 102 -5.25 55.51 17.41
N GLN D 103 -5.97 56.63 17.39
CA GLN D 103 -5.76 57.67 18.38
C GLN D 103 -7.14 58.05 18.88
N THR D 104 -7.36 57.85 20.17
CA THR D 104 -8.66 58.15 20.74
C THR D 104 -8.48 58.85 22.08
N GLY D 105 -9.51 59.58 22.49
CA GLY D 105 -9.46 60.31 23.74
C GLY D 105 -10.49 61.42 23.73
N ILE D 106 -10.22 62.48 24.48
CA ILE D 106 -11.12 63.62 24.55
C ILE D 106 -10.33 64.86 24.15
N GLU D 107 -10.65 65.41 23.01
CA GLU D 107 -10.14 66.73 22.60
C GLU D 107 -11.25 67.79 22.68
N ASN D 108 -11.34 68.85 22.72
CA ASN D 108 -11.90 69.99 23.44
C ASN D 108 -13.35 69.75 23.72
N ASP D 109 -13.59 69.05 24.83
CA ASP D 109 -14.92 68.73 25.30
C ASP D 109 -15.67 67.73 24.43
N GLU D 110 -14.94 67.02 23.57
CA GLU D 110 -15.56 66.03 22.71
C GLU D 110 -14.71 64.78 22.59
N PHE D 111 -15.37 63.65 22.42
CA PHE D 111 -14.68 62.38 22.22
C PHE D 111 -14.15 62.45 20.80
N PHE D 112 -13.03 61.78 20.55
CA PHE D 112 -12.49 61.76 19.20
C PHE D 112 -11.82 60.43 18.98
N LEU D 113 -11.66 60.08 17.71
CA LEU D 113 -11.00 58.84 17.32
C LEU D 113 -10.53 59.05 15.88
N ARG D 114 -9.25 58.80 15.65
CA ARG D 114 -8.66 58.96 14.33
C ARG D 114 -7.86 57.74 13.95
N LEU D 115 -7.81 57.46 12.65
CA LEU D 115 -7.06 56.32 12.15
C LEU D 115 -6.02 56.83 11.16
N LYS D 116 -4.80 56.29 11.24
CA LYS D 116 -3.73 56.68 10.34
C LYS D 116 -2.75 55.54 10.17
N GLY D 117 -2.46 55.18 8.93
CA GLY D 117 -1.53 54.11 8.69
C GLY D 117 -1.76 53.50 7.33
N PRO D 118 -1.08 52.39 6.99
CA PRO D 118 -1.28 51.77 5.69
C PRO D 118 -2.75 51.45 5.47
N TRP D 119 -3.28 51.85 4.33
CA TRP D 119 -4.67 51.59 3.97
C TRP D 119 -5.03 50.12 4.25
N LEU D 120 -4.16 49.24 3.77
CA LEU D 120 -4.32 47.79 3.91
C LEU D 120 -4.60 47.34 5.36
N HIS D 121 -3.88 47.94 6.30
CA HIS D 121 -4.00 47.58 7.72
C HIS D 121 -5.06 48.34 8.53
N VAL D 122 -5.59 49.43 7.98
CA VAL D 122 -6.56 50.23 8.71
C VAL D 122 -8.01 50.07 8.22
N ILE D 123 -8.17 49.54 7.03
CA ILE D 123 -9.50 49.38 6.46
C ILE D 123 -10.46 48.59 7.36
N LEU D 124 -9.97 47.51 7.96
CA LEU D 124 -10.79 46.66 8.82
C LEU D 124 -11.28 47.31 10.13
N PHE D 125 -10.74 48.48 10.48
CA PHE D 125 -11.16 49.18 11.69
C PHE D 125 -12.56 49.81 11.59
N GLU D 126 -12.88 50.32 10.41
CA GLU D 126 -14.14 51.03 10.15
C GLU D 126 -15.47 50.56 10.74
N VAL D 127 -15.99 49.45 10.23
CA VAL D 127 -17.28 48.93 10.67
C VAL D 127 -17.29 48.47 12.12
N PRO D 128 -16.29 47.69 12.55
CA PRO D 128 -16.26 47.23 13.93
C PRO D 128 -16.26 48.40 14.93
N LEU D 129 -15.54 49.46 14.61
CA LEU D 129 -15.51 50.61 15.50
C LEU D 129 -16.88 51.25 15.68
N LEU D 130 -17.62 51.36 14.58
CA LEU D 130 -18.95 51.95 14.62
C LEU D 130 -19.94 51.06 15.36
N ALA D 131 -19.94 49.76 15.05
CA ALA D 131 -20.86 48.84 15.70
C ALA D 131 -20.57 48.76 17.20
N MET D 132 -19.29 48.88 17.56
CA MET D 132 -18.90 48.83 18.97
C MET D 132 -19.28 50.11 19.71
N ILE D 133 -19.03 51.27 19.10
CA ILE D 133 -19.37 52.53 19.75
C ILE D 133 -20.89 52.58 19.90
N SER D 134 -21.61 52.22 18.84
CA SER D 134 -23.07 52.21 18.92
C SER D 134 -23.53 51.36 20.10
N GLU D 135 -23.03 50.13 20.20
CA GLU D 135 -23.45 49.26 21.28
C GLU D 135 -23.01 49.72 22.67
N VAL D 136 -21.80 50.27 22.84
CA VAL D 136 -21.42 50.73 24.17
C VAL D 136 -22.41 51.82 24.61
N ARG D 137 -22.76 52.71 23.69
CA ARG D 137 -23.70 53.78 24.02
C ARG D 137 -25.06 53.20 24.41
N ASN D 138 -25.54 52.24 23.64
CA ASN D 138 -26.84 51.64 23.92
C ASN D 138 -26.88 50.86 25.23
N ARG D 139 -25.77 50.24 25.60
CA ARG D 139 -25.72 49.49 26.86
C ARG D 139 -25.87 50.48 28.01
N ALA D 140 -25.30 51.67 27.84
CA ALA D 140 -25.36 52.72 28.84
C ALA D 140 -26.71 53.42 28.89
N ARG D 141 -27.22 53.78 27.72
CA ARG D 141 -28.48 54.49 27.61
C ARG D 141 -29.74 53.64 27.73
N TYR D 142 -29.69 52.39 27.27
CA TYR D 142 -30.86 51.52 27.32
C TYR D 142 -30.48 50.17 27.89
N PRO D 143 -29.98 50.15 29.13
CA PRO D 143 -29.56 48.91 29.78
C PRO D 143 -30.61 47.83 29.91
N ALA D 144 -31.88 48.21 29.88
CA ALA D 144 -32.95 47.23 30.04
C ALA D 144 -33.56 46.68 28.75
N ALA D 145 -33.05 47.13 27.61
CA ALA D 145 -33.58 46.66 26.32
C ALA D 145 -33.54 45.14 26.23
N THR D 146 -34.55 44.56 25.58
CA THR D 146 -34.62 43.11 25.43
C THR D 146 -34.66 42.75 23.95
N VAL D 147 -34.22 41.53 23.63
CA VAL D 147 -34.24 41.05 22.25
C VAL D 147 -35.69 41.01 21.77
N GLU D 148 -36.58 40.59 22.67
CA GLU D 148 -38.00 40.48 22.36
C GLU D 148 -38.57 41.80 21.85
N GLN D 149 -38.15 42.91 22.45
CA GLN D 149 -38.64 44.22 22.00
C GLN D 149 -38.31 44.45 20.54
N ALA D 150 -37.10 44.06 20.13
CA ALA D 150 -36.67 44.24 18.74
C ALA D 150 -37.44 43.30 17.83
N ARG D 151 -37.62 42.05 18.27
CA ARG D 151 -38.34 41.07 17.48
C ARG D 151 -39.81 41.48 17.25
N GLU D 152 -40.42 42.06 18.27
CA GLU D 152 -41.80 42.51 18.17
C GLU D 152 -41.96 43.55 17.07
N ARG D 153 -41.06 44.53 17.04
CA ARG D 153 -41.09 45.58 16.01
C ARG D 153 -40.89 44.97 14.62
N LEU D 154 -39.90 44.08 14.49
CA LEU D 154 -39.60 43.44 13.22
C LEU D 154 -40.83 42.72 12.68
N GLN D 155 -41.45 41.93 13.54
CA GLN D 155 -42.62 41.16 13.16
C GLN D 155 -43.79 42.06 12.76
N GLU D 156 -43.92 43.20 13.44
CA GLU D 156 -44.98 44.16 13.15
C GLU D 156 -44.79 44.68 11.73
N LYS D 157 -43.53 44.88 11.35
CA LYS D 157 -43.20 45.35 10.01
C LYS D 157 -43.48 44.27 8.98
N PHE D 158 -43.22 43.03 9.34
CA PHE D 158 -43.50 41.92 8.42
C PHE D 158 -45.00 41.81 8.20
N ASP D 159 -45.77 41.86 9.28
CA ASP D 159 -47.23 41.77 9.17
C ASP D 159 -47.76 42.88 8.27
N TRP D 160 -47.21 44.07 8.41
CA TRP D 160 -47.62 45.21 7.60
C TRP D 160 -47.35 44.94 6.12
N LEU D 161 -46.14 44.50 5.80
CA LEU D 161 -45.77 44.22 4.43
C LEU D 161 -46.64 43.13 3.84
N ARG D 162 -46.86 42.09 4.63
CA ARG D 162 -47.66 40.94 4.21
C ARG D 162 -49.08 41.38 3.84
N ARG D 163 -49.63 42.32 4.60
CA ARG D 163 -50.99 42.81 4.36
C ARG D 163 -51.07 43.82 3.21
N GLU D 164 -50.00 44.58 3.03
CA GLU D 164 -49.96 45.61 1.99
C GLU D 164 -49.54 45.12 0.60
N ALA D 165 -48.73 44.08 0.54
CA ALA D 165 -48.25 43.59 -0.75
C ALA D 165 -48.80 42.22 -1.13
N SER D 166 -49.01 42.02 -2.42
CA SER D 166 -49.53 40.75 -2.93
C SER D 166 -48.37 39.76 -3.02
N ALA D 167 -48.69 38.47 -2.99
CA ALA D 167 -47.67 37.42 -3.06
C ALA D 167 -46.88 37.56 -4.35
N GLU D 168 -47.52 38.13 -5.38
CA GLU D 168 -46.87 38.29 -6.66
C GLU D 168 -45.72 39.30 -6.60
N GLU D 169 -45.98 40.50 -6.06
CA GLU D 169 -44.91 41.48 -5.98
C GLU D 169 -43.88 41.12 -4.91
N LEU D 170 -44.31 40.43 -3.85
CA LEU D 170 -43.38 40.03 -2.80
C LEU D 170 -42.34 39.05 -3.36
N ALA D 171 -42.74 38.24 -4.33
CA ALA D 171 -41.82 37.28 -4.93
C ALA D 171 -40.65 37.99 -5.61
N GLY D 172 -40.85 39.22 -6.07
CA GLY D 172 -39.78 39.94 -6.72
C GLY D 172 -39.16 41.04 -5.85
N PHE D 173 -39.62 41.12 -4.60
CA PHE D 173 -39.13 42.13 -3.66
C PHE D 173 -37.89 41.60 -2.95
N LYS D 174 -36.72 41.98 -3.44
CA LYS D 174 -35.44 41.53 -2.90
C LYS D 174 -34.88 42.48 -1.86
N MET D 175 -34.64 41.94 -0.67
CA MET D 175 -34.15 42.71 0.46
C MET D 175 -32.92 42.06 1.07
N ALA D 176 -31.96 42.89 1.45
CA ALA D 176 -30.73 42.43 2.08
C ALA D 176 -30.49 43.25 3.34
N ASP D 177 -29.65 42.71 4.22
CA ASP D 177 -29.30 43.37 5.46
C ASP D 177 -27.92 44.04 5.35
N PHE D 178 -27.88 45.35 5.57
CA PHE D 178 -26.63 46.11 5.53
C PHE D 178 -26.49 46.83 6.88
N GLY D 179 -27.20 46.35 7.90
CA GLY D 179 -27.17 47.04 9.19
C GLY D 179 -26.13 46.83 10.26
N THR D 180 -24.93 46.39 9.93
CA THR D 180 -23.90 46.18 10.95
C THR D 180 -23.44 47.41 11.72
N ARG D 181 -23.01 48.44 10.99
CA ARG D 181 -22.45 49.64 11.60
C ARG D 181 -23.19 50.39 12.71
N ARG D 182 -24.50 50.57 12.60
CA ARG D 182 -25.23 51.28 13.64
C ARG D 182 -26.29 50.41 14.29
N ARG D 183 -26.04 49.11 14.33
CA ARG D 183 -27.00 48.18 14.94
C ARG D 183 -27.14 48.58 16.41
N PHE D 184 -28.26 48.22 17.03
CA PHE D 184 -28.48 48.52 18.44
C PHE D 184 -27.46 47.73 19.27
N SER D 185 -27.29 46.46 18.90
CA SER D 185 -26.34 45.56 19.56
C SER D 185 -26.17 44.35 18.64
N TYR D 186 -25.14 43.53 18.89
CA TYR D 186 -24.94 42.35 18.07
C TYR D 186 -26.14 41.40 18.22
N ARG D 187 -26.55 41.17 19.46
CA ARG D 187 -27.66 40.26 19.73
C ARG D 187 -28.90 40.62 18.94
N VAL D 188 -29.23 41.90 18.91
CA VAL D 188 -30.40 42.34 18.17
C VAL D 188 -30.14 42.18 16.67
N HIS D 189 -28.90 42.41 16.25
CA HIS D 189 -28.57 42.26 14.82
C HIS D 189 -28.80 40.80 14.43
N GLU D 190 -28.35 39.89 15.26
CA GLU D 190 -28.49 38.47 15.00
C GLU D 190 -29.95 38.04 14.94
N ALA D 191 -30.74 38.49 15.90
CA ALA D 191 -32.16 38.13 15.95
C ALA D 191 -32.91 38.66 14.74
N VAL D 192 -32.57 39.88 14.31
CA VAL D 192 -33.22 40.49 13.16
C VAL D 192 -32.89 39.74 11.86
N VAL D 193 -31.62 39.46 11.62
CA VAL D 193 -31.25 38.76 10.40
C VAL D 193 -31.83 37.35 10.41
N SER D 194 -31.87 36.74 11.59
CA SER D 194 -32.43 35.40 11.72
C SER D 194 -33.94 35.48 11.44
N GLY D 195 -34.58 36.55 11.91
CA GLY D 195 -36.01 36.72 11.68
C GLY D 195 -36.30 36.98 10.21
N LEU D 196 -35.41 37.70 9.55
CA LEU D 196 -35.59 38.02 8.13
C LEU D 196 -35.49 36.74 7.30
N LYS D 197 -34.53 35.89 7.63
CA LYS D 197 -34.32 34.64 6.92
C LYS D 197 -35.53 33.72 7.03
N GLU D 198 -36.04 33.60 8.25
CA GLU D 198 -37.17 32.73 8.48
C GLU D 198 -38.53 33.30 8.10
N ASP D 199 -38.74 34.59 8.37
CA ASP D 199 -40.04 35.21 8.14
C ASP D 199 -40.25 36.35 7.15
N PHE D 200 -39.19 36.87 6.53
CA PHE D 200 -39.41 37.98 5.60
C PHE D 200 -40.46 37.62 4.53
N PRO D 201 -41.48 38.47 4.38
CA PRO D 201 -42.55 38.23 3.40
C PRO D 201 -42.07 38.21 1.95
N GLY D 202 -41.00 38.94 1.67
CA GLY D 202 -40.47 38.98 0.32
C GLY D 202 -39.29 38.04 0.16
N CYS D 203 -38.34 38.42 -0.68
CA CYS D 203 -37.15 37.61 -0.94
C CYS D 203 -35.94 38.17 -0.23
N PHE D 204 -35.59 37.57 0.89
CA PHE D 204 -34.42 37.99 1.65
C PHE D 204 -33.23 37.39 0.91
N VAL D 205 -32.42 38.24 0.30
CA VAL D 205 -31.28 37.73 -0.47
C VAL D 205 -29.98 37.56 0.30
N GLY D 206 -29.85 38.18 1.47
CA GLY D 206 -28.62 38.04 2.21
C GLY D 206 -28.22 39.14 3.19
N THR D 207 -26.98 39.07 3.66
CA THR D 207 -26.48 40.05 4.61
C THR D 207 -25.04 40.47 4.31
N SER D 208 -24.70 41.72 4.64
CA SER D 208 -23.34 42.19 4.39
C SER D 208 -22.43 41.68 5.51
N ASN D 209 -23.03 41.31 6.64
CA ASN D 209 -22.25 40.82 7.78
C ASN D 209 -21.78 39.38 7.54
N VAL D 210 -20.47 39.22 7.37
CA VAL D 210 -19.86 37.93 7.10
C VAL D 210 -20.09 36.91 8.21
N HIS D 211 -19.92 37.32 9.46
CA HIS D 211 -20.13 36.42 10.59
C HIS D 211 -21.54 35.82 10.58
N LEU D 212 -22.54 36.66 10.34
CA LEU D 212 -23.92 36.19 10.29
C LEU D 212 -24.17 35.37 9.02
N ALA D 213 -23.52 35.74 7.93
CA ALA D 213 -23.69 35.01 6.67
C ALA D 213 -23.31 33.55 6.93
N ARG D 214 -22.16 33.37 7.57
CA ARG D 214 -21.64 32.04 7.91
C ARG D 214 -22.46 31.35 9.00
N LYS D 215 -22.80 32.10 10.05
CA LYS D 215 -23.56 31.53 11.16
C LYS D 215 -24.97 31.11 10.76
N LEU D 216 -25.60 31.90 9.88
CA LEU D 216 -26.96 31.63 9.45
C LEU D 216 -27.08 31.07 8.05
N ASP D 217 -25.95 30.74 7.44
CA ASP D 217 -25.91 30.19 6.09
C ASP D 217 -26.68 31.12 5.14
N LEU D 218 -26.15 32.33 4.99
CA LEU D 218 -26.76 33.33 4.11
C LEU D 218 -25.67 33.80 3.16
N LYS D 219 -26.07 34.33 2.01
CA LYS D 219 -25.09 34.80 1.07
C LYS D 219 -24.49 36.12 1.55
N PRO D 220 -23.15 36.19 1.63
CA PRO D 220 -22.48 37.42 2.09
C PRO D 220 -22.54 38.42 0.92
N LEU D 221 -23.08 39.60 1.16
CA LEU D 221 -23.24 40.59 0.09
C LEU D 221 -22.36 41.82 0.24
N GLY D 222 -21.98 42.39 -0.90
CA GLY D 222 -21.14 43.57 -0.83
C GLY D 222 -20.70 44.12 -2.17
N THR D 223 -21.05 45.38 -2.39
CA THR D 223 -20.70 46.10 -3.61
C THR D 223 -19.34 46.76 -3.37
N MET D 224 -19.18 48.00 -3.82
CA MET D 224 -17.93 48.71 -3.59
C MET D 224 -18.23 49.89 -2.67
N ALA D 225 -17.21 50.47 -2.07
CA ALA D 225 -17.42 51.58 -1.15
C ALA D 225 -16.87 52.91 -1.65
N HIS D 226 -17.34 53.99 -1.02
CA HIS D 226 -16.91 55.33 -1.37
C HIS D 226 -15.40 55.52 -1.19
N GLU D 227 -14.84 54.93 -0.13
CA GLU D 227 -13.41 55.11 0.14
C GLU D 227 -12.53 54.64 -1.01
N TRP D 228 -13.00 53.64 -1.76
CA TRP D 228 -12.23 53.14 -2.90
C TRP D 228 -12.18 54.21 -4.00
N LEU D 229 -13.30 54.90 -4.21
CA LEU D 229 -13.37 55.94 -5.22
C LEU D 229 -12.59 57.18 -4.73
N MET D 230 -12.74 57.48 -3.45
CA MET D 230 -12.08 58.63 -2.86
C MET D 230 -10.56 58.50 -2.87
N ALA D 231 -10.05 57.36 -2.45
CA ALA D 231 -8.60 57.15 -2.42
C ALA D 231 -7.95 57.45 -3.76
N HIS D 232 -8.60 57.07 -4.85
CA HIS D 232 -8.04 57.31 -6.16
C HIS D 232 -7.79 58.76 -6.53
N GLN D 233 -8.27 59.66 -5.67
CA GLN D 233 -8.08 61.08 -5.88
C GLN D 233 -6.64 61.46 -5.55
N GLN D 234 -5.87 60.53 -5.00
CA GLN D 234 -4.48 60.82 -4.67
C GLN D 234 -3.54 59.68 -5.00
N LEU D 235 -4.06 58.54 -5.41
CA LEU D 235 -3.22 57.39 -5.72
C LEU D 235 -2.37 57.51 -6.99
N GLY D 236 -2.67 58.47 -7.86
CA GLY D 236 -1.88 58.58 -9.07
C GLY D 236 -2.49 59.30 -10.27
N PRO D 237 -3.77 59.04 -10.60
CA PRO D 237 -4.32 59.74 -11.77
C PRO D 237 -4.75 61.19 -11.54
N ARG D 238 -4.95 61.91 -12.65
CA ARG D 238 -5.42 63.29 -12.60
C ARG D 238 -6.72 63.25 -11.81
N LEU D 239 -7.00 64.31 -11.08
CA LEU D 239 -8.22 64.37 -10.30
C LEU D 239 -9.44 64.07 -11.16
N ILE D 240 -9.49 64.64 -12.38
CA ILE D 240 -10.61 64.43 -13.27
C ILE D 240 -10.76 62.97 -13.75
N ASP D 241 -9.69 62.17 -13.64
CA ASP D 241 -9.73 60.78 -14.05
C ASP D 241 -9.85 59.82 -12.86
N SER D 242 -9.81 60.35 -11.64
CA SER D 242 -9.87 59.51 -10.45
C SER D 242 -11.02 58.49 -10.39
N GLN D 243 -12.23 58.91 -10.72
CA GLN D 243 -13.39 58.01 -10.68
C GLN D 243 -13.24 56.87 -11.67
N SER D 244 -12.95 57.24 -12.92
CA SER D 244 -12.78 56.26 -13.98
C SER D 244 -11.65 55.30 -13.64
N ALA D 245 -10.57 55.83 -13.08
CA ALA D 245 -9.43 55.00 -12.72
C ALA D 245 -9.86 54.04 -11.59
N ALA D 246 -10.71 54.53 -10.69
CA ALA D 246 -11.16 53.68 -9.59
C ALA D 246 -12.00 52.51 -10.12
N LEU D 247 -12.89 52.80 -11.07
CA LEU D 247 -13.75 51.77 -11.65
C LEU D 247 -12.93 50.78 -12.47
N ASP D 248 -11.95 51.31 -13.19
CA ASP D 248 -11.09 50.47 -14.01
C ASP D 248 -10.25 49.53 -13.17
N CYS D 249 -9.74 50.02 -12.05
CA CYS D 249 -8.93 49.14 -11.19
C CYS D 249 -9.82 48.05 -10.60
N TRP D 250 -11.04 48.42 -10.21
CA TRP D 250 -11.96 47.45 -9.63
C TRP D 250 -12.25 46.31 -10.60
N VAL D 251 -12.60 46.68 -11.84
CA VAL D 251 -12.91 45.69 -12.86
C VAL D 251 -11.69 44.85 -13.23
N ARG D 252 -10.51 45.45 -13.20
CA ARG D 252 -9.30 44.70 -13.52
C ARG D 252 -8.96 43.70 -12.41
N GLU D 253 -9.38 44.02 -11.19
CA GLU D 253 -9.14 43.15 -10.04
C GLU D 253 -10.10 41.97 -10.00
N TYR D 254 -11.39 42.25 -10.19
CA TYR D 254 -12.40 41.21 -10.13
C TYR D 254 -12.93 40.69 -11.47
N ARG D 255 -12.38 41.21 -12.56
CA ARG D 255 -12.75 40.78 -13.92
C ARG D 255 -14.24 40.62 -14.17
N GLY D 256 -15.05 41.60 -13.79
CA GLY D 256 -16.47 41.48 -14.04
C GLY D 256 -17.35 41.04 -12.88
N LEU D 257 -16.76 40.47 -11.83
CA LEU D 257 -17.54 40.04 -10.67
C LEU D 257 -17.71 41.24 -9.73
N LEU D 258 -18.62 41.15 -8.76
CA LEU D 258 -18.84 42.24 -7.82
C LEU D 258 -19.05 43.55 -8.60
N GLY D 259 -19.84 43.46 -9.66
CA GLY D 259 -20.06 44.60 -10.54
C GLY D 259 -21.16 45.62 -10.27
N ILE D 260 -21.19 46.18 -9.08
CA ILE D 260 -22.17 47.20 -8.74
C ILE D 260 -21.39 48.45 -8.32
N ALA D 261 -21.55 49.55 -9.05
CA ALA D 261 -20.83 50.77 -8.72
C ALA D 261 -21.65 51.85 -8.04
N LEU D 262 -20.96 52.74 -7.32
CA LEU D 262 -21.61 53.88 -6.66
C LEU D 262 -21.50 55.01 -7.66
N THR D 263 -22.46 55.94 -7.63
CA THR D 263 -22.44 57.04 -8.58
C THR D 263 -22.30 58.40 -7.92
N ASP D 264 -22.30 58.45 -6.60
CA ASP D 264 -22.24 59.75 -5.95
C ASP D 264 -20.99 60.13 -5.18
N CYS D 265 -19.83 59.67 -5.63
CA CYS D 265 -18.61 60.07 -4.94
C CYS D 265 -18.46 61.56 -5.21
N ILE D 266 -18.77 61.95 -6.44
CA ILE D 266 -18.74 63.34 -6.87
C ILE D 266 -20.23 63.67 -6.94
N THR D 267 -20.82 63.54 -8.13
CA THR D 267 -22.26 63.74 -8.30
C THR D 267 -22.67 62.70 -9.34
N THR D 268 -23.94 62.30 -9.34
CA THR D 268 -24.37 61.31 -10.31
C THR D 268 -24.23 61.84 -11.75
N ASP D 269 -24.47 63.13 -11.97
CA ASP D 269 -24.34 63.70 -13.32
C ASP D 269 -22.90 63.53 -13.83
N ALA D 270 -21.94 63.86 -12.97
CA ALA D 270 -20.53 63.72 -13.33
C ALA D 270 -20.21 62.26 -13.63
N PHE D 271 -20.67 61.37 -12.76
CA PHE D 271 -20.43 59.93 -12.92
C PHE D 271 -20.97 59.40 -14.25
N LEU D 272 -22.24 59.71 -14.53
CA LEU D 272 -22.89 59.27 -15.76
C LEU D 272 -22.21 59.82 -17.00
N ARG D 273 -21.65 61.01 -16.89
CA ARG D 273 -20.98 61.63 -18.01
C ARG D 273 -19.75 60.81 -18.43
N ASP D 274 -19.15 60.11 -17.48
CA ASP D 274 -17.97 59.30 -17.76
C ASP D 274 -18.28 57.80 -17.74
N PHE D 275 -19.56 57.45 -17.63
CA PHE D 275 -19.97 56.05 -17.58
C PHE D 275 -20.25 55.65 -19.02
N ASP D 276 -19.17 55.44 -19.79
CA ASP D 276 -19.29 55.09 -21.19
C ASP D 276 -19.64 53.62 -21.44
N LEU D 277 -19.84 53.27 -22.70
CA LEU D 277 -20.18 51.91 -23.10
C LEU D 277 -19.26 50.85 -22.46
N TYR D 278 -18.00 51.19 -22.29
CA TYR D 278 -17.03 50.26 -21.69
C TYR D 278 -17.44 49.91 -20.26
N PHE D 279 -17.66 50.92 -19.43
CA PHE D 279 -18.06 50.70 -18.04
C PHE D 279 -19.50 50.17 -17.91
N ALA D 280 -20.41 50.72 -18.71
CA ALA D 280 -21.82 50.31 -18.66
C ALA D 280 -22.05 48.86 -19.04
N LYS D 281 -21.20 48.32 -19.92
CA LYS D 281 -21.30 46.92 -20.34
C LYS D 281 -20.70 46.02 -19.27
N LEU D 282 -19.61 46.47 -18.66
CA LEU D 282 -18.92 45.69 -17.63
C LEU D 282 -19.66 45.55 -16.31
N PHE D 283 -20.19 46.65 -15.79
CA PHE D 283 -20.90 46.66 -14.52
C PHE D 283 -22.33 46.13 -14.67
N ASP D 284 -22.74 45.32 -13.71
CA ASP D 284 -24.09 44.74 -13.72
C ASP D 284 -25.12 45.78 -13.28
N GLY D 285 -24.66 46.81 -12.57
CA GLY D 285 -25.59 47.83 -12.09
C GLY D 285 -24.98 48.89 -11.20
N LEU D 286 -25.87 49.65 -10.56
CA LEU D 286 -25.47 50.77 -9.71
C LEU D 286 -26.20 50.78 -8.37
N ARG D 287 -25.58 51.45 -7.40
CA ARG D 287 -26.16 51.59 -6.08
C ARG D 287 -26.41 53.07 -5.76
N HIS D 288 -27.62 53.34 -5.27
CA HIS D 288 -28.04 54.68 -4.91
C HIS D 288 -27.71 54.89 -3.44
N ASP D 289 -27.09 56.03 -3.11
CA ASP D 289 -26.74 56.29 -1.71
C ASP D 289 -27.01 57.73 -1.26
N SER D 290 -27.55 58.55 -2.13
CA SER D 290 -27.87 59.93 -1.77
C SER D 290 -28.87 60.54 -2.75
N GLY D 291 -29.56 61.59 -2.33
CA GLY D 291 -30.53 62.24 -3.19
C GLY D 291 -31.82 61.46 -3.33
N ASP D 292 -32.76 62.02 -4.08
CA ASP D 292 -34.04 61.34 -4.30
C ASP D 292 -33.78 60.07 -5.10
N PRO D 293 -34.27 58.92 -4.62
CA PRO D 293 -34.07 57.65 -5.33
C PRO D 293 -34.67 57.56 -6.73
N LEU D 294 -35.87 58.07 -6.92
CA LEU D 294 -36.49 58.00 -8.22
C LEU D 294 -35.85 58.94 -9.25
N LEU D 295 -35.44 60.12 -8.81
CA LEU D 295 -34.77 61.04 -9.72
C LEU D 295 -33.47 60.36 -10.16
N TRP D 296 -32.76 59.80 -9.18
CA TRP D 296 -31.51 59.09 -9.43
C TRP D 296 -31.75 57.99 -10.44
N ALA D 297 -32.71 57.12 -10.14
CA ALA D 297 -33.05 56.01 -11.02
C ALA D 297 -33.31 56.46 -12.46
N GLU D 298 -34.05 57.56 -12.61
CA GLU D 298 -34.35 58.05 -13.95
C GLU D 298 -33.08 58.43 -14.69
N LYS D 299 -32.15 59.06 -14.00
CA LYS D 299 -30.90 59.45 -14.63
C LYS D 299 -30.13 58.22 -15.12
N THR D 300 -30.09 57.17 -14.31
CA THR D 300 -29.37 55.96 -14.72
C THR D 300 -30.09 55.26 -15.87
N ILE D 301 -31.42 55.26 -15.82
CA ILE D 301 -32.20 54.62 -16.89
C ILE D 301 -32.06 55.37 -18.21
N ALA D 302 -32.18 56.70 -18.17
CA ALA D 302 -32.06 57.52 -19.36
C ALA D 302 -30.68 57.36 -19.99
N HIS D 303 -29.65 57.24 -19.15
CA HIS D 303 -28.28 57.07 -19.63
C HIS D 303 -28.09 55.70 -20.29
N TYR D 304 -28.68 54.67 -19.71
CA TYR D 304 -28.56 53.34 -20.31
C TYR D 304 -29.21 53.36 -21.70
N LEU D 305 -30.38 53.97 -21.80
CA LEU D 305 -31.07 54.06 -23.08
C LEU D 305 -30.24 54.89 -24.06
N LYS D 306 -29.59 55.93 -23.54
CA LYS D 306 -28.75 56.78 -24.37
C LYS D 306 -27.61 55.95 -24.97
N LEU D 307 -27.11 54.97 -24.21
CA LEU D 307 -26.02 54.14 -24.69
C LEU D 307 -26.51 52.97 -25.55
N GLY D 308 -27.82 52.77 -25.61
CA GLY D 308 -28.33 51.67 -26.40
C GLY D 308 -28.34 50.39 -25.58
N ILE D 309 -28.27 50.54 -24.25
CA ILE D 309 -28.28 49.40 -23.36
C ILE D 309 -29.68 49.21 -22.77
N ASP D 310 -30.17 47.97 -22.83
CA ASP D 310 -31.48 47.61 -22.31
C ASP D 310 -31.46 47.65 -20.78
N PRO D 311 -32.19 48.60 -20.18
CA PRO D 311 -32.25 48.74 -18.72
C PRO D 311 -32.68 47.46 -17.99
N LEU D 312 -33.50 46.65 -18.64
CA LEU D 312 -33.96 45.44 -18.00
C LEU D 312 -32.87 44.37 -17.85
N THR D 313 -31.68 44.68 -18.33
CA THR D 313 -30.55 43.75 -18.20
C THR D 313 -29.62 44.25 -17.10
N LYS D 314 -29.99 45.36 -16.45
CA LYS D 314 -29.18 45.95 -15.40
C LYS D 314 -29.93 46.01 -14.07
N THR D 315 -29.20 46.23 -12.98
CA THR D 315 -29.81 46.29 -11.65
C THR D 315 -29.46 47.56 -10.88
N LEU D 316 -30.45 48.09 -10.19
CA LEU D 316 -30.26 49.28 -9.36
C LEU D 316 -30.46 48.85 -7.92
N VAL D 317 -29.46 49.10 -7.08
CA VAL D 317 -29.52 48.75 -5.66
C VAL D 317 -29.76 50.03 -4.85
N PHE D 318 -30.81 50.02 -4.03
CA PHE D 318 -31.17 51.18 -3.20
C PHE D 318 -30.85 50.90 -1.72
N SER D 319 -30.00 51.72 -1.12
CA SER D 319 -29.64 51.50 0.28
C SER D 319 -29.40 52.80 1.05
N ASP D 320 -30.12 53.87 0.68
CA ASP D 320 -29.94 55.14 1.37
C ASP D 320 -30.94 55.33 2.50
N GLY D 321 -30.57 54.84 3.69
CA GLY D 321 -31.41 54.98 4.86
C GLY D 321 -32.87 54.63 4.65
N LEU D 322 -33.13 53.49 4.02
CA LEU D 322 -34.49 53.06 3.75
C LEU D 322 -35.17 52.32 4.90
N ASP D 323 -36.49 52.35 4.85
CA ASP D 323 -37.32 51.61 5.79
C ASP D 323 -38.16 50.76 4.84
N LEU D 324 -38.94 49.83 5.37
CA LEU D 324 -39.73 48.95 4.52
C LEU D 324 -40.73 49.62 3.59
N PRO D 325 -41.53 50.59 4.11
CA PRO D 325 -42.52 51.28 3.26
C PRO D 325 -41.91 52.01 2.06
N ARG D 326 -40.81 52.73 2.29
CA ARG D 326 -40.16 53.46 1.20
C ARG D 326 -39.58 52.49 0.17
N ALA D 327 -38.99 51.39 0.64
CA ALA D 327 -38.42 50.40 -0.25
C ALA D 327 -39.50 49.84 -1.17
N LEU D 328 -40.66 49.52 -0.61
CA LEU D 328 -41.76 48.97 -1.38
C LEU D 328 -42.24 50.02 -2.40
N LYS D 329 -42.26 51.28 -1.97
CA LYS D 329 -42.68 52.39 -2.84
C LYS D 329 -41.78 52.42 -4.09
N ILE D 330 -40.47 52.44 -3.87
CA ILE D 330 -39.51 52.49 -4.96
C ILE D 330 -39.62 51.25 -5.84
N TYR D 331 -39.77 50.07 -5.22
CA TYR D 331 -39.91 48.83 -5.97
C TYR D 331 -41.15 48.90 -6.87
N ARG D 332 -42.26 49.34 -6.28
CA ARG D 332 -43.51 49.45 -7.00
C ARG D 332 -43.42 50.44 -8.16
N ALA D 333 -42.65 51.49 -7.98
CA ALA D 333 -42.50 52.50 -9.02
C ALA D 333 -41.59 52.08 -10.17
N LEU D 334 -40.59 51.25 -9.89
CA LEU D 334 -39.64 50.84 -10.92
C LEU D 334 -39.74 49.45 -11.51
N GLN D 335 -40.36 48.51 -10.80
CA GLN D 335 -40.46 47.16 -11.32
C GLN D 335 -41.06 47.21 -12.71
N GLY D 336 -40.44 46.51 -13.65
CA GLY D 336 -40.93 46.52 -15.01
C GLY D 336 -40.08 47.43 -15.89
N ARG D 337 -39.33 48.35 -15.28
CA ARG D 337 -38.49 49.26 -16.05
C ARG D 337 -37.01 48.88 -15.96
N ILE D 338 -36.63 48.33 -14.82
CA ILE D 338 -35.25 47.93 -14.58
C ILE D 338 -35.23 47.03 -13.34
N ASN D 339 -34.26 46.13 -13.25
CA ASN D 339 -34.22 45.24 -12.09
C ASN D 339 -33.78 46.02 -10.87
N VAL D 340 -34.40 45.75 -9.73
CA VAL D 340 -34.04 46.45 -8.51
C VAL D 340 -34.01 45.53 -7.30
N SER D 341 -33.14 45.85 -6.34
CA SER D 341 -33.04 45.08 -5.10
C SER D 341 -32.84 46.15 -4.02
N PHE D 342 -33.00 45.77 -2.76
CA PHE D 342 -32.86 46.75 -1.71
C PHE D 342 -32.00 46.31 -0.54
N GLY D 343 -31.50 47.30 0.19
CA GLY D 343 -30.68 47.02 1.34
C GLY D 343 -31.13 47.92 2.48
N ILE D 344 -31.52 47.33 3.60
CA ILE D 344 -31.96 48.13 4.73
C ILE D 344 -30.98 47.94 5.88
N GLY D 345 -30.63 49.04 6.53
CA GLY D 345 -29.68 48.96 7.62
C GLY D 345 -30.26 49.26 8.99
N THR D 346 -29.98 50.46 9.46
CA THR D 346 -30.42 50.91 10.78
C THR D 346 -31.91 50.74 11.05
N HIS D 347 -32.74 50.86 10.02
CA HIS D 347 -34.18 50.70 10.20
C HIS D 347 -34.59 49.27 10.52
N PHE D 348 -33.66 48.34 10.32
CA PHE D 348 -33.90 46.93 10.64
C PHE D 348 -33.07 46.53 11.86
N THR D 349 -31.82 46.99 11.93
CA THR D 349 -30.95 46.59 13.05
C THR D 349 -30.95 47.49 14.28
N CYS D 350 -31.66 48.61 14.21
CA CYS D 350 -31.72 49.50 15.36
C CYS D 350 -33.08 50.17 15.46
N ASP D 351 -34.11 49.36 15.67
CA ASP D 351 -35.47 49.84 15.80
C ASP D 351 -36.08 49.29 17.08
N LEU D 352 -35.81 49.97 18.20
CA LEU D 352 -36.33 49.60 19.51
C LEU D 352 -37.20 50.75 20.01
N PRO D 353 -38.27 50.46 20.76
CA PRO D 353 -39.15 51.52 21.27
C PRO D 353 -38.40 52.56 22.10
N GLY D 354 -38.59 53.83 21.77
CA GLY D 354 -37.95 54.90 22.52
C GLY D 354 -36.46 55.04 22.26
N VAL D 355 -35.93 54.29 21.30
CA VAL D 355 -34.51 54.36 20.98
C VAL D 355 -34.24 55.05 19.66
N GLU D 356 -33.29 55.98 19.66
CA GLU D 356 -32.92 56.67 18.43
C GLU D 356 -31.50 56.25 18.07
N PRO D 357 -31.31 55.73 16.85
CA PRO D 357 -29.97 55.28 16.41
C PRO D 357 -28.94 56.40 16.53
N MET D 358 -27.69 56.01 16.76
CA MET D 358 -26.62 57.00 16.85
C MET D 358 -26.36 57.52 15.44
N ASN D 359 -25.97 58.78 15.33
CA ASN D 359 -25.64 59.37 14.02
C ASN D 359 -24.12 59.47 14.01
N ILE D 360 -23.47 58.38 13.61
CA ILE D 360 -22.02 58.34 13.60
C ILE D 360 -21.43 57.80 12.31
N VAL D 361 -20.21 58.24 12.04
CA VAL D 361 -19.48 57.84 10.85
C VAL D 361 -17.97 57.91 11.13
N VAL D 362 -17.22 57.19 10.29
CA VAL D 362 -15.77 57.18 10.36
C VAL D 362 -15.39 57.44 8.91
N LYS D 363 -15.19 58.71 8.59
CA LYS D 363 -14.87 59.12 7.22
C LYS D 363 -13.41 59.28 6.86
N MET D 364 -13.09 58.90 5.62
CA MET D 364 -11.75 58.99 5.09
C MET D 364 -11.46 60.47 4.82
N SER D 365 -10.34 60.97 5.33
CA SER D 365 -10.00 62.37 5.15
C SER D 365 -8.76 62.57 4.27
N ALA D 366 -7.93 61.54 4.15
CA ALA D 366 -6.73 61.67 3.33
C ALA D 366 -6.15 60.35 2.83
N CYS D 367 -5.34 60.46 1.78
CA CYS D 367 -4.66 59.33 1.17
C CYS D 367 -3.28 59.83 0.77
N ASN D 368 -2.26 59.10 1.21
CA ASN D 368 -0.89 59.45 0.93
C ASN D 368 -0.54 60.89 1.27
N GLY D 369 -1.06 61.36 2.39
CA GLY D 369 -0.76 62.71 2.85
C GLY D 369 -1.50 63.85 2.20
N HIS D 370 -2.48 63.54 1.37
CA HIS D 370 -3.22 64.58 0.70
C HIS D 370 -4.72 64.35 0.81
N PRO D 371 -5.50 65.44 0.82
CA PRO D 371 -6.95 65.34 0.94
C PRO D 371 -7.70 64.55 -0.13
N VAL D 372 -8.80 63.94 0.30
CA VAL D 372 -9.70 63.19 -0.56
C VAL D 372 -11.07 63.65 -0.08
N ALA D 373 -12.10 63.52 -0.92
CA ALA D 373 -13.41 63.97 -0.52
C ALA D 373 -14.57 63.34 -1.26
N LYS D 374 -15.73 63.39 -0.63
CA LYS D 374 -16.96 62.90 -1.23
C LYS D 374 -17.90 64.10 -1.25
N ILE D 375 -18.56 64.32 -2.38
CA ILE D 375 -19.49 65.43 -2.53
C ILE D 375 -20.90 64.87 -2.35
N SER D 376 -21.25 63.90 -3.20
CA SER D 376 -22.56 63.24 -3.18
C SER D 376 -23.63 64.16 -3.74
N ASP D 377 -24.83 63.64 -3.92
CA ASP D 377 -25.93 64.41 -4.47
C ASP D 377 -26.75 65.12 -3.42
N THR D 378 -26.21 65.23 -2.20
CA THR D 378 -26.90 65.92 -1.12
C THR D 378 -26.11 67.17 -0.78
N PRO D 379 -26.80 68.30 -0.60
CA PRO D 379 -26.15 69.55 -0.26
C PRO D 379 -25.81 69.62 1.23
N PRO D 387 -10.76 72.69 1.37
CA PRO D 387 -10.76 74.10 0.96
C PRO D 387 -10.38 74.24 -0.53
N ASP D 388 -9.12 74.53 -0.78
CA ASP D 388 -8.64 74.68 -2.15
C ASP D 388 -8.87 73.37 -2.89
N PHE D 389 -8.81 72.26 -2.16
CA PHE D 389 -9.01 70.95 -2.77
C PHE D 389 -10.43 70.72 -3.24
N ILE D 390 -11.39 70.88 -2.34
CA ILE D 390 -12.79 70.67 -2.67
C ILE D 390 -13.23 71.65 -3.74
N HIS D 391 -12.64 72.84 -3.75
CA HIS D 391 -12.97 73.86 -4.74
C HIS D 391 -12.54 73.38 -6.13
N TYR D 392 -11.30 72.94 -6.25
CA TYR D 392 -10.76 72.46 -7.52
C TYR D 392 -11.48 71.16 -7.91
N LEU D 393 -11.69 70.27 -6.94
CA LEU D 393 -12.39 69.01 -7.23
C LEU D 393 -13.71 69.31 -7.94
N LYS D 394 -14.50 70.21 -7.37
CA LYS D 394 -15.79 70.59 -7.95
C LYS D 394 -15.60 71.25 -9.31
N HIS D 395 -14.54 72.02 -9.45
CA HIS D 395 -14.28 72.70 -10.70
C HIS D 395 -14.00 71.76 -11.86
N VAL D 396 -13.04 70.86 -11.70
CA VAL D 396 -12.73 69.95 -12.78
C VAL D 396 -13.90 69.05 -13.15
N PHE D 397 -14.73 68.71 -12.16
CA PHE D 397 -15.89 67.86 -12.42
C PHE D 397 -17.10 68.73 -12.76
N GLN D 398 -16.90 70.04 -12.81
CA GLN D 398 -17.97 70.97 -13.13
C GLN D 398 -19.06 70.95 -12.06
N VAL D 399 -18.67 71.38 -10.86
CA VAL D 399 -19.53 71.48 -9.68
C VAL D 399 -19.94 70.11 -9.16
#